data_8PZQ
#
_entry.id   8PZQ
#
_cell.length_a   1.00
_cell.length_b   1.00
_cell.length_c   1.00
_cell.angle_alpha   90.00
_cell.angle_beta   90.00
_cell.angle_gamma   90.00
#
_symmetry.space_group_name_H-M   'P 1'
#
loop_
_entity.id
_entity.type
_entity.pdbx_description
1 polymer Nucleoprotein
2 polymer "RNA (5'P-(UC)6-FAM3')"
#
loop_
_entity_poly.entity_id
_entity_poly.type
_entity_poly.pdbx_seq_one_letter_code
_entity_poly.pdbx_strand_id
1 'polypeptide(L)'
;MATKGTKRSYEQMETDGERQNATEIRASVGKMIDGIGRFYIQMCTELKLSDYEGRLIQNSLTIERMVLSAFDERRNKYLE
EHPSAGKDPKKTGGPIYRRVDGKWRRELILYDKEEIRRIWRQANNGDDATAGLTHMMIWHSNLNDATYQRTRALVRTGMD
PRMCSLMQGSTLPRRSGAAGAAVKGVGTMVMELIRMIKRGINDRNFWRGENGRRTRIAYERMCNILKGKFQTAAQRTMVD
QVRESRNPGNAEFEDLIFLARSALILRGSVAHKSCLPACVYGSAVASGYDFEREGYSLVGIDPFRLLQNSQVYSLIRPNE
NPAHKSQLVWMACHSAAFEDLRVSSFIRGTKVVPRGKLSTRGVQIASNENMETMESSTLELRSRYWAIRTRSGGNTNQQR
ASSGQISIQPTFSVQRNLPFDRPTIMAAFTGNTEGRTSDMRTEIIRLMESARPEDVSFQGRGVFELSDEKATSPIVPSFD
MSNEGSYFFGDNAEEYDNLEHHHHHH
;
A,B,C
2 'polyribonucleotide' UCUCUCUCUCUC D,E
#
# COMPACT_ATOMS: atom_id res chain seq x y z
N ASN A 21 3.86 -18.05 -19.32
CA ASN A 21 3.19 -17.82 -20.59
C ASN A 21 2.33 -16.57 -20.46
N ALA A 22 2.28 -15.78 -21.53
CA ALA A 22 1.49 -14.56 -21.54
C ALA A 22 0.27 -14.63 -22.44
N THR A 23 0.15 -15.69 -23.26
CA THR A 23 -0.99 -15.81 -24.16
C THR A 23 -2.28 -16.03 -23.40
N GLU A 24 -2.23 -16.81 -22.32
CA GLU A 24 -3.45 -17.11 -21.57
C GLU A 24 -4.02 -15.88 -20.89
N ILE A 25 -3.16 -15.06 -20.27
CA ILE A 25 -3.63 -13.83 -19.63
C ILE A 25 -4.17 -12.87 -20.69
N ARG A 26 -3.50 -12.79 -21.83
CA ARG A 26 -3.97 -11.96 -22.93
C ARG A 26 -5.36 -12.39 -23.38
N ALA A 27 -5.57 -13.69 -23.55
CA ALA A 27 -6.88 -14.19 -23.95
C ALA A 27 -7.93 -13.90 -22.89
N SER A 28 -7.57 -14.06 -21.61
CA SER A 28 -8.54 -13.81 -20.54
C SER A 28 -8.97 -12.35 -20.50
N VAL A 29 -8.01 -11.42 -20.59
CA VAL A 29 -8.36 -10.01 -20.53
C VAL A 29 -9.14 -9.59 -21.77
N GLY A 30 -8.77 -10.14 -22.93
CA GLY A 30 -9.54 -9.88 -24.13
C GLY A 30 -10.97 -10.38 -24.01
N LYS A 31 -11.15 -11.57 -23.41
CA LYS A 31 -12.49 -12.14 -23.24
C LYS A 31 -13.33 -11.26 -22.33
N MET A 32 -12.78 -10.85 -21.19
CA MET A 32 -13.61 -10.08 -20.26
C MET A 32 -13.89 -8.67 -20.77
N ILE A 33 -12.95 -8.08 -21.51
CA ILE A 33 -13.25 -6.79 -22.15
C ILE A 33 -14.28 -6.95 -23.26
N ASP A 34 -14.24 -8.06 -24.01
CA ASP A 34 -15.28 -8.31 -24.99
C ASP A 34 -16.64 -8.42 -24.31
N GLY A 35 -16.68 -9.10 -23.16
CA GLY A 35 -17.92 -9.19 -22.42
C GLY A 35 -18.43 -7.83 -21.97
N ILE A 36 -17.52 -6.98 -21.47
CA ILE A 36 -17.91 -5.63 -21.06
C ILE A 36 -18.44 -4.83 -22.26
N GLY A 37 -17.74 -4.92 -23.39
CA GLY A 37 -18.16 -4.18 -24.57
C GLY A 37 -19.52 -4.61 -25.08
N ARG A 38 -19.77 -5.92 -25.11
CA ARG A 38 -21.07 -6.37 -25.58
C ARG A 38 -22.16 -6.14 -24.55
N PHE A 39 -21.83 -6.07 -23.26
CA PHE A 39 -22.79 -5.56 -22.29
C PHE A 39 -23.15 -4.10 -22.58
N TYR A 40 -22.14 -3.30 -22.93
CA TYR A 40 -22.41 -1.90 -23.25
C TYR A 40 -23.27 -1.80 -24.51
N ILE A 41 -23.04 -2.68 -25.47
CA ILE A 41 -23.90 -2.73 -26.66
C ILE A 41 -25.33 -3.10 -26.28
N GLN A 42 -25.49 -4.07 -25.37
CA GLN A 42 -26.82 -4.42 -24.90
C GLN A 42 -27.51 -3.25 -24.21
N MET A 43 -26.74 -2.49 -23.41
CA MET A 43 -27.29 -1.29 -22.78
C MET A 43 -27.71 -0.26 -23.82
N CYS A 44 -26.89 -0.04 -24.84
CA CYS A 44 -27.26 0.89 -25.90
C CYS A 44 -28.50 0.43 -26.64
N THR A 45 -28.69 -0.89 -26.75
CA THR A 45 -29.88 -1.41 -27.40
C THR A 45 -31.12 -1.21 -26.55
N GLU A 46 -31.02 -1.50 -25.24
CA GLU A 46 -32.17 -1.45 -24.35
C GLU A 46 -32.57 -0.02 -23.96
N LEU A 47 -31.61 0.88 -23.84
CA LEU A 47 -31.88 2.29 -23.53
C LEU A 47 -32.47 3.06 -24.69
N LYS A 48 -32.48 2.49 -25.89
CA LYS A 48 -33.03 3.14 -27.09
C LYS A 48 -32.36 4.49 -27.34
N LEU A 49 -31.05 4.55 -27.10
CA LEU A 49 -30.30 5.77 -27.27
C LEU A 49 -29.78 5.90 -28.70
N SER A 50 -29.57 7.14 -29.13
CA SER A 50 -29.09 7.41 -30.47
C SER A 50 -27.59 7.13 -30.57
N ASP A 51 -27.04 7.33 -31.77
CA ASP A 51 -25.63 7.07 -32.00
C ASP A 51 -24.76 8.01 -31.16
N TYR A 52 -25.12 9.29 -31.10
CA TYR A 52 -24.35 10.24 -30.31
C TYR A 52 -24.49 9.96 -28.81
N GLU A 53 -25.69 9.57 -28.37
CA GLU A 53 -25.93 9.31 -26.96
C GLU A 53 -25.00 8.24 -26.39
N GLY A 54 -24.66 7.23 -27.18
CA GLY A 54 -23.76 6.19 -26.72
C GLY A 54 -22.30 6.59 -26.68
N ARG A 55 -21.96 7.76 -27.23
CA ARG A 55 -20.61 8.30 -27.18
C ARG A 55 -20.45 9.31 -26.05
N LEU A 56 -21.34 9.27 -25.06
CA LEU A 56 -21.31 10.20 -23.95
C LEU A 56 -20.62 9.58 -22.75
N ILE A 57 -19.80 10.38 -22.05
CA ILE A 57 -19.18 9.90 -20.82
C ILE A 57 -20.21 9.78 -19.71
N GLN A 58 -21.18 10.70 -19.66
CA GLN A 58 -22.09 10.76 -18.51
C GLN A 58 -22.97 9.54 -18.41
N ASN A 59 -23.56 9.09 -19.52
CA ASN A 59 -24.45 7.93 -19.46
C ASN A 59 -23.66 6.67 -19.10
N SER A 60 -22.44 6.54 -19.63
CA SER A 60 -21.58 5.43 -19.24
C SER A 60 -21.30 5.46 -17.75
N LEU A 61 -21.01 6.65 -17.20
CA LEU A 61 -20.80 6.79 -15.76
C LEU A 61 -22.03 6.34 -14.98
N THR A 62 -23.21 6.75 -15.43
CA THR A 62 -24.45 6.41 -14.72
C THR A 62 -24.67 4.90 -14.71
N ILE A 63 -24.64 4.27 -15.89
CA ILE A 63 -24.86 2.83 -15.96
C ILE A 63 -23.77 2.08 -15.20
N GLU A 64 -22.54 2.59 -15.21
CA GLU A 64 -21.44 1.88 -14.59
C GLU A 64 -21.52 1.96 -13.07
N ARG A 65 -21.89 3.12 -12.52
CA ARG A 65 -22.13 3.22 -11.08
C ARG A 65 -23.35 2.38 -10.68
N MET A 66 -24.35 2.32 -11.55
CA MET A 66 -25.47 1.42 -11.33
C MET A 66 -25.01 -0.03 -11.22
N VAL A 67 -24.12 -0.44 -12.11
CA VAL A 67 -23.56 -1.80 -12.04
C VAL A 67 -22.81 -2.00 -10.74
N LEU A 68 -22.04 -0.98 -10.32
CA LEU A 68 -21.31 -1.08 -9.05
C LEU A 68 -22.27 -1.32 -7.90
N SER A 69 -23.37 -0.55 -7.87
CA SER A 69 -24.37 -0.73 -6.83
C SER A 69 -25.04 -2.10 -6.90
N ALA A 70 -25.30 -2.61 -8.12
CA ALA A 70 -25.99 -3.89 -8.25
C ALA A 70 -25.09 -5.06 -7.82
N PHE A 71 -23.80 -5.00 -8.13
CA PHE A 71 -22.88 -6.09 -7.87
C PHE A 71 -22.18 -5.97 -6.52
N ASP A 72 -22.46 -4.93 -5.75
CA ASP A 72 -21.84 -4.77 -4.43
C ASP A 72 -22.74 -5.44 -3.40
N GLU A 73 -22.39 -6.68 -3.07
CA GLU A 73 -23.25 -7.50 -2.22
C GLU A 73 -23.32 -6.95 -0.79
N ARG A 74 -22.22 -6.42 -0.27
CA ARG A 74 -22.19 -6.01 1.12
C ARG A 74 -23.11 -4.81 1.37
N ARG A 75 -23.02 -3.76 0.55
CA ARG A 75 -23.91 -2.63 0.73
C ARG A 75 -25.36 -3.02 0.53
N ASN A 76 -25.63 -3.88 -0.47
CA ASN A 76 -27.00 -4.34 -0.68
C ASN A 76 -27.54 -5.01 0.59
N LYS A 77 -26.80 -6.00 1.10
CA LYS A 77 -27.19 -6.73 2.30
C LYS A 77 -27.33 -5.81 3.51
N TYR A 78 -26.57 -4.72 3.54
CA TYR A 78 -26.81 -3.70 4.56
C TYR A 78 -28.09 -2.92 4.29
N LEU A 79 -28.53 -2.86 3.03
CA LEU A 79 -29.67 -2.03 2.67
C LEU A 79 -31.03 -2.71 2.81
N GLU A 80 -31.18 -4.00 2.49
CA GLU A 80 -32.55 -4.55 2.59
C GLU A 80 -32.98 -4.64 4.04
N GLU A 81 -32.04 -4.77 4.97
CA GLU A 81 -32.37 -4.66 6.39
C GLU A 81 -32.53 -3.21 6.84
N HIS A 82 -32.15 -2.25 6.01
CA HIS A 82 -32.25 -0.83 6.35
C HIS A 82 -33.07 -0.10 5.29
N PRO A 83 -34.40 -0.23 5.30
CA PRO A 83 -35.22 0.48 4.32
C PRO A 83 -35.35 1.96 4.63
N SER A 84 -34.34 2.74 4.23
CA SER A 84 -34.31 4.18 4.50
C SER A 84 -34.12 4.92 3.18
N ALA A 85 -33.89 6.23 3.28
CA ALA A 85 -33.69 7.10 2.13
C ALA A 85 -34.90 7.09 1.21
N GLY A 86 -36.08 6.94 1.80
CA GLY A 86 -37.34 6.96 1.05
C GLY A 86 -37.45 5.85 0.04
N LYS A 87 -37.49 6.22 -1.25
CA LYS A 87 -37.60 5.26 -2.34
C LYS A 87 -36.24 4.58 -2.54
N ASP A 88 -36.05 3.48 -1.83
CA ASP A 88 -34.84 2.69 -1.97
C ASP A 88 -35.03 1.20 -1.68
N PRO A 89 -36.01 0.51 -2.30
CA PRO A 89 -36.01 -0.96 -2.16
C PRO A 89 -34.82 -1.60 -2.87
N LYS A 90 -34.70 -1.37 -4.19
CA LYS A 90 -33.59 -1.91 -4.96
C LYS A 90 -33.12 -0.98 -6.09
N LYS A 91 -33.67 0.23 -6.20
CA LYS A 91 -33.38 1.10 -7.33
C LYS A 91 -32.74 2.39 -6.85
N THR A 92 -31.64 2.78 -7.49
CA THR A 92 -30.91 4.00 -7.13
C THR A 92 -30.52 4.76 -8.39
N GLY A 93 -30.55 6.10 -8.29
CA GLY A 93 -29.99 6.99 -9.29
C GLY A 93 -30.61 6.85 -10.68
N GLY A 94 -29.72 6.96 -11.68
CA GLY A 94 -30.12 6.85 -13.07
C GLY A 94 -30.45 8.17 -13.75
N PRO A 95 -29.52 9.13 -13.75
CA PRO A 95 -29.73 10.38 -14.52
C PRO A 95 -29.31 10.27 -15.99
N ILE A 96 -30.20 9.71 -16.81
CA ILE A 96 -29.91 9.52 -18.23
C ILE A 96 -30.14 10.83 -18.96
N TYR A 97 -29.19 11.21 -19.81
CA TYR A 97 -29.27 12.43 -20.61
C TYR A 97 -29.55 12.09 -22.06
N ARG A 98 -30.52 12.79 -22.65
CA ARG A 98 -30.96 12.57 -24.02
C ARG A 98 -30.95 13.88 -24.78
N ARG A 99 -30.47 13.84 -26.03
CA ARG A 99 -30.44 15.05 -26.85
C ARG A 99 -31.78 15.21 -27.58
N VAL A 100 -32.42 16.35 -27.35
CA VAL A 100 -33.70 16.68 -27.99
C VAL A 100 -33.48 17.81 -28.98
N ASP A 101 -33.26 17.45 -30.25
CA ASP A 101 -33.18 18.40 -31.37
C ASP A 101 -32.20 19.54 -31.05
N GLY A 102 -31.05 19.15 -30.50
CA GLY A 102 -30.03 20.12 -30.17
C GLY A 102 -29.93 20.41 -28.68
N LYS A 103 -31.07 20.50 -28.00
CA LYS A 103 -31.07 20.74 -26.56
C LYS A 103 -30.83 19.45 -25.82
N TRP A 104 -30.85 19.48 -24.48
CA TRP A 104 -30.61 18.28 -23.69
C TRP A 104 -31.71 18.14 -22.64
N ARG A 105 -31.92 16.90 -22.20
CA ARG A 105 -32.87 16.62 -21.13
C ARG A 105 -32.32 15.54 -20.23
N ARG A 106 -32.66 15.62 -18.95
CA ARG A 106 -32.19 14.69 -17.93
C ARG A 106 -33.39 13.99 -17.31
N GLU A 107 -33.33 12.66 -17.24
CA GLU A 107 -34.43 11.87 -16.70
C GLU A 107 -33.89 10.93 -15.62
N LEU A 108 -34.63 10.86 -14.52
CA LEU A 108 -34.28 10.02 -13.37
C LEU A 108 -35.03 8.70 -13.52
N ILE A 109 -34.43 7.76 -14.25
CA ILE A 109 -35.04 6.48 -14.55
C ILE A 109 -34.42 5.42 -13.65
N LEU A 110 -35.27 4.62 -13.01
CA LEU A 110 -34.85 3.68 -11.97
C LEU A 110 -34.89 2.25 -12.51
N TYR A 111 -33.84 1.48 -12.23
CA TYR A 111 -33.67 0.12 -12.72
C TYR A 111 -33.50 -0.87 -11.58
N ASP A 112 -34.07 -2.06 -11.76
CA ASP A 112 -33.93 -3.12 -10.78
C ASP A 112 -32.54 -3.75 -10.83
N LYS A 113 -32.17 -4.44 -9.74
CA LYS A 113 -30.84 -5.03 -9.66
C LYS A 113 -30.78 -6.38 -10.36
N GLU A 114 -31.82 -7.21 -10.18
CA GLU A 114 -31.76 -8.58 -10.67
C GLU A 114 -31.74 -8.66 -12.18
N GLU A 115 -32.52 -7.80 -12.85
CA GLU A 115 -32.58 -7.84 -14.31
C GLU A 115 -31.23 -7.54 -14.93
N ILE A 116 -30.56 -6.50 -14.44
CA ILE A 116 -29.28 -6.10 -15.04
C ILE A 116 -28.17 -7.04 -14.57
N ARG A 117 -28.34 -7.60 -13.37
CA ARG A 117 -27.46 -8.70 -12.93
C ARG A 117 -27.50 -9.85 -13.92
N ARG A 118 -28.71 -10.24 -14.34
CA ARG A 118 -28.79 -11.34 -15.31
C ARG A 118 -28.34 -10.89 -16.70
N ILE A 119 -28.50 -9.61 -17.02
CA ILE A 119 -27.98 -9.13 -18.31
C ILE A 119 -26.47 -9.29 -18.36
N TRP A 120 -25.78 -8.95 -17.27
CA TRP A 120 -24.38 -9.38 -17.13
C TRP A 120 -24.24 -10.89 -17.18
N ARG A 121 -25.22 -11.63 -16.64
CA ARG A 121 -25.10 -13.08 -16.57
C ARG A 121 -24.93 -13.69 -17.96
N GLN A 122 -25.74 -13.27 -18.93
CA GLN A 122 -25.42 -13.73 -20.30
C GLN A 122 -24.47 -12.80 -21.04
N ALA A 123 -24.09 -11.65 -20.46
CA ALA A 123 -23.16 -10.76 -21.13
C ALA A 123 -21.71 -11.23 -21.03
N ASN A 124 -21.47 -12.32 -20.30
CA ASN A 124 -20.13 -12.87 -20.11
C ASN A 124 -20.11 -14.39 -20.19
N ASN A 125 -21.10 -14.97 -20.88
CA ASN A 125 -21.21 -16.42 -21.06
C ASN A 125 -21.28 -17.15 -19.71
N GLY A 126 -22.16 -16.68 -18.84
CA GLY A 126 -22.49 -17.37 -17.62
C GLY A 126 -21.54 -17.16 -16.46
N ASP A 127 -20.60 -16.22 -16.56
CA ASP A 127 -19.62 -15.99 -15.52
C ASP A 127 -20.04 -14.81 -14.65
N ASP A 128 -19.38 -14.65 -13.51
CA ASP A 128 -19.65 -13.52 -12.62
C ASP A 128 -19.01 -12.23 -13.13
N ALA A 129 -17.91 -12.34 -13.88
CA ALA A 129 -17.14 -11.20 -14.37
C ALA A 129 -16.63 -10.34 -13.22
N THR A 130 -15.98 -10.97 -12.24
CA THR A 130 -15.40 -10.21 -11.13
C THR A 130 -14.25 -9.34 -11.60
N ALA A 131 -13.46 -9.82 -12.56
CA ALA A 131 -12.36 -9.02 -13.10
C ALA A 131 -12.87 -7.76 -13.78
N GLY A 132 -13.96 -7.88 -14.55
CA GLY A 132 -14.57 -6.69 -15.12
C GLY A 132 -15.03 -5.72 -14.06
N LEU A 133 -15.67 -6.22 -13.00
CA LEU A 133 -16.09 -5.35 -11.92
C LEU A 133 -14.90 -4.60 -11.33
N THR A 134 -13.80 -5.32 -11.07
CA THR A 134 -12.60 -4.67 -10.57
C THR A 134 -12.12 -3.60 -11.54
N HIS A 135 -12.24 -3.86 -12.84
CA HIS A 135 -11.88 -2.86 -13.85
C HIS A 135 -12.73 -1.60 -13.67
N MET A 136 -14.04 -1.77 -13.47
CA MET A 136 -14.88 -0.58 -13.25
C MET A 136 -14.53 0.15 -11.96
N MET A 137 -14.28 -0.57 -10.86
CA MET A 137 -13.88 0.14 -9.65
C MET A 137 -12.58 0.89 -9.83
N ILE A 138 -11.60 0.28 -10.51
CA ILE A 138 -10.33 0.95 -10.76
C ILE A 138 -10.48 2.18 -11.64
N TRP A 139 -11.35 2.13 -12.64
CA TRP A 139 -11.57 3.28 -13.51
C TRP A 139 -12.29 4.40 -12.76
N HIS A 140 -13.19 4.04 -11.83
CA HIS A 140 -13.73 5.04 -10.91
C HIS A 140 -12.65 5.64 -10.03
N SER A 141 -11.72 4.81 -9.55
CA SER A 141 -10.63 5.34 -8.72
C SER A 141 -9.82 6.36 -9.49
N ASN A 142 -9.52 6.07 -10.76
CA ASN A 142 -8.78 7.03 -11.58
C ASN A 142 -9.58 8.31 -11.83
N LEU A 143 -10.89 8.20 -12.08
CA LEU A 143 -11.65 9.43 -12.30
C LEU A 143 -11.64 10.30 -11.05
N ASN A 144 -11.85 9.69 -9.88
CA ASN A 144 -11.86 10.47 -8.65
C ASN A 144 -10.49 11.07 -8.36
N ASP A 145 -9.42 10.30 -8.56
CA ASP A 145 -8.08 10.81 -8.30
C ASP A 145 -7.74 11.96 -9.24
N ALA A 146 -8.20 11.87 -10.50
CA ALA A 146 -7.96 12.97 -11.44
C ALA A 146 -8.75 14.21 -11.06
N THR A 147 -10.02 14.04 -10.66
CA THR A 147 -10.86 15.21 -10.41
C THR A 147 -10.57 15.84 -9.04
N TYR A 148 -10.80 15.09 -7.96
CA TYR A 148 -10.71 15.65 -6.61
C TYR A 148 -9.86 14.74 -5.72
N GLN A 149 -8.93 15.36 -4.99
CA GLN A 149 -8.10 14.65 -4.03
C GLN A 149 -8.64 14.91 -2.63
N ARG A 150 -8.67 13.87 -1.80
CA ARG A 150 -9.27 13.98 -0.47
C ARG A 150 -8.24 14.45 0.55
N THR A 151 -7.95 15.76 0.49
CA THR A 151 -7.26 16.42 1.59
C THR A 151 -8.10 16.42 2.85
N ARG A 152 -9.42 16.32 2.71
CA ARG A 152 -10.34 16.47 3.82
C ARG A 152 -10.15 15.33 4.82
N ALA A 153 -10.14 14.09 4.32
CA ALA A 153 -9.89 12.94 5.18
C ALA A 153 -8.48 12.96 5.74
N LEU A 154 -7.50 13.44 4.96
CA LEU A 154 -6.14 13.55 5.46
C LEU A 154 -6.08 14.44 6.69
N VAL A 155 -6.67 15.65 6.59
CA VAL A 155 -6.67 16.57 7.72
C VAL A 155 -7.53 16.00 8.86
N ARG A 156 -8.58 15.26 8.54
CA ARG A 156 -9.38 14.60 9.57
C ARG A 156 -8.54 13.64 10.40
N THR A 157 -7.69 12.85 9.74
CA THR A 157 -6.81 11.95 10.47
C THR A 157 -5.58 12.68 11.01
N GLY A 158 -5.53 14.00 10.88
CA GLY A 158 -4.36 14.77 11.25
C GLY A 158 -3.23 14.66 10.25
N MET A 159 -3.47 14.08 9.08
CA MET A 159 -2.41 13.72 8.17
C MET A 159 -2.21 14.85 7.17
N ASP A 160 -0.95 15.21 6.92
CA ASP A 160 -0.64 16.41 6.18
C ASP A 160 -1.14 16.30 4.73
N PRO A 161 -1.91 17.28 4.26
CA PRO A 161 -2.36 17.26 2.86
C PRO A 161 -1.29 17.66 1.84
N ARG A 162 -0.01 17.71 2.23
CA ARG A 162 1.07 17.86 1.26
C ARG A 162 1.32 16.59 0.47
N MET A 163 0.85 15.45 0.96
CA MET A 163 1.16 14.14 0.39
C MET A 163 -0.02 13.50 -0.33
N CYS A 164 -0.84 14.32 -1.01
CA CYS A 164 -1.95 13.81 -1.80
C CYS A 164 -1.49 12.90 -2.94
N SER A 165 -0.21 12.96 -3.32
CA SER A 165 0.31 12.04 -4.32
C SER A 165 0.33 10.60 -3.84
N LEU A 166 -0.05 10.34 -2.58
CA LEU A 166 -0.16 8.98 -2.07
C LEU A 166 -1.60 8.49 -2.01
N MET A 167 -2.52 9.13 -2.73
CA MET A 167 -3.94 8.82 -2.67
C MET A 167 -4.42 8.01 -3.86
N GLN A 168 -3.61 7.06 -4.34
CA GLN A 168 -4.00 6.25 -5.49
C GLN A 168 -5.07 5.26 -5.10
N GLY A 169 -6.22 5.34 -5.77
CA GLY A 169 -7.32 4.42 -5.49
C GLY A 169 -7.94 4.58 -4.12
N SER A 170 -8.12 5.83 -3.66
CA SER A 170 -8.68 6.05 -2.34
C SER A 170 -10.15 5.68 -2.26
N THR A 171 -10.90 5.92 -3.35
CA THR A 171 -12.33 5.66 -3.33
C THR A 171 -12.64 4.16 -3.45
N LEU A 172 -11.63 3.34 -3.69
CA LEU A 172 -11.84 1.91 -3.84
C LEU A 172 -12.35 1.31 -2.53
N PRO A 173 -13.38 0.47 -2.57
CA PRO A 173 -13.76 -0.29 -1.39
C PRO A 173 -12.85 -1.49 -1.18
N ARG A 174 -12.92 -2.06 0.02
CA ARG A 174 -12.08 -3.20 0.36
C ARG A 174 -12.52 -4.48 -0.36
N ARG A 175 -13.70 -4.46 -1.00
CA ARG A 175 -14.20 -5.64 -1.69
C ARG A 175 -13.33 -6.05 -2.88
N SER A 176 -12.54 -5.14 -3.43
CA SER A 176 -11.69 -5.46 -4.57
C SER A 176 -10.68 -6.54 -4.21
N GLY A 177 -10.44 -7.43 -5.16
CA GLY A 177 -9.57 -8.57 -4.94
C GLY A 177 -8.11 -8.22 -5.12
N ALA A 178 -7.32 -9.26 -5.41
CA ALA A 178 -5.88 -9.08 -5.59
C ALA A 178 -5.57 -8.15 -6.75
N ALA A 179 -6.32 -8.28 -7.85
CA ALA A 179 -6.18 -7.32 -8.95
C ALA A 179 -6.54 -5.92 -8.49
N GLY A 180 -7.61 -5.79 -7.69
CA GLY A 180 -7.93 -4.50 -7.11
C GLY A 180 -6.95 -4.11 -6.02
N ALA A 181 -6.39 -5.10 -5.32
CA ALA A 181 -5.36 -4.81 -4.33
C ALA A 181 -4.10 -4.25 -4.96
N ALA A 182 -3.86 -4.55 -6.24
CA ALA A 182 -2.67 -4.06 -6.91
C ALA A 182 -2.69 -2.54 -7.05
N VAL A 183 -3.87 -1.96 -7.29
CA VAL A 183 -3.92 -0.54 -7.66
C VAL A 183 -4.04 0.38 -6.44
N LYS A 184 -4.64 -0.08 -5.35
CA LYS A 184 -4.81 0.79 -4.19
C LYS A 184 -3.47 1.05 -3.51
N GLY A 185 -3.19 2.35 -3.28
CA GLY A 185 -1.84 2.80 -2.99
C GLY A 185 -1.45 2.75 -1.52
N VAL A 186 -0.21 3.17 -1.27
CA VAL A 186 0.37 3.09 0.07
C VAL A 186 -0.34 4.05 1.02
N GLY A 187 -0.50 5.31 0.60
CA GLY A 187 -1.13 6.29 1.47
C GLY A 187 -2.57 5.99 1.78
N THR A 188 -3.29 5.43 0.80
CA THR A 188 -4.66 5.01 1.06
C THR A 188 -4.71 3.90 2.10
N MET A 189 -3.72 3.00 2.07
CA MET A 189 -3.65 1.95 3.09
C MET A 189 -3.28 2.52 4.44
N VAL A 190 -2.43 3.55 4.46
CA VAL A 190 -2.16 4.26 5.71
C VAL A 190 -3.46 4.84 6.26
N MET A 191 -4.28 5.43 5.39
CA MET A 191 -5.54 6.02 5.83
C MET A 191 -6.51 4.97 6.38
N GLU A 192 -6.69 3.86 5.66
CA GLU A 192 -7.62 2.86 6.15
C GLU A 192 -7.13 2.20 7.43
N LEU A 193 -5.82 1.99 7.57
CA LEU A 193 -5.28 1.49 8.83
C LEU A 193 -5.49 2.49 9.95
N ILE A 194 -5.30 3.79 9.69
CA ILE A 194 -5.54 4.80 10.71
C ILE A 194 -7.01 4.80 11.13
N ARG A 195 -7.91 4.60 10.18
CA ARG A 195 -9.34 4.54 10.51
C ARG A 195 -9.62 3.40 11.49
N MET A 196 -9.08 2.21 11.21
CA MET A 196 -9.33 1.06 12.08
C MET A 196 -8.65 1.24 13.43
N ILE A 197 -7.47 1.87 13.44
CA ILE A 197 -6.81 2.16 14.71
C ILE A 197 -7.62 3.14 15.55
N LYS A 198 -8.16 4.20 14.93
CA LYS A 198 -9.00 5.13 15.68
C LYS A 198 -10.25 4.44 16.21
N ARG A 199 -10.85 3.55 15.41
CA ARG A 199 -12.02 2.81 15.87
C ARG A 199 -11.66 1.90 17.04
N GLY A 200 -10.49 1.25 17.00
CA GLY A 200 -10.09 0.39 18.10
C GLY A 200 -9.65 1.15 19.33
N ILE A 201 -9.23 2.41 19.16
CA ILE A 201 -8.97 3.26 20.31
C ILE A 201 -10.26 3.75 20.95
N ASN A 202 -11.27 4.07 20.14
CA ASN A 202 -12.54 4.56 20.70
C ASN A 202 -13.20 3.52 21.59
N ASP A 203 -13.28 2.28 21.11
CA ASP A 203 -13.92 1.19 21.86
C ASP A 203 -13.03 -0.04 21.79
N ARG A 204 -13.21 -0.94 22.76
CA ARG A 204 -12.41 -2.16 22.86
C ARG A 204 -12.88 -3.23 21.86
N ASN A 205 -12.66 -2.98 20.57
CA ASN A 205 -13.05 -3.95 19.56
C ASN A 205 -12.09 -5.13 19.48
N PHE A 206 -10.97 -5.08 20.21
CA PHE A 206 -9.95 -6.12 20.17
C PHE A 206 -10.26 -7.31 21.09
N TRP A 207 -11.50 -7.53 21.52
CA TRP A 207 -11.80 -8.67 22.37
C TRP A 207 -11.68 -9.97 21.56
N ARG A 208 -11.88 -11.09 22.25
CA ARG A 208 -11.74 -12.42 21.66
C ARG A 208 -12.95 -12.83 20.82
N GLY A 209 -13.87 -11.93 20.49
CA GLY A 209 -14.99 -12.30 19.64
C GLY A 209 -14.56 -12.47 18.20
N GLU A 210 -15.50 -12.98 17.39
CA GLU A 210 -15.22 -13.21 15.97
C GLU A 210 -14.87 -11.90 15.26
N ASN A 211 -15.42 -10.78 15.74
CA ASN A 211 -15.08 -9.48 15.16
C ASN A 211 -13.60 -9.20 15.30
N GLY A 212 -13.02 -9.48 16.48
CA GLY A 212 -11.60 -9.29 16.64
C GLY A 212 -10.77 -10.15 15.70
N ARG A 213 -11.23 -11.39 15.49
CA ARG A 213 -10.53 -12.28 14.57
C ARG A 213 -10.53 -11.72 13.15
N ARG A 214 -11.69 -11.27 12.67
CA ARG A 214 -11.73 -10.74 11.31
C ARG A 214 -10.94 -9.44 11.20
N THR A 215 -10.94 -8.61 12.25
CA THR A 215 -10.12 -7.40 12.22
C THR A 215 -8.64 -7.74 12.11
N ARG A 216 -8.14 -8.69 12.92
CA ARG A 216 -6.71 -8.96 12.86
C ARG A 216 -6.35 -9.64 11.54
N ILE A 217 -7.24 -10.48 11.01
CA ILE A 217 -6.99 -11.11 9.72
C ILE A 217 -6.87 -10.04 8.62
N ALA A 218 -7.82 -9.11 8.59
CA ALA A 218 -7.74 -8.04 7.60
C ALA A 218 -6.50 -7.19 7.78
N TYR A 219 -6.14 -6.90 9.04
CA TYR A 219 -4.99 -6.05 9.33
C TYR A 219 -3.70 -6.70 8.86
N GLU A 220 -3.54 -8.01 9.12
CA GLU A 220 -2.32 -8.69 8.70
C GLU A 220 -2.28 -8.83 7.17
N ARG A 221 -3.44 -9.08 6.53
CA ARG A 221 -3.46 -9.14 5.07
C ARG A 221 -3.06 -7.80 4.46
N MET A 222 -3.57 -6.70 5.01
CA MET A 222 -3.24 -5.39 4.47
C MET A 222 -1.78 -5.03 4.71
N CYS A 223 -1.23 -5.45 5.85
CA CYS A 223 0.21 -5.27 6.07
C CYS A 223 1.03 -6.11 5.11
N ASN A 224 0.56 -7.32 4.78
CA ASN A 224 1.25 -8.11 3.77
C ASN A 224 1.24 -7.42 2.42
N ILE A 225 0.10 -6.82 2.06
CA ILE A 225 0.02 -6.07 0.81
C ILE A 225 1.00 -4.90 0.83
N LEU A 226 1.08 -4.19 1.97
CA LEU A 226 2.04 -3.10 2.11
C LEU A 226 3.46 -3.60 1.89
N LYS A 227 3.87 -4.64 2.61
CA LYS A 227 5.24 -5.12 2.51
C LYS A 227 5.53 -5.65 1.11
N GLY A 228 4.48 -6.07 0.40
CA GLY A 228 4.64 -6.39 -1.01
C GLY A 228 4.89 -5.16 -1.85
N LYS A 229 4.22 -4.04 -1.53
CA LYS A 229 4.35 -2.84 -2.35
C LYS A 229 5.69 -2.13 -2.21
N PHE A 230 6.32 -2.17 -1.03
CA PHE A 230 7.58 -1.45 -0.84
C PHE A 230 8.72 -2.17 -1.55
N GLN A 231 9.85 -1.48 -1.67
CA GLN A 231 11.01 -1.97 -2.41
C GLN A 231 12.25 -2.14 -1.53
N THR A 232 12.56 -1.17 -0.69
CA THR A 232 13.77 -1.22 0.13
C THR A 232 13.57 -2.16 1.31
N ALA A 233 14.68 -2.74 1.77
CA ALA A 233 14.60 -3.72 2.86
C ALA A 233 14.25 -3.07 4.20
N ALA A 234 14.79 -1.87 4.47
CA ALA A 234 14.63 -1.27 5.79
C ALA A 234 13.16 -0.99 6.10
N GLN A 235 12.45 -0.40 5.13
CA GLN A 235 11.03 -0.13 5.33
C GLN A 235 10.23 -1.43 5.47
N ARG A 236 10.61 -2.46 4.71
CA ARG A 236 9.93 -3.75 4.81
C ARG A 236 10.08 -4.34 6.22
N THR A 237 11.30 -4.31 6.77
CA THR A 237 11.50 -4.83 8.11
C THR A 237 10.78 -3.98 9.15
N MET A 238 10.76 -2.65 8.99
CA MET A 238 10.05 -1.81 9.94
C MET A 238 8.56 -2.13 9.93
N VAL A 239 8.00 -2.33 8.73
CA VAL A 239 6.59 -2.71 8.62
C VAL A 239 6.36 -4.08 9.24
N ASP A 240 7.31 -5.01 9.02
CA ASP A 240 7.18 -6.33 9.64
C ASP A 240 7.17 -6.22 11.16
N GLN A 241 7.89 -5.24 11.70
CA GLN A 241 7.84 -5.00 13.15
C GLN A 241 6.61 -4.21 13.56
N VAL A 242 5.90 -3.60 12.60
CA VAL A 242 4.70 -2.84 12.95
C VAL A 242 3.63 -3.76 13.51
N ARG A 243 3.34 -4.88 12.82
CA ARG A 243 2.22 -5.70 13.27
C ARG A 243 2.57 -6.57 14.48
N GLU A 244 3.81 -6.50 14.98
CA GLU A 244 4.12 -7.20 16.23
C GLU A 244 3.28 -6.69 17.40
N SER A 245 2.77 -5.47 17.32
CA SER A 245 1.93 -4.91 18.38
C SER A 245 0.56 -5.59 18.35
N ARG A 246 0.30 -6.45 19.34
CA ARG A 246 -0.99 -7.10 19.42
C ARG A 246 -2.11 -6.13 19.79
N ASN A 247 -1.77 -5.06 20.53
CA ASN A 247 -2.72 -4.03 20.91
C ASN A 247 -2.21 -2.68 20.38
N PRO A 248 -2.60 -2.30 19.17
CA PRO A 248 -2.12 -1.03 18.59
C PRO A 248 -2.70 0.15 19.35
N GLY A 249 -1.81 1.02 19.84
CA GLY A 249 -2.24 2.18 20.60
C GLY A 249 -2.04 3.49 19.85
N ASN A 250 -0.98 4.23 20.19
CA ASN A 250 -0.73 5.50 19.54
C ASN A 250 0.61 5.54 18.82
N ALA A 251 1.59 4.74 19.24
CA ALA A 251 2.92 4.80 18.64
C ALA A 251 2.88 4.43 17.16
N GLU A 252 2.15 3.37 16.82
CA GLU A 252 2.07 2.95 15.42
C GLU A 252 1.36 3.99 14.57
N PHE A 253 0.61 4.91 15.17
CA PHE A 253 0.00 5.99 14.41
C PHE A 253 1.05 6.89 13.77
N GLU A 254 1.99 7.41 14.57
CA GLU A 254 3.06 8.21 13.99
C GLU A 254 4.04 7.33 13.24
N ASP A 255 4.11 6.04 13.59
CA ASP A 255 4.93 5.11 12.82
C ASP A 255 4.44 5.02 11.38
N LEU A 256 3.13 4.90 11.17
CA LEU A 256 2.54 4.86 9.84
C LEU A 256 2.59 6.23 9.14
N ILE A 257 2.40 7.33 9.88
CA ILE A 257 2.59 8.63 9.27
C ILE A 257 4.02 8.77 8.74
N PHE A 258 5.01 8.35 9.52
CA PHE A 258 6.39 8.42 9.07
C PHE A 258 6.66 7.43 7.96
N LEU A 259 5.93 6.30 7.94
CA LEU A 259 6.00 5.38 6.81
C LEU A 259 5.60 6.07 5.52
N ALA A 260 4.48 6.80 5.55
CA ALA A 260 4.05 7.54 4.37
C ALA A 260 5.06 8.63 4.00
N ARG A 261 5.57 9.34 5.01
CA ARG A 261 6.52 10.42 4.76
C ARG A 261 7.81 9.89 4.15
N SER A 262 8.24 8.70 4.55
CA SER A 262 9.44 8.10 3.97
C SER A 262 9.14 7.51 2.59
N ALA A 263 7.94 6.96 2.40
CA ALA A 263 7.54 6.46 1.11
C ALA A 263 7.33 7.58 0.10
N LEU A 264 7.32 8.84 0.57
CA LEU A 264 7.36 9.97 -0.35
C LEU A 264 8.47 9.82 -1.38
N ILE A 265 9.67 9.49 -0.93
CA ILE A 265 10.82 9.34 -1.82
C ILE A 265 11.02 7.88 -2.22
N LEU A 266 11.06 6.98 -1.24
CA LEU A 266 11.10 5.54 -1.52
C LEU A 266 9.67 5.04 -1.76
N ARG A 267 9.15 5.44 -2.93
CA ARG A 267 7.78 5.12 -3.30
C ARG A 267 7.63 3.64 -3.62
N GLY A 268 6.42 3.13 -3.38
CA GLY A 268 6.11 1.77 -3.72
C GLY A 268 5.48 1.66 -5.10
N SER A 269 5.91 0.64 -5.84
CA SER A 269 5.37 0.39 -7.17
C SER A 269 4.00 -0.26 -7.07
N VAL A 270 2.95 0.56 -6.92
CA VAL A 270 1.65 0.00 -6.58
C VAL A 270 0.96 -0.54 -7.82
N ALA A 271 0.51 0.34 -8.70
CA ALA A 271 -0.05 0.00 -10.01
C ALA A 271 -0.50 1.29 -10.69
N HIS A 272 -0.65 1.22 -12.01
CA HIS A 272 -1.25 2.31 -12.77
C HIS A 272 -2.14 1.80 -13.89
N LYS A 273 -3.01 0.83 -13.61
CA LYS A 273 -3.84 0.19 -14.62
C LYS A 273 -4.53 1.20 -15.55
N SER A 274 -4.35 1.01 -16.85
CA SER A 274 -4.91 1.92 -17.86
C SER A 274 -6.30 1.43 -18.26
N CYS A 275 -7.27 1.76 -17.41
CA CYS A 275 -8.66 1.43 -17.68
C CYS A 275 -9.27 2.47 -18.62
N LEU A 276 -10.19 2.02 -19.46
CA LEU A 276 -10.79 2.89 -20.46
C LEU A 276 -12.31 2.95 -20.29
N PRO A 277 -12.96 4.04 -20.71
CA PRO A 277 -14.41 4.13 -20.55
C PRO A 277 -15.15 3.09 -21.36
N ALA A 278 -16.32 2.72 -20.85
CA ALA A 278 -17.13 1.68 -21.49
C ALA A 278 -17.56 2.04 -22.90
N CYS A 279 -17.68 3.34 -23.20
CA CYS A 279 -18.07 3.74 -24.56
C CYS A 279 -17.00 3.36 -25.57
N VAL A 280 -15.73 3.59 -25.24
CA VAL A 280 -14.64 3.22 -26.15
C VAL A 280 -14.59 1.72 -26.37
N TYR A 281 -14.73 0.91 -25.32
CA TYR A 281 -14.75 -0.54 -25.46
C TYR A 281 -15.94 -1.01 -26.28
N GLY A 282 -17.12 -0.45 -26.03
CA GLY A 282 -18.31 -0.80 -26.78
C GLY A 282 -18.26 -0.44 -28.26
N SER A 283 -17.70 0.72 -28.60
CA SER A 283 -17.52 1.09 -30.00
C SER A 283 -16.57 0.13 -30.71
N ALA A 284 -15.50 -0.26 -30.04
CA ALA A 284 -14.56 -1.23 -30.61
C ALA A 284 -15.20 -2.59 -30.80
N VAL A 285 -15.98 -3.04 -29.81
CA VAL A 285 -16.61 -4.35 -29.90
C VAL A 285 -17.68 -4.37 -31.00
N ALA A 286 -18.45 -3.29 -31.10
CA ALA A 286 -19.52 -3.23 -32.10
C ALA A 286 -18.96 -3.28 -33.52
N SER A 287 -17.80 -2.67 -33.75
CA SER A 287 -17.18 -2.65 -35.06
C SER A 287 -16.65 -4.00 -35.50
N GLY A 288 -16.62 -4.99 -34.61
CA GLY A 288 -16.16 -6.31 -34.95
C GLY A 288 -14.71 -6.61 -34.60
N TYR A 289 -14.06 -5.74 -33.84
CA TYR A 289 -12.68 -5.95 -33.42
C TYR A 289 -12.67 -6.87 -32.21
N ASP A 290 -12.78 -8.17 -32.48
CA ASP A 290 -12.80 -9.15 -31.41
C ASP A 290 -11.42 -9.20 -30.76
N PHE A 291 -11.40 -9.04 -29.43
CA PHE A 291 -10.15 -8.92 -28.71
C PHE A 291 -9.48 -10.26 -28.46
N GLU A 292 -10.26 -11.35 -28.45
CA GLU A 292 -9.68 -12.67 -28.15
C GLU A 292 -8.70 -13.11 -29.23
N ARG A 293 -9.00 -12.82 -30.50
CA ARG A 293 -8.18 -13.32 -31.60
C ARG A 293 -6.83 -12.63 -31.63
N GLU A 294 -6.83 -11.31 -31.82
CA GLU A 294 -5.58 -10.56 -31.91
C GLU A 294 -4.97 -10.26 -30.54
N GLY A 295 -5.68 -10.53 -29.45
CA GLY A 295 -5.14 -10.33 -28.13
C GLY A 295 -5.41 -8.94 -27.57
N TYR A 296 -5.39 -8.81 -26.25
CA TYR A 296 -5.53 -7.51 -25.61
C TYR A 296 -4.47 -7.39 -24.51
N SER A 297 -3.96 -6.17 -24.33
CA SER A 297 -3.09 -5.89 -23.20
C SER A 297 -3.56 -4.60 -22.57
N LEU A 298 -3.48 -4.54 -21.24
CA LEU A 298 -3.84 -3.35 -20.48
C LEU A 298 -2.63 -2.46 -20.17
N VAL A 299 -1.42 -2.87 -20.55
CA VAL A 299 -0.21 -2.20 -20.12
C VAL A 299 0.63 -1.68 -21.28
N GLY A 300 0.58 -2.33 -22.45
CA GLY A 300 1.43 -1.98 -23.57
C GLY A 300 0.81 -0.93 -24.48
N ILE A 301 1.08 -1.08 -25.79
CA ILE A 301 0.54 -0.18 -26.80
C ILE A 301 -0.97 -0.31 -26.91
N ASP A 302 -1.51 -1.47 -26.59
CA ASP A 302 -2.88 -1.81 -26.95
C ASP A 302 -3.92 -0.84 -26.43
N PRO A 303 -3.96 -0.50 -25.13
CA PRO A 303 -4.99 0.46 -24.67
C PRO A 303 -4.88 1.80 -25.35
N PHE A 304 -3.71 2.10 -25.90
CA PHE A 304 -3.43 3.33 -26.64
C PHE A 304 -3.97 3.26 -28.06
N ARG A 305 -3.89 2.09 -28.71
CA ARG A 305 -4.18 2.04 -30.15
C ARG A 305 -5.67 2.16 -30.42
N LEU A 306 -6.52 1.95 -29.40
CA LEU A 306 -7.95 2.13 -29.59
C LEU A 306 -8.34 3.61 -29.54
N LEU A 307 -7.50 4.45 -28.96
CA LEU A 307 -7.92 5.82 -28.64
C LEU A 307 -7.69 6.82 -29.76
N GLN A 308 -6.72 6.61 -30.65
CA GLN A 308 -6.52 7.57 -31.73
C GLN A 308 -7.63 7.48 -32.76
N ASN A 309 -8.41 6.40 -32.75
CA ASN A 309 -9.56 6.22 -33.63
C ASN A 309 -10.84 6.08 -32.82
N SER A 310 -10.93 6.80 -31.71
CA SER A 310 -12.08 6.77 -30.83
C SER A 310 -12.72 8.15 -30.76
N GLN A 311 -14.05 8.19 -30.83
CA GLN A 311 -14.82 9.43 -30.79
C GLN A 311 -15.63 9.46 -29.50
N VAL A 312 -15.45 10.52 -28.71
CA VAL A 312 -16.10 10.63 -27.41
C VAL A 312 -16.72 12.02 -27.30
N TYR A 313 -17.97 12.06 -26.86
CA TYR A 313 -18.71 13.29 -26.63
C TYR A 313 -18.99 13.44 -25.14
N SER A 314 -19.15 14.69 -24.70
CA SER A 314 -19.52 14.94 -23.31
C SER A 314 -20.13 16.32 -23.19
N LEU A 315 -20.85 16.52 -22.08
CA LEU A 315 -21.48 17.78 -21.76
C LEU A 315 -20.50 18.71 -21.06
N ILE A 316 -20.63 20.01 -21.35
CA ILE A 316 -19.75 21.04 -20.83
C ILE A 316 -20.59 22.27 -20.50
N ARG A 317 -20.28 22.91 -19.38
CA ARG A 317 -20.86 24.17 -18.92
C ARG A 317 -20.40 25.32 -19.81
N PRO A 318 -21.19 26.40 -19.93
CA PRO A 318 -20.83 27.49 -20.84
C PRO A 318 -19.56 28.23 -20.45
N ASN A 319 -18.98 27.96 -19.28
CA ASN A 319 -17.74 28.60 -18.85
C ASN A 319 -16.55 27.66 -18.90
N GLU A 320 -16.79 26.36 -18.82
CA GLU A 320 -15.72 25.36 -18.86
C GLU A 320 -15.04 25.33 -20.22
N ASN A 321 -13.73 25.17 -20.22
CA ASN A 321 -12.98 25.09 -21.46
C ASN A 321 -12.88 23.63 -21.93
N PRO A 322 -13.41 23.33 -23.11
CA PRO A 322 -13.35 21.95 -23.62
C PRO A 322 -11.92 21.45 -23.81
N ALA A 323 -11.00 22.35 -24.13
CA ALA A 323 -9.60 21.97 -24.27
C ALA A 323 -9.01 21.45 -22.96
N HIS A 324 -9.35 22.07 -21.83
CA HIS A 324 -8.95 21.54 -20.54
C HIS A 324 -9.67 20.23 -20.22
N LYS A 325 -10.94 20.12 -20.60
CA LYS A 325 -11.70 18.90 -20.32
C LYS A 325 -11.11 17.69 -21.04
N SER A 326 -10.69 17.86 -22.29
CA SER A 326 -10.08 16.75 -23.02
C SER A 326 -8.80 16.28 -22.34
N GLN A 327 -7.95 17.22 -21.93
CA GLN A 327 -6.72 16.86 -21.23
C GLN A 327 -7.03 16.15 -19.92
N LEU A 328 -8.02 16.64 -19.16
CA LEU A 328 -8.35 16.02 -17.88
C LEU A 328 -8.91 14.62 -18.07
N VAL A 329 -9.76 14.41 -19.07
CA VAL A 329 -10.32 13.08 -19.27
C VAL A 329 -9.26 12.11 -19.78
N TRP A 330 -8.27 12.61 -20.54
CA TRP A 330 -7.20 11.73 -20.96
C TRP A 330 -6.31 11.37 -19.77
N MET A 331 -6.08 12.35 -18.87
CA MET A 331 -5.46 12.06 -17.59
C MET A 331 -6.20 10.94 -16.86
N ALA A 332 -7.52 11.09 -16.70
CA ALA A 332 -8.28 10.11 -15.93
C ALA A 332 -8.24 8.74 -16.58
N CYS A 333 -8.36 8.68 -17.91
CA CYS A 333 -8.29 7.41 -18.62
C CYS A 333 -6.93 6.75 -18.44
N HIS A 334 -5.85 7.51 -18.52
CA HIS A 334 -4.52 6.96 -18.39
C HIS A 334 -3.96 7.05 -16.98
N SER A 335 -4.76 7.53 -16.02
CA SER A 335 -4.38 7.60 -14.60
C SER A 335 -3.03 8.31 -14.42
N ALA A 336 -2.87 9.41 -15.15
CA ALA A 336 -1.65 10.19 -15.15
C ALA A 336 -1.82 11.50 -14.36
N ALA A 337 -2.83 11.56 -13.50
CA ALA A 337 -3.03 12.75 -12.68
C ALA A 337 -1.90 12.97 -11.69
N PHE A 338 -1.23 11.90 -11.26
CA PHE A 338 -0.09 12.01 -10.36
C PHE A 338 1.24 11.82 -11.10
N GLU A 339 1.23 11.91 -12.43
CA GLU A 339 2.45 11.87 -13.21
C GLU A 339 2.94 13.30 -13.48
N ASP A 340 4.21 13.44 -13.80
CA ASP A 340 4.83 14.75 -13.99
C ASP A 340 4.26 15.41 -15.23
N LEU A 341 4.13 16.74 -15.18
CA LEU A 341 3.49 17.47 -16.27
C LEU A 341 4.34 17.46 -17.54
N ARG A 342 5.66 17.49 -17.39
CA ARG A 342 6.53 17.59 -18.56
C ARG A 342 6.40 16.36 -19.45
N VAL A 343 6.56 15.16 -18.87
CA VAL A 343 6.49 13.94 -19.68
C VAL A 343 5.07 13.68 -20.15
N SER A 344 4.07 14.01 -19.33
CA SER A 344 2.68 13.87 -19.77
C SER A 344 2.42 14.74 -20.99
N SER A 345 2.90 15.98 -20.98
CA SER A 345 2.76 16.85 -22.14
C SER A 345 3.54 16.31 -23.34
N PHE A 346 4.74 15.79 -23.09
CA PHE A 346 5.56 15.25 -24.18
C PHE A 346 4.86 14.10 -24.88
N ILE A 347 4.29 13.17 -24.09
CA ILE A 347 3.56 12.05 -24.67
C ILE A 347 2.28 12.53 -25.34
N ARG A 348 1.55 13.43 -24.69
CA ARG A 348 0.34 14.00 -25.28
C ARG A 348 0.65 14.82 -26.52
N GLY A 349 1.73 15.59 -26.48
CA GLY A 349 2.12 16.46 -27.57
C GLY A 349 1.81 17.93 -27.37
N THR A 350 0.94 18.25 -26.41
CA THR A 350 0.59 19.62 -26.09
C THR A 350 0.75 19.87 -24.60
N LYS A 351 0.90 21.15 -24.24
CA LYS A 351 1.11 21.52 -22.85
C LYS A 351 -0.11 21.16 -22.00
N VAL A 352 0.15 20.67 -20.80
CA VAL A 352 -0.91 20.28 -19.86
C VAL A 352 -1.03 21.34 -18.78
N VAL A 353 -2.25 21.77 -18.52
CA VAL A 353 -2.53 22.83 -17.55
C VAL A 353 -2.62 22.22 -16.15
N PRO A 354 -1.89 22.74 -15.17
CA PRO A 354 -2.00 22.23 -13.80
C PRO A 354 -3.33 22.59 -13.17
N ARG A 355 -3.59 21.96 -12.03
CA ARG A 355 -4.88 22.09 -11.35
C ARG A 355 -5.13 23.52 -10.87
N GLY A 356 -4.06 24.31 -10.76
CA GLY A 356 -4.17 25.67 -10.29
C GLY A 356 -4.98 26.59 -11.17
N LYS A 357 -4.82 26.48 -12.49
CA LYS A 357 -5.48 27.38 -13.43
C LYS A 357 -6.38 26.64 -14.42
N LEU A 358 -6.99 25.54 -13.97
CA LEU A 358 -7.97 24.83 -14.80
C LEU A 358 -9.32 25.51 -14.69
N SER A 359 -9.79 26.09 -15.80
CA SER A 359 -11.09 26.76 -15.83
C SER A 359 -12.19 25.75 -16.15
N THR A 360 -12.18 24.67 -15.38
CA THR A 360 -13.15 23.59 -15.51
C THR A 360 -13.44 23.06 -14.11
N ARG A 361 -14.46 22.19 -14.01
CA ARG A 361 -14.82 21.57 -12.75
C ARG A 361 -14.88 20.06 -12.94
N GLY A 362 -15.39 19.34 -11.94
CA GLY A 362 -15.45 17.89 -12.03
C GLY A 362 -16.29 17.42 -13.20
N VAL A 363 -15.88 16.30 -13.77
CA VAL A 363 -16.57 15.75 -14.95
C VAL A 363 -17.97 15.30 -14.56
N GLN A 364 -18.17 14.86 -13.32
CA GLN A 364 -19.51 14.59 -12.83
C GLN A 364 -20.30 15.89 -12.74
N ILE A 365 -21.57 15.84 -13.11
CA ILE A 365 -22.44 17.01 -13.14
C ILE A 365 -23.42 16.94 -11.99
N ALA A 366 -23.66 18.10 -11.36
CA ALA A 366 -24.54 18.17 -10.21
C ALA A 366 -25.98 17.87 -10.60
N SER A 367 -26.73 17.32 -9.64
CA SER A 367 -28.14 16.98 -9.88
C SER A 367 -29.06 18.19 -9.85
N ASN A 368 -28.59 19.34 -9.36
CA ASN A 368 -29.44 20.51 -9.22
C ASN A 368 -29.21 21.58 -10.29
N GLU A 369 -28.12 21.47 -11.05
CA GLU A 369 -27.81 22.48 -12.05
C GLU A 369 -28.79 22.42 -13.22
N ASN A 370 -29.03 23.57 -13.85
CA ASN A 370 -30.12 23.71 -14.80
C ASN A 370 -29.81 23.00 -16.12
N MET A 371 -30.87 22.64 -16.84
CA MET A 371 -30.80 21.93 -18.10
C MET A 371 -30.38 22.79 -19.28
N GLU A 372 -30.53 24.12 -19.18
CA GLU A 372 -30.35 24.96 -20.35
C GLU A 372 -28.88 25.12 -20.73
N THR A 373 -27.99 25.17 -19.73
CA THR A 373 -26.62 25.60 -19.96
C THR A 373 -25.71 24.52 -20.54
N MET A 374 -26.13 23.25 -20.52
CA MET A 374 -25.29 22.16 -20.99
C MET A 374 -25.10 22.22 -22.50
N GLU A 375 -23.87 21.97 -22.96
CA GLU A 375 -23.60 21.87 -24.38
C GLU A 375 -22.67 20.70 -24.64
N SER A 376 -23.00 19.89 -25.64
CA SER A 376 -22.21 18.70 -25.93
C SER A 376 -21.08 19.02 -26.92
N SER A 377 -19.95 18.33 -26.75
CA SER A 377 -18.84 18.51 -27.67
C SER A 377 -17.94 17.27 -27.65
N THR A 378 -17.13 17.17 -28.71
CA THR A 378 -16.19 16.08 -28.89
C THR A 378 -14.99 16.23 -27.95
N LEU A 379 -14.47 15.10 -27.50
CA LEU A 379 -13.31 15.06 -26.61
C LEU A 379 -12.09 14.60 -27.40
N GLU A 380 -10.98 15.34 -27.27
CA GLU A 380 -9.75 15.01 -27.96
C GLU A 380 -8.91 14.06 -27.10
N LEU A 381 -8.59 12.89 -27.67
CA LEU A 381 -7.83 11.87 -26.97
C LEU A 381 -6.54 11.46 -27.68
N ARG A 382 -6.37 11.82 -28.95
CA ARG A 382 -5.19 11.40 -29.70
C ARG A 382 -3.92 11.98 -29.07
N SER A 383 -2.89 11.15 -28.99
CA SER A 383 -1.59 11.54 -28.47
C SER A 383 -0.51 11.20 -29.49
N ARG A 384 0.53 12.04 -29.54
CA ARG A 384 1.58 11.86 -30.54
C ARG A 384 2.36 10.58 -30.32
N TYR A 385 2.69 10.26 -29.06
CA TYR A 385 3.58 9.16 -28.73
C TYR A 385 2.88 8.17 -27.79
N TRP A 386 3.62 7.12 -27.44
CA TRP A 386 3.16 6.11 -26.49
C TRP A 386 4.34 5.59 -25.69
N ALA A 387 4.04 5.07 -24.50
CA ALA A 387 5.06 4.50 -23.63
C ALA A 387 4.45 3.40 -22.77
N ILE A 388 5.30 2.48 -22.33
CA ILE A 388 4.89 1.37 -21.46
C ILE A 388 4.86 1.86 -20.03
N ARG A 389 3.85 1.43 -19.28
CA ARG A 389 3.66 1.82 -17.88
C ARG A 389 4.06 0.65 -16.98
N THR A 390 5.32 0.61 -16.56
CA THR A 390 5.75 -0.47 -15.70
C THR A 390 5.45 -0.14 -14.24
N ARG A 391 5.12 -1.18 -13.48
CA ARG A 391 4.89 -1.03 -12.06
C ARG A 391 6.22 -1.17 -11.31
N SER A 392 7.06 -0.15 -11.42
CA SER A 392 8.38 -0.14 -10.81
C SER A 392 8.59 1.18 -10.07
N GLY A 393 9.82 1.39 -9.60
CA GLY A 393 10.18 2.61 -8.92
C GLY A 393 11.36 3.26 -9.62
N GLY A 394 11.70 4.46 -9.17
CA GLY A 394 12.81 5.19 -9.73
C GLY A 394 14.14 4.46 -9.57
N ASN A 395 15.06 4.67 -10.51
CA ASN A 395 16.36 4.03 -10.42
C ASN A 395 17.18 4.56 -9.25
N THR A 396 16.75 5.68 -8.66
CA THR A 396 17.48 6.32 -7.57
C THR A 396 17.63 5.40 -6.36
N ASN A 397 16.63 4.56 -6.09
CA ASN A 397 16.74 3.62 -4.98
C ASN A 397 17.84 2.60 -5.24
N GLN A 398 17.95 2.12 -6.48
CA GLN A 398 19.01 1.19 -6.83
C GLN A 398 20.37 1.90 -6.89
N GLN A 399 20.36 3.22 -7.10
CA GLN A 399 21.61 3.98 -7.00
C GLN A 399 22.06 4.08 -5.55
N ARG A 400 21.11 4.27 -4.63
CA ARG A 400 21.44 4.30 -3.20
C ARG A 400 21.93 2.94 -2.73
N ALA A 401 21.30 1.86 -3.21
CA ALA A 401 21.68 0.49 -2.88
C ALA A 401 21.98 -0.26 -4.17
N SER A 402 23.25 -0.48 -4.44
CA SER A 402 23.69 -1.02 -5.72
C SER A 402 23.32 -2.50 -5.84
N SER A 403 23.73 -3.13 -6.94
CA SER A 403 23.37 -4.49 -7.26
C SER A 403 24.62 -5.32 -7.53
N GLY A 404 24.48 -6.63 -7.34
CA GLY A 404 25.56 -7.56 -7.57
C GLY A 404 25.40 -8.85 -6.79
N GLN A 405 26.32 -9.79 -6.98
CA GLN A 405 26.26 -11.05 -6.25
C GLN A 405 26.64 -10.85 -4.79
N ILE A 406 26.24 -11.80 -3.96
CA ILE A 406 26.59 -11.80 -2.55
C ILE A 406 27.22 -13.15 -2.20
N SER A 407 26.88 -14.18 -2.98
CA SER A 407 27.38 -15.52 -2.75
C SER A 407 28.00 -16.05 -4.03
N ILE A 408 28.69 -17.18 -3.90
CA ILE A 408 29.35 -17.84 -5.03
C ILE A 408 29.04 -19.33 -4.97
N GLN A 409 29.14 -19.99 -6.12
CA GLN A 409 28.90 -21.42 -6.21
C GLN A 409 30.12 -22.12 -6.78
N PRO A 410 30.58 -23.22 -6.18
CA PRO A 410 31.76 -23.92 -6.71
C PRO A 410 31.41 -24.70 -7.96
N THR A 411 31.95 -24.25 -9.09
CA THR A 411 31.81 -24.95 -10.36
C THR A 411 32.88 -26.01 -10.55
N PHE A 412 34.15 -25.62 -10.50
CA PHE A 412 35.26 -26.56 -10.47
C PHE A 412 35.53 -27.01 -9.04
N SER A 413 35.94 -28.27 -8.90
CA SER A 413 36.30 -28.82 -7.59
C SER A 413 37.76 -28.49 -7.33
N VAL A 414 37.98 -27.29 -6.77
CA VAL A 414 39.33 -26.79 -6.49
C VAL A 414 39.40 -26.41 -5.02
N GLN A 415 40.52 -26.71 -4.38
CA GLN A 415 40.68 -26.38 -2.98
C GLN A 415 40.84 -24.87 -2.81
N ARG A 416 39.72 -24.18 -2.61
CA ARG A 416 39.72 -22.73 -2.58
C ARG A 416 38.67 -22.24 -1.58
N ASN A 417 38.85 -21.00 -1.15
CA ASN A 417 37.90 -20.35 -0.25
C ASN A 417 36.61 -20.04 -0.98
N LEU A 418 35.53 -19.97 -0.22
CA LEU A 418 34.23 -19.58 -0.76
C LEU A 418 33.90 -18.16 -0.30
N PRO A 419 34.09 -17.16 -1.17
CA PRO A 419 33.92 -15.78 -0.73
C PRO A 419 32.46 -15.45 -0.41
N PHE A 420 32.23 -15.02 0.82
CA PHE A 420 30.90 -14.65 1.29
C PHE A 420 30.95 -13.20 1.77
N ASP A 421 30.00 -12.39 1.32
CA ASP A 421 29.95 -10.99 1.73
C ASP A 421 29.19 -10.89 3.05
N ARG A 422 29.87 -11.22 4.15
CA ARG A 422 29.31 -11.41 5.48
C ARG A 422 28.55 -10.20 6.05
N PRO A 423 29.11 -8.98 6.00
CA PRO A 423 28.41 -7.85 6.63
C PRO A 423 27.03 -7.55 6.04
N THR A 424 26.82 -7.85 4.76
CA THR A 424 25.48 -7.77 4.17
C THR A 424 24.66 -9.01 4.47
N ILE A 425 25.33 -10.14 4.73
CA ILE A 425 24.62 -11.35 5.13
C ILE A 425 23.92 -11.14 6.47
N MET A 426 24.60 -10.48 7.43
CA MET A 426 23.89 -10.12 8.65
C MET A 426 22.79 -9.11 8.37
N ALA A 427 23.04 -8.18 7.44
CA ALA A 427 22.04 -7.15 7.15
C ALA A 427 20.74 -7.75 6.63
N ALA A 428 20.83 -8.75 5.76
CA ALA A 428 19.62 -9.41 5.27
C ALA A 428 18.90 -10.13 6.40
N PHE A 429 19.65 -10.85 7.25
CA PHE A 429 19.08 -11.57 8.38
C PHE A 429 18.73 -10.69 9.57
N THR A 430 19.38 -9.54 9.71
CA THR A 430 19.28 -8.69 10.90
C THR A 430 19.54 -9.51 12.17
N GLY A 431 20.78 -9.98 12.28
CA GLY A 431 21.21 -10.82 13.39
C GLY A 431 20.84 -10.25 14.74
N ASN A 432 21.16 -8.98 14.97
CA ASN A 432 20.66 -8.24 16.12
C ASN A 432 19.35 -7.59 15.69
N THR A 433 18.23 -8.18 16.11
CA THR A 433 16.93 -7.71 15.68
C THR A 433 16.70 -6.28 16.14
N GLU A 434 16.02 -5.50 15.29
CA GLU A 434 15.78 -4.10 15.57
C GLU A 434 14.96 -3.94 16.85
N GLY A 435 15.40 -3.03 17.71
CA GLY A 435 14.72 -2.80 18.98
C GLY A 435 13.33 -2.20 18.82
N ARG A 436 13.23 -1.14 18.02
CA ARG A 436 11.98 -0.43 17.83
C ARG A 436 11.94 0.13 16.42
N THR A 437 11.02 1.08 16.20
CA THR A 437 10.97 1.76 14.90
C THR A 437 12.05 2.82 14.79
N SER A 438 12.48 3.38 15.93
CA SER A 438 13.35 4.56 15.90
C SER A 438 14.69 4.27 15.23
N ASP A 439 15.28 3.11 15.54
CA ASP A 439 16.56 2.77 14.92
C ASP A 439 16.43 2.68 13.40
N MET A 440 15.25 2.30 12.91
CA MET A 440 14.99 2.29 11.48
C MET A 440 14.77 3.68 10.93
N ARG A 441 14.06 4.53 11.68
CA ARG A 441 13.91 5.92 11.27
C ARG A 441 15.26 6.58 11.09
N THR A 442 16.23 6.21 11.92
CA THR A 442 17.57 6.79 11.79
C THR A 442 18.15 6.59 10.39
N GLU A 443 18.34 5.34 9.97
CA GLU A 443 19.01 5.13 8.68
C GLU A 443 18.08 5.44 7.52
N ILE A 444 16.77 5.44 7.73
CA ILE A 444 15.90 5.82 6.62
C ILE A 444 15.98 7.32 6.38
N ILE A 445 16.12 8.11 7.45
CA ILE A 445 16.39 9.54 7.28
C ILE A 445 17.78 9.74 6.66
N ARG A 446 18.74 8.89 7.03
CA ARG A 446 20.03 8.95 6.36
C ARG A 446 19.90 8.71 4.85
N LEU A 447 19.10 7.72 4.46
CA LEU A 447 18.86 7.46 3.03
C LEU A 447 18.15 8.63 2.38
N MET A 448 17.20 9.24 3.08
CA MET A 448 16.50 10.41 2.55
C MET A 448 17.49 11.55 2.30
N GLU A 449 18.44 11.74 3.22
CA GLU A 449 19.50 12.72 3.01
C GLU A 449 20.38 12.34 1.82
N SER A 450 20.63 11.05 1.63
CA SER A 450 21.44 10.63 0.48
C SER A 450 20.70 10.88 -0.83
N ALA A 451 19.38 10.99 -0.77
CA ALA A 451 18.59 11.20 -1.98
C ALA A 451 18.86 12.58 -2.58
N ARG A 452 18.75 12.64 -3.91
CA ARG A 452 18.94 13.90 -4.64
C ARG A 452 17.79 14.11 -5.62
N PRO A 453 17.37 15.36 -5.84
CA PRO A 453 16.27 15.60 -6.78
C PRO A 453 16.72 15.65 -8.24
N GLU A 454 18.00 15.39 -8.50
CA GLU A 454 18.51 15.30 -9.87
C GLU A 454 18.82 13.88 -10.32
N ASP A 455 18.40 12.87 -9.57
CA ASP A 455 18.70 11.48 -9.91
C ASP A 455 17.83 11.05 -11.08
N VAL A 456 18.45 10.81 -12.23
CA VAL A 456 17.73 10.32 -13.40
C VAL A 456 17.33 8.87 -13.18
N SER A 457 16.08 8.55 -13.50
CA SER A 457 15.52 7.23 -13.25
C SER A 457 15.14 6.57 -14.57
N PHE A 458 14.79 5.29 -14.50
CA PHE A 458 14.32 4.50 -15.65
C PHE A 458 15.36 4.46 -16.76
N GLN A 459 16.59 4.08 -16.42
CA GLN A 459 17.64 3.95 -17.41
C GLN A 459 17.37 2.78 -18.35
N GLY A 460 17.74 2.94 -19.62
CA GLY A 460 17.54 1.90 -20.61
C GLY A 460 16.16 1.85 -21.22
N ARG A 461 15.30 2.82 -20.94
CA ARG A 461 13.94 2.86 -21.43
C ARG A 461 13.66 4.21 -22.05
N GLY A 462 12.62 4.28 -22.90
CA GLY A 462 12.28 5.52 -23.56
C GLY A 462 10.86 5.49 -24.11
N VAL A 463 10.50 6.61 -24.75
CA VAL A 463 9.19 6.76 -25.37
C VAL A 463 9.29 6.38 -26.84
N PHE A 464 8.33 5.59 -27.29
CA PHE A 464 8.32 5.08 -28.66
C PHE A 464 7.31 5.86 -29.48
N GLU A 465 7.35 5.64 -30.80
CA GLU A 465 6.41 6.25 -31.73
C GLU A 465 5.23 5.31 -31.97
N LEU A 466 4.11 5.90 -32.40
CA LEU A 466 2.90 5.13 -32.63
C LEU A 466 3.09 4.09 -33.73
N SER A 467 3.97 4.36 -34.69
CA SER A 467 4.22 3.41 -35.77
C SER A 467 4.95 2.16 -35.28
N ASP A 468 5.47 2.18 -34.05
CA ASP A 468 6.20 1.05 -33.50
C ASP A 468 5.20 0.10 -32.85
N GLU A 469 5.34 -1.19 -33.12
CA GLU A 469 4.47 -2.21 -32.55
C GLU A 469 5.20 -3.17 -31.61
N LYS A 470 6.51 -3.34 -31.78
CA LYS A 470 7.28 -4.30 -31.01
C LYS A 470 8.31 -3.65 -30.09
N ALA A 471 8.22 -2.33 -29.88
CA ALA A 471 9.13 -1.59 -29.01
C ALA A 471 10.58 -1.78 -29.45
N THR A 472 10.85 -1.31 -30.68
CA THR A 472 12.15 -1.51 -31.32
C THR A 472 13.12 -0.36 -31.05
N SER A 473 12.65 0.89 -31.15
CA SER A 473 13.54 2.03 -30.96
C SER A 473 12.83 3.19 -30.29
N PRO A 474 13.20 3.53 -29.05
CA PRO A 474 12.58 4.71 -28.40
C PRO A 474 13.40 5.97 -28.59
N ILE A 475 12.87 7.11 -28.15
CA ILE A 475 13.58 8.37 -28.13
C ILE A 475 13.53 8.92 -26.71
N VAL A 476 14.68 9.25 -26.14
CA VAL A 476 14.78 9.73 -24.77
C VAL A 476 14.36 11.19 -24.69
N PRO A 477 13.44 11.55 -23.81
CA PRO A 477 13.07 12.97 -23.66
C PRO A 477 14.17 13.75 -22.96
N SER A 478 14.18 15.06 -23.21
CA SER A 478 15.15 15.97 -22.60
C SER A 478 14.43 17.27 -22.30
N PHE A 479 14.18 17.52 -21.02
CA PHE A 479 13.42 18.69 -20.58
C PHE A 479 14.37 19.71 -19.97
N ASP A 480 14.51 20.86 -20.64
CA ASP A 480 15.31 21.98 -20.16
C ASP A 480 14.48 23.25 -20.03
N MET A 481 13.17 23.11 -19.90
CA MET A 481 12.27 24.26 -19.86
C MET A 481 12.13 24.81 -18.44
N SER A 482 13.27 25.22 -17.88
CA SER A 482 13.35 25.89 -16.58
C SER A 482 12.55 25.17 -15.49
N ASN A 483 11.61 25.90 -14.87
CA ASN A 483 10.87 25.40 -13.73
C ASN A 483 9.36 25.54 -13.95
N GLU A 484 8.86 25.03 -15.08
CA GLU A 484 7.44 25.09 -15.40
C GLU A 484 6.60 24.51 -14.28
N GLY A 485 7.12 23.52 -13.57
CA GLY A 485 6.45 22.97 -12.41
C GLY A 485 6.00 21.54 -12.59
N SER A 486 6.76 20.60 -12.03
CA SER A 486 6.39 19.19 -12.04
C SER A 486 5.49 18.83 -10.86
N TYR A 487 4.41 19.58 -10.66
CA TYR A 487 3.48 19.37 -9.55
C TYR A 487 2.09 19.74 -10.06
N PHE A 488 1.26 18.71 -10.31
CA PHE A 488 -0.09 18.96 -10.81
C PHE A 488 -0.93 19.72 -9.79
N PHE A 489 -0.66 19.55 -8.50
CA PHE A 489 -1.36 20.25 -7.44
C PHE A 489 -0.46 21.34 -6.85
N GLY A 490 -1.00 22.54 -6.74
CA GLY A 490 -0.26 23.66 -6.21
C GLY A 490 0.41 24.52 -7.26
N ASN D 21 -19.33 5.04 6.91
CA ASN D 21 -20.76 5.25 6.82
C ASN D 21 -21.26 6.17 7.94
N ALA D 22 -22.36 6.87 7.69
CA ALA D 22 -22.93 7.79 8.66
C ALA D 22 -24.29 7.35 9.18
N THR D 23 -24.91 6.34 8.58
CA THR D 23 -26.23 5.90 9.01
C THR D 23 -26.19 5.32 10.42
N GLU D 24 -25.18 4.51 10.72
CA GLU D 24 -25.06 3.93 12.06
C GLU D 24 -24.82 5.00 13.11
N ILE D 25 -24.01 6.00 12.77
CA ILE D 25 -23.72 7.08 13.72
C ILE D 25 -24.99 7.87 14.04
N ARG D 26 -25.75 8.23 13.00
CA ARG D 26 -27.00 8.95 13.22
C ARG D 26 -28.00 8.11 14.01
N ALA D 27 -28.04 6.80 13.73
CA ALA D 27 -28.92 5.92 14.49
C ALA D 27 -28.56 5.89 15.96
N SER D 28 -27.27 5.78 16.27
CA SER D 28 -26.83 5.79 17.67
C SER D 28 -27.15 7.12 18.35
N VAL D 29 -26.91 8.22 17.64
CA VAL D 29 -27.22 9.55 18.19
C VAL D 29 -28.70 9.64 18.53
N GLY D 30 -29.55 9.27 17.57
CA GLY D 30 -30.97 9.24 17.85
C GLY D 30 -31.29 8.36 19.03
N LYS D 31 -30.57 7.25 19.17
CA LYS D 31 -30.84 6.31 20.26
C LYS D 31 -30.60 6.94 21.62
N MET D 32 -29.40 7.51 21.85
CA MET D 32 -29.16 7.94 23.23
C MET D 32 -29.87 9.25 23.54
N ILE D 33 -30.02 10.15 22.57
CA ILE D 33 -30.84 11.34 22.85
C ILE D 33 -32.31 10.98 23.03
N ASP D 34 -32.80 9.95 22.35
CA ASP D 34 -34.16 9.48 22.62
C ASP D 34 -34.26 8.94 24.04
N GLY D 35 -33.24 8.20 24.49
CA GLY D 35 -33.24 7.73 25.86
C GLY D 35 -33.23 8.86 26.87
N ILE D 36 -32.45 9.90 26.60
CA ILE D 36 -32.41 11.07 27.48
C ILE D 36 -33.78 11.76 27.51
N GLY D 37 -34.41 11.90 26.34
CA GLY D 37 -35.73 12.51 26.30
C GLY D 37 -36.76 11.73 27.09
N ARG D 38 -36.74 10.40 26.97
CA ARG D 38 -37.64 9.57 27.76
C ARG D 38 -37.34 9.65 29.25
N PHE D 39 -36.05 9.75 29.62
CA PHE D 39 -35.70 9.96 31.02
C PHE D 39 -36.30 11.26 31.54
N TYR D 40 -36.23 12.33 30.74
CA TYR D 40 -36.81 13.60 31.17
C TYR D 40 -38.33 13.50 31.28
N ILE D 41 -38.96 12.77 30.35
CA ILE D 41 -40.41 12.58 30.42
C ILE D 41 -40.79 11.87 31.71
N GLN D 42 -40.05 10.83 32.10
CA GLN D 42 -40.41 10.11 33.31
C GLN D 42 -40.08 10.93 34.56
N MET D 43 -39.04 11.78 34.50
CA MET D 43 -38.87 12.78 35.56
C MET D 43 -40.11 13.65 35.71
N CYS D 44 -40.61 14.17 34.59
CA CYS D 44 -41.87 14.92 34.63
C CYS D 44 -43.00 14.05 35.16
N THR D 45 -42.92 12.74 34.96
CA THR D 45 -43.97 11.84 35.43
C THR D 45 -44.00 11.75 36.95
N GLU D 46 -42.93 11.25 37.57
CA GLU D 46 -43.01 11.08 39.03
C GLU D 46 -42.63 12.33 39.81
N LEU D 47 -42.26 13.44 39.18
CA LEU D 47 -42.14 14.69 39.90
C LEU D 47 -43.49 15.37 40.14
N LYS D 48 -44.56 14.89 39.50
CA LYS D 48 -45.89 15.44 39.66
C LYS D 48 -45.92 16.93 39.32
N LEU D 49 -45.16 17.31 38.30
CA LEU D 49 -45.05 18.69 37.87
C LEU D 49 -46.05 18.97 36.74
N SER D 50 -46.44 20.23 36.61
CA SER D 50 -47.40 20.63 35.59
C SER D 50 -46.71 20.76 34.24
N ASP D 51 -47.50 21.13 33.23
CA ASP D 51 -46.97 21.28 31.87
C ASP D 51 -45.94 22.40 31.81
N TYR D 52 -46.23 23.53 32.46
CA TYR D 52 -45.28 24.64 32.50
C TYR D 52 -44.02 24.26 33.26
N GLU D 53 -44.16 23.55 34.37
CA GLU D 53 -43.01 23.11 35.15
C GLU D 53 -42.06 22.23 34.34
N GLY D 54 -42.58 21.51 33.34
CA GLY D 54 -41.74 20.69 32.50
C GLY D 54 -40.95 21.47 31.45
N ARG D 55 -41.22 22.77 31.31
CA ARG D 55 -40.52 23.61 30.34
C ARG D 55 -39.60 24.62 31.02
N LEU D 56 -39.13 24.29 32.21
CA LEU D 56 -38.25 25.18 32.97
C LEU D 56 -36.81 24.73 32.84
N ILE D 57 -35.93 25.65 32.42
CA ILE D 57 -34.53 25.30 32.23
C ILE D 57 -33.87 24.94 33.56
N GLN D 58 -34.22 25.63 34.64
CA GLN D 58 -33.53 25.41 35.90
C GLN D 58 -33.91 24.07 36.53
N ASN D 59 -35.15 23.61 36.31
CA ASN D 59 -35.51 22.27 36.78
C ASN D 59 -34.65 21.21 36.11
N SER D 60 -34.45 21.33 34.79
CA SER D 60 -33.54 20.44 34.10
C SER D 60 -32.13 20.56 34.64
N LEU D 61 -31.69 21.79 34.93
CA LEU D 61 -30.36 22.00 35.48
C LEU D 61 -30.18 21.28 36.82
N THR D 62 -31.16 21.42 37.72
CA THR D 62 -31.06 20.80 39.03
C THR D 62 -31.13 19.28 38.94
N ILE D 63 -32.08 18.76 38.15
CA ILE D 63 -32.19 17.32 37.97
C ILE D 63 -30.90 16.75 37.39
N GLU D 64 -30.32 17.45 36.42
CA GLU D 64 -29.15 16.94 35.71
C GLU D 64 -27.90 17.06 36.58
N ARG D 65 -27.83 18.09 37.44
CA ARG D 65 -26.76 18.14 38.42
C ARG D 65 -26.87 17.01 39.44
N MET D 66 -28.08 16.68 39.88
CA MET D 66 -28.24 15.50 40.73
C MET D 66 -27.84 14.23 39.98
N VAL D 67 -28.12 14.18 38.67
CA VAL D 67 -27.68 13.05 37.86
C VAL D 67 -26.16 12.93 37.84
N LEU D 68 -25.47 14.06 37.64
CA LEU D 68 -24.00 14.00 37.59
C LEU D 68 -23.43 13.62 38.94
N SER D 69 -24.06 14.10 40.02
CA SER D 69 -23.67 13.63 41.36
C SER D 69 -23.97 12.16 41.56
N ALA D 70 -24.89 11.59 40.78
CA ALA D 70 -25.16 10.16 40.85
C ALA D 70 -24.14 9.36 40.04
N PHE D 71 -23.71 9.88 38.89
CA PHE D 71 -22.85 9.16 37.96
C PHE D 71 -21.38 9.53 38.08
N ASP D 72 -20.98 10.23 39.13
CA ASP D 72 -19.57 10.55 39.38
C ASP D 72 -18.97 9.49 40.31
N GLU D 73 -18.60 8.36 39.70
CA GLU D 73 -18.14 7.21 40.47
C GLU D 73 -16.88 7.54 41.26
N ARG D 74 -15.94 8.27 40.65
CA ARG D 74 -14.74 8.67 41.36
C ARG D 74 -15.08 9.57 42.55
N ARG D 75 -15.96 10.54 42.33
CA ARG D 75 -16.35 11.44 43.42
C ARG D 75 -17.10 10.68 44.51
N ASN D 76 -17.97 9.75 44.14
CA ASN D 76 -18.64 8.93 45.14
C ASN D 76 -17.63 8.14 45.97
N LYS D 77 -16.76 7.39 45.29
CA LYS D 77 -15.76 6.59 46.00
C LYS D 77 -14.87 7.44 46.88
N TYR D 78 -14.62 8.70 46.51
CA TYR D 78 -13.99 9.64 47.42
C TYR D 78 -14.93 10.09 48.53
N LEU D 79 -16.24 9.97 48.33
CA LEU D 79 -17.22 10.53 49.25
C LEU D 79 -17.62 9.60 50.39
N GLU D 80 -17.93 8.32 50.14
CA GLU D 80 -18.42 7.49 51.24
C GLU D 80 -17.36 7.33 52.31
N GLU D 81 -16.10 7.27 51.92
CA GLU D 81 -15.01 7.20 52.89
C GLU D 81 -14.81 8.51 53.63
N HIS D 82 -15.48 9.59 53.20
CA HIS D 82 -15.39 10.89 53.84
C HIS D 82 -16.78 11.41 54.17
N PRO D 83 -17.45 10.87 55.20
CA PRO D 83 -18.80 11.32 55.52
C PRO D 83 -18.83 12.68 56.20
N SER D 84 -18.78 13.74 55.41
CA SER D 84 -18.75 15.11 55.92
C SER D 84 -19.92 15.88 55.33
N ALA D 85 -19.91 17.19 55.56
CA ALA D 85 -20.93 18.11 55.04
C ALA D 85 -22.32 17.75 55.55
N GLY D 86 -22.40 17.31 56.80
CA GLY D 86 -23.69 17.06 57.45
C GLY D 86 -24.53 15.99 56.77
N LYS D 87 -25.74 16.36 56.36
CA LYS D 87 -26.68 15.43 55.73
C LYS D 87 -26.20 15.13 54.31
N ASP D 88 -25.19 14.28 54.22
CA ASP D 88 -24.70 13.85 52.92
C ASP D 88 -24.39 12.36 52.88
N PRO D 89 -25.32 11.47 53.25
CA PRO D 89 -25.06 10.04 53.03
C PRO D 89 -25.02 9.70 51.55
N LYS D 90 -26.10 10.01 50.84
CA LYS D 90 -26.20 9.75 49.40
C LYS D 90 -26.95 10.84 48.65
N LYS D 91 -27.36 11.92 49.32
CA LYS D 91 -28.30 12.87 48.77
C LYS D 91 -27.66 14.25 48.71
N THR D 92 -27.79 14.93 47.56
CA THR D 92 -27.22 16.25 47.37
C THR D 92 -28.23 17.17 46.69
N GLY D 93 -28.28 18.41 47.14
CA GLY D 93 -29.01 19.48 46.48
C GLY D 93 -30.50 19.21 46.31
N GLY D 94 -31.00 19.59 45.14
CA GLY D 94 -32.39 19.42 44.79
C GLY D 94 -33.28 20.61 45.10
N PRO D 95 -32.94 21.81 44.58
CA PRO D 95 -33.83 22.98 44.79
C PRO D 95 -34.96 23.09 43.76
N ILE D 96 -36.01 22.32 43.97
CA ILE D 96 -37.13 22.27 43.02
C ILE D 96 -38.01 23.49 43.23
N TYR D 97 -38.33 24.18 42.14
CA TYR D 97 -39.24 25.32 42.14
C TYR D 97 -40.59 24.91 41.58
N ARG D 98 -41.66 25.39 42.21
CA ARG D 98 -43.03 25.11 41.78
C ARG D 98 -43.85 26.40 41.76
N ARG D 99 -44.84 26.44 40.87
CA ARG D 99 -45.74 27.58 40.79
C ARG D 99 -46.93 27.38 41.71
N VAL D 100 -47.12 28.31 42.65
CA VAL D 100 -48.29 28.33 43.50
C VAL D 100 -49.20 29.47 43.06
N ASP D 101 -50.15 29.16 42.18
CA ASP D 101 -51.16 30.10 41.70
C ASP D 101 -50.52 31.42 41.26
N GLY D 102 -49.45 31.30 40.49
CA GLY D 102 -48.74 32.47 39.99
C GLY D 102 -47.45 32.76 40.72
N LYS D 103 -47.45 32.58 42.05
CA LYS D 103 -46.25 32.82 42.83
C LYS D 103 -45.29 31.64 42.69
N TRP D 104 -44.13 31.71 43.35
CA TRP D 104 -43.12 30.67 43.21
C TRP D 104 -42.65 30.21 44.58
N ARG D 105 -42.36 28.92 44.69
CA ARG D 105 -41.81 28.35 45.91
C ARG D 105 -40.65 27.43 45.59
N ARG D 106 -39.71 27.34 46.52
CA ARG D 106 -38.52 26.52 46.38
C ARG D 106 -38.43 25.54 47.53
N GLU D 107 -38.22 24.26 47.22
CA GLU D 107 -38.10 23.21 48.22
C GLU D 107 -36.82 22.42 47.97
N LEU D 108 -36.13 22.07 49.06
CA LEU D 108 -34.91 21.28 49.00
C LEU D 108 -35.28 19.82 49.19
N ILE D 109 -35.57 19.13 48.09
CA ILE D 109 -35.93 17.72 48.11
C ILE D 109 -34.69 16.90 47.76
N LEU D 110 -34.43 15.86 48.56
CA LEU D 110 -33.22 15.06 48.44
C LEU D 110 -33.58 13.69 47.88
N TYR D 111 -32.77 13.21 46.93
CA TYR D 111 -32.94 11.91 46.31
C TYR D 111 -31.65 11.11 46.38
N ASP D 112 -31.79 9.79 46.45
CA ASP D 112 -30.63 8.90 46.48
C ASP D 112 -30.07 8.71 45.08
N LYS D 113 -28.90 8.08 44.99
CA LYS D 113 -28.27 7.89 43.69
C LYS D 113 -28.75 6.62 42.99
N GLU D 114 -28.95 5.54 43.75
CA GLU D 114 -29.20 4.23 43.14
C GLU D 114 -30.51 4.16 42.37
N GLU D 115 -31.59 4.74 42.88
CA GLU D 115 -32.85 4.67 42.14
C GLU D 115 -32.77 5.46 40.85
N ILE D 116 -32.09 6.61 40.87
CA ILE D 116 -31.89 7.38 39.64
C ILE D 116 -31.05 6.58 38.65
N ARG D 117 -30.00 5.90 39.13
CA ARG D 117 -29.16 5.09 38.26
C ARG D 117 -29.99 3.96 37.63
N ARG D 118 -30.85 3.33 38.43
CA ARG D 118 -31.70 2.27 37.90
C ARG D 118 -32.70 2.81 36.88
N ILE D 119 -33.19 4.04 37.09
CA ILE D 119 -34.10 4.64 36.12
C ILE D 119 -33.38 4.91 34.80
N TRP D 120 -32.14 5.41 34.87
CA TRP D 120 -31.33 5.48 33.66
C TRP D 120 -31.13 4.11 33.01
N ARG D 121 -30.88 3.08 33.83
CA ARG D 121 -30.68 1.75 33.26
C ARG D 121 -31.92 1.28 32.50
N GLN D 122 -33.09 1.52 33.07
CA GLN D 122 -34.35 1.19 32.40
C GLN D 122 -34.70 2.17 31.28
N ALA D 123 -34.01 3.31 31.20
CA ALA D 123 -34.33 4.32 30.19
C ALA D 123 -33.55 4.11 28.90
N ASN D 124 -32.34 3.54 28.96
CA ASN D 124 -31.56 3.24 27.78
C ASN D 124 -31.54 1.74 27.50
N ASN D 125 -32.60 1.04 27.90
CA ASN D 125 -32.76 -0.40 27.62
C ASN D 125 -31.59 -1.21 28.19
N GLY D 126 -31.27 -0.95 29.46
CA GLY D 126 -30.28 -1.72 30.17
C GLY D 126 -28.83 -1.30 29.96
N ASP D 127 -28.60 -0.17 29.30
CA ASP D 127 -27.24 0.29 29.03
C ASP D 127 -26.85 1.41 30.00
N ASP D 128 -25.56 1.74 30.00
CA ASP D 128 -25.04 2.72 30.95
C ASP D 128 -25.24 4.15 30.47
N ALA D 129 -25.38 4.34 29.15
CA ALA D 129 -25.58 5.66 28.55
C ALA D 129 -24.44 6.62 28.89
N THR D 130 -23.20 6.14 28.74
CA THR D 130 -22.04 7.00 29.00
C THR D 130 -21.97 8.14 28.00
N ALA D 131 -22.44 7.92 26.77
CA ALA D 131 -22.47 8.99 25.78
C ALA D 131 -23.38 10.13 26.23
N GLY D 132 -24.53 9.79 26.83
CA GLY D 132 -25.37 10.82 27.40
C GLY D 132 -24.69 11.59 28.51
N LEU D 133 -23.89 10.90 29.32
CA LEU D 133 -23.12 11.57 30.36
C LEU D 133 -22.11 12.55 29.75
N THR D 134 -21.43 12.12 28.68
CA THR D 134 -20.50 13.01 28.01
C THR D 134 -21.22 14.24 27.44
N HIS D 135 -22.37 14.03 26.81
CA HIS D 135 -23.10 15.14 26.21
C HIS D 135 -23.60 16.12 27.27
N MET D 136 -24.11 15.59 28.39
CA MET D 136 -24.57 16.45 29.48
C MET D 136 -23.42 17.23 30.10
N MET D 137 -22.25 16.60 30.25
CA MET D 137 -21.08 17.34 30.74
C MET D 137 -20.64 18.42 29.77
N ILE D 138 -20.68 18.13 28.47
CA ILE D 138 -20.37 19.14 27.46
C ILE D 138 -21.34 20.30 27.49
N TRP D 139 -22.63 20.03 27.68
CA TRP D 139 -23.61 21.10 27.84
C TRP D 139 -23.34 21.96 29.06
N HIS D 140 -22.97 21.32 30.18
CA HIS D 140 -22.61 22.08 31.38
C HIS D 140 -21.41 22.96 31.12
N SER D 141 -20.41 22.43 30.41
CA SER D 141 -19.22 23.22 30.10
C SER D 141 -19.57 24.46 29.30
N ASN D 142 -20.41 24.29 28.27
CA ASN D 142 -20.82 25.43 27.46
C ASN D 142 -21.60 26.45 28.28
N LEU D 143 -22.51 25.97 29.14
CA LEU D 143 -23.27 26.89 29.98
C LEU D 143 -22.37 27.69 30.90
N ASN D 144 -21.46 27.02 31.61
CA ASN D 144 -20.58 27.73 32.53
C ASN D 144 -19.65 28.69 31.81
N ASP D 145 -19.14 28.28 30.64
CA ASP D 145 -18.28 29.18 29.87
C ASP D 145 -19.04 30.41 29.41
N ALA D 146 -20.29 30.24 28.99
CA ALA D 146 -21.10 31.38 28.58
C ALA D 146 -21.40 32.31 29.75
N THR D 147 -21.68 31.74 30.93
CA THR D 147 -22.08 32.57 32.06
C THR D 147 -20.88 33.29 32.69
N TYR D 148 -19.92 32.53 33.22
CA TYR D 148 -18.81 33.09 33.96
C TYR D 148 -17.48 32.54 33.47
N GLN D 149 -16.48 33.41 33.39
CA GLN D 149 -15.12 33.03 33.06
C GLN D 149 -14.27 33.08 34.33
N ARG D 150 -13.59 31.97 34.63
CA ARG D 150 -12.86 31.84 35.90
C ARG D 150 -11.48 32.49 35.80
N THR D 151 -11.48 33.82 35.70
CA THR D 151 -10.21 34.56 35.67
C THR D 151 -9.43 34.38 36.96
N ARG D 152 -10.09 34.00 38.05
CA ARG D 152 -9.42 33.72 39.31
C ARG D 152 -8.41 32.59 39.13
N ALA D 153 -8.79 31.54 38.40
CA ALA D 153 -7.85 30.46 38.09
C ALA D 153 -6.68 30.96 37.26
N LEU D 154 -6.96 31.82 36.29
CA LEU D 154 -5.90 32.36 35.45
C LEU D 154 -4.88 33.15 36.27
N VAL D 155 -5.36 33.96 37.23
CA VAL D 155 -4.43 34.74 38.04
C VAL D 155 -3.71 33.86 39.06
N ARG D 156 -4.35 32.79 39.54
CA ARG D 156 -3.64 31.86 40.42
C ARG D 156 -2.52 31.16 39.66
N THR D 157 -2.79 30.75 38.42
CA THR D 157 -1.74 30.19 37.58
C THR D 157 -0.82 31.26 37.01
N GLY D 158 -1.18 32.53 37.14
CA GLY D 158 -0.36 33.62 36.65
C GLY D 158 -0.52 33.91 35.18
N MET D 159 -1.36 33.15 34.47
CA MET D 159 -1.59 33.38 33.06
C MET D 159 -2.63 34.49 32.88
N ASP D 160 -2.29 35.45 32.03
CA ASP D 160 -3.00 36.72 31.97
C ASP D 160 -4.44 36.54 31.51
N PRO D 161 -5.37 37.34 32.03
CA PRO D 161 -6.80 37.16 31.72
C PRO D 161 -7.24 37.62 30.33
N ARG D 162 -6.33 37.99 29.43
CA ARG D 162 -6.73 38.28 28.05
C ARG D 162 -6.93 36.99 27.24
N MET D 163 -6.59 35.83 27.81
CA MET D 163 -6.68 34.55 27.10
C MET D 163 -7.92 33.75 27.49
N CYS D 164 -8.93 34.41 28.06
CA CYS D 164 -10.18 33.74 28.44
C CYS D 164 -10.92 33.15 27.26
N SER D 165 -10.59 33.56 26.04
CA SER D 165 -11.17 32.94 24.85
C SER D 165 -10.77 31.48 24.70
N LEU D 166 -9.72 31.04 25.39
CA LEU D 166 -9.28 29.65 25.33
C LEU D 166 -9.81 28.80 26.49
N MET D 167 -10.88 29.25 27.15
CA MET D 167 -11.42 28.57 28.32
C MET D 167 -12.57 27.64 27.97
N GLN D 168 -12.54 27.03 26.78
CA GLN D 168 -13.61 26.15 26.36
C GLN D 168 -13.58 24.84 27.15
N GLY D 169 -14.70 24.53 27.80
CA GLY D 169 -14.81 23.31 28.58
C GLY D 169 -13.93 23.28 29.81
N SER D 170 -13.87 24.38 30.56
CA SER D 170 -13.05 24.41 31.78
C SER D 170 -13.70 23.61 32.90
N THR D 171 -15.03 23.65 33.00
CA THR D 171 -15.72 22.97 34.09
C THR D 171 -15.66 21.45 33.92
N LEU D 172 -15.31 20.98 32.74
CA LEU D 172 -15.33 19.55 32.46
C LEU D 172 -14.32 18.82 33.35
N PRO D 173 -14.74 17.76 34.04
CA PRO D 173 -13.78 16.91 34.76
C PRO D 173 -13.09 15.94 33.83
N ARG D 174 -12.05 15.29 34.36
CA ARG D 174 -11.25 14.36 33.57
C ARG D 174 -12.03 13.12 33.16
N ARG D 175 -13.08 12.76 33.91
CA ARG D 175 -13.77 11.50 33.70
C ARG D 175 -14.45 11.41 32.33
N SER D 176 -14.63 12.53 31.63
CA SER D 176 -15.25 12.49 30.32
C SER D 176 -14.37 11.73 29.33
N GLY D 177 -15.00 11.12 28.34
CA GLY D 177 -14.32 10.27 27.40
C GLY D 177 -13.69 11.06 26.26
N ALA D 178 -13.48 10.36 25.13
CA ALA D 178 -12.87 10.99 23.97
C ALA D 178 -13.73 12.12 23.44
N ALA D 179 -15.05 11.93 23.39
CA ALA D 179 -15.94 13.01 23.00
C ALA D 179 -15.88 14.17 23.99
N GLY D 180 -15.82 13.85 25.28
CA GLY D 180 -15.68 14.89 26.28
C GLY D 180 -14.35 15.62 26.20
N ALA D 181 -13.28 14.89 25.87
CA ALA D 181 -11.98 15.53 25.68
C ALA D 181 -11.92 16.33 24.39
N ALA D 182 -12.78 16.02 23.42
CA ALA D 182 -12.77 16.73 22.15
C ALA D 182 -13.18 18.20 22.33
N VAL D 183 -14.17 18.46 23.18
CA VAL D 183 -14.66 19.82 23.34
C VAL D 183 -13.74 20.63 24.25
N LYS D 184 -12.87 19.97 25.01
CA LYS D 184 -12.00 20.67 25.95
C LYS D 184 -10.97 21.51 25.20
N GLY D 185 -10.97 22.82 25.48
CA GLY D 185 -10.14 23.74 24.74
C GLY D 185 -8.66 23.65 25.08
N VAL D 186 -7.85 24.35 24.28
CA VAL D 186 -6.41 24.34 24.46
C VAL D 186 -6.04 24.96 25.80
N GLY D 187 -6.64 26.11 26.12
CA GLY D 187 -6.30 26.81 27.35
C GLY D 187 -6.60 25.99 28.60
N THR D 188 -7.72 25.27 28.60
CA THR D 188 -8.06 24.44 29.75
C THR D 188 -7.05 23.31 29.94
N MET D 189 -6.63 22.69 28.83
CA MET D 189 -5.60 21.66 28.87
C MET D 189 -4.31 22.24 29.43
N VAL D 190 -3.93 23.43 28.98
CA VAL D 190 -2.77 24.11 29.55
C VAL D 190 -2.96 24.32 31.04
N MET D 191 -4.19 24.65 31.46
CA MET D 191 -4.44 24.89 32.88
C MET D 191 -4.22 23.64 33.72
N GLU D 192 -4.76 22.49 33.30
CA GLU D 192 -4.54 21.33 34.16
C GLU D 192 -3.10 20.84 34.07
N LEU D 193 -2.44 21.08 32.93
CA LEU D 193 -1.01 20.76 32.86
C LEU D 193 -0.19 21.63 33.81
N ILE D 194 -0.50 22.92 33.89
CA ILE D 194 0.15 23.80 34.84
C ILE D 194 -0.13 23.34 36.27
N ARG D 195 -1.38 22.96 36.55
CA ARG D 195 -1.70 22.45 37.88
C ARG D 195 -0.88 21.23 38.22
N MET D 196 -0.77 20.28 37.28
CA MET D 196 -0.09 19.03 37.58
C MET D 196 1.40 19.24 37.71
N ILE D 197 1.99 20.09 36.87
CA ILE D 197 3.42 20.35 37.00
C ILE D 197 3.70 21.13 38.28
N LYS D 198 2.81 22.02 38.70
CA LYS D 198 2.99 22.69 39.99
C LYS D 198 2.96 21.69 41.12
N ARG D 199 2.02 20.74 41.08
CA ARG D 199 1.97 19.70 42.10
C ARG D 199 3.22 18.84 42.07
N GLY D 200 3.78 18.60 40.89
CA GLY D 200 5.03 17.86 40.81
C GLY D 200 6.24 18.65 41.29
N ILE D 201 6.15 19.97 41.27
CA ILE D 201 7.19 20.80 41.85
C ILE D 201 7.08 20.88 43.37
N ASN D 202 5.85 20.88 43.92
CA ASN D 202 5.69 20.98 45.36
C ASN D 202 6.35 19.80 46.07
N ASP D 203 6.12 18.59 45.60
CA ASP D 203 6.63 17.38 46.22
C ASP D 203 7.22 16.47 45.15
N ARG D 204 7.92 15.42 45.61
CA ARG D 204 8.56 14.47 44.71
C ARG D 204 7.58 13.36 44.28
N ASN D 205 6.54 13.77 43.54
CA ASN D 205 5.54 12.81 43.07
C ASN D 205 6.02 11.99 41.87
N PHE D 206 7.11 12.38 41.24
CA PHE D 206 7.66 11.67 40.08
C PHE D 206 8.42 10.40 40.46
N TRP D 207 8.31 9.94 41.70
CA TRP D 207 9.02 8.74 42.12
C TRP D 207 8.46 7.52 41.40
N ARG D 208 9.12 6.39 41.59
CA ARG D 208 8.81 5.14 40.89
C ARG D 208 7.53 4.47 41.38
N GLY D 209 6.72 5.10 42.21
CA GLY D 209 5.47 4.51 42.64
C GLY D 209 4.43 4.49 41.55
N GLU D 210 3.34 3.76 41.82
CA GLU D 210 2.27 3.63 40.84
C GLU D 210 1.57 4.97 40.59
N ASN D 211 1.56 5.86 41.59
CA ASN D 211 0.96 7.17 41.41
C ASN D 211 1.69 7.95 40.33
N GLY D 212 3.03 7.92 40.36
CA GLY D 212 3.79 8.56 39.30
C GLY D 212 3.56 7.93 37.94
N ARG D 213 3.28 6.62 37.93
CA ARG D 213 3.09 5.90 36.66
C ARG D 213 1.76 6.30 36.03
N ARG D 214 0.70 6.37 36.83
CA ARG D 214 -0.56 6.93 36.32
C ARG D 214 -0.40 8.41 35.98
N THR D 215 0.45 9.14 36.71
CA THR D 215 0.71 10.53 36.37
C THR D 215 1.30 10.67 34.97
N ARG D 216 2.31 9.85 34.66
CA ARG D 216 2.96 9.99 33.36
C ARG D 216 2.08 9.49 32.24
N ILE D 217 1.27 8.44 32.49
CA ILE D 217 0.36 8.03 31.42
C ILE D 217 -0.65 9.12 31.13
N ALA D 218 -1.18 9.77 32.18
CA ALA D 218 -2.14 10.85 31.97
C ALA D 218 -1.50 12.02 31.25
N TYR D 219 -0.27 12.38 31.63
CA TYR D 219 0.40 13.51 31.00
C TYR D 219 0.67 13.23 29.53
N GLU D 220 1.12 12.01 29.22
CA GLU D 220 1.36 11.64 27.83
C GLU D 220 0.08 11.64 27.02
N ARG D 221 -1.01 11.12 27.58
CA ARG D 221 -2.29 11.13 26.87
C ARG D 221 -2.77 12.55 26.59
N MET D 222 -2.63 13.44 27.58
CA MET D 222 -3.02 14.83 27.36
C MET D 222 -2.15 15.48 26.31
N CYS D 223 -0.85 15.14 26.27
CA CYS D 223 0.00 15.65 25.20
C CYS D 223 -0.43 15.11 23.84
N ASN D 224 -0.88 13.86 23.77
CA ASN D 224 -1.40 13.34 22.52
C ASN D 224 -2.63 14.12 22.06
N ILE D 225 -3.54 14.43 22.99
CA ILE D 225 -4.69 15.27 22.63
C ILE D 225 -4.21 16.63 22.14
N LEU D 226 -3.21 17.20 22.81
CA LEU D 226 -2.67 18.50 22.42
C LEU D 226 -2.16 18.48 20.98
N LYS D 227 -1.35 17.48 20.64
CA LYS D 227 -0.86 17.41 19.26
C LYS D 227 -2.01 17.10 18.30
N GLY D 228 -3.07 16.47 18.80
CA GLY D 228 -4.21 16.17 17.95
C GLY D 228 -4.99 17.39 17.51
N LYS D 229 -5.28 18.31 18.44
CA LYS D 229 -6.24 19.36 18.11
C LYS D 229 -5.71 20.45 17.18
N PHE D 230 -4.41 20.71 17.15
CA PHE D 230 -3.91 21.80 16.32
C PHE D 230 -3.87 21.39 14.85
N GLN D 231 -3.33 22.28 14.01
CA GLN D 231 -3.22 22.03 12.57
C GLN D 231 -1.81 22.16 12.03
N THR D 232 -1.01 23.11 12.54
CA THR D 232 0.31 23.36 11.99
C THR D 232 1.36 22.45 12.63
N ALA D 233 2.33 22.02 11.82
CA ALA D 233 3.26 20.97 12.22
C ALA D 233 4.35 21.45 13.18
N ALA D 234 4.77 22.72 13.06
CA ALA D 234 5.85 23.21 13.90
C ALA D 234 5.47 23.12 15.38
N GLN D 235 4.21 23.39 15.69
CA GLN D 235 3.75 23.22 17.07
C GLN D 235 3.61 21.76 17.46
N ARG D 236 3.33 20.87 16.50
CA ARG D 236 3.46 19.44 16.80
C ARG D 236 4.87 19.13 17.29
N THR D 237 5.88 19.58 16.55
CA THR D 237 7.25 19.32 16.96
C THR D 237 7.56 19.94 18.31
N MET D 238 7.11 21.18 18.54
CA MET D 238 7.40 21.84 19.81
C MET D 238 6.77 21.10 20.98
N VAL D 239 5.49 20.69 20.84
CA VAL D 239 4.82 20.01 21.95
C VAL D 239 5.41 18.61 22.16
N ASP D 240 5.86 17.97 21.07
CA ASP D 240 6.54 16.69 21.24
C ASP D 240 7.83 16.86 22.02
N GLN D 241 8.57 17.93 21.75
CA GLN D 241 9.80 18.18 22.49
C GLN D 241 9.53 18.68 23.91
N VAL D 242 8.33 19.17 24.18
CA VAL D 242 7.95 19.48 25.56
C VAL D 242 7.76 18.19 26.35
N ARG D 243 7.14 17.18 25.71
CA ARG D 243 6.78 15.95 26.39
C ARG D 243 7.97 15.10 26.82
N GLU D 244 9.10 15.18 26.10
CA GLU D 244 10.23 14.30 26.41
C GLU D 244 10.86 14.63 27.75
N SER D 245 10.55 15.78 28.33
CA SER D 245 11.11 16.17 29.63
C SER D 245 10.58 15.22 30.71
N ARG D 246 11.46 14.38 31.25
CA ARG D 246 11.05 13.44 32.28
C ARG D 246 10.76 14.15 33.60
N ASN D 247 11.33 15.32 33.81
CA ASN D 247 11.09 16.13 35.01
C ASN D 247 10.62 17.52 34.60
N PRO D 248 9.31 17.74 34.51
CA PRO D 248 8.80 19.06 34.11
C PRO D 248 8.98 20.08 35.22
N GLY D 249 9.74 21.14 34.92
CA GLY D 249 9.99 22.18 35.89
C GLY D 249 9.43 23.53 35.48
N ASN D 250 10.17 24.60 35.76
CA ASN D 250 9.72 25.95 35.41
C ASN D 250 9.89 26.28 33.94
N ALA D 251 10.82 25.62 33.25
CA ALA D 251 11.01 25.86 31.82
C ALA D 251 9.77 25.43 31.03
N GLU D 252 9.23 24.26 31.36
CA GLU D 252 8.03 23.77 30.68
C GLU D 252 6.81 24.60 31.02
N PHE D 253 6.79 25.21 32.21
CA PHE D 253 5.78 26.21 32.55
C PHE D 253 5.76 27.32 31.50
N GLU D 254 6.92 27.91 31.23
CA GLU D 254 7.01 28.96 30.23
C GLU D 254 6.72 28.43 28.84
N ASP D 255 7.11 27.19 28.57
CA ASP D 255 6.87 26.58 27.26
C ASP D 255 5.38 26.49 26.98
N LEU D 256 4.60 26.03 27.96
CA LEU D 256 3.15 26.00 27.82
C LEU D 256 2.54 27.41 27.76
N ILE D 257 3.11 28.37 28.49
CA ILE D 257 2.66 29.75 28.35
C ILE D 257 2.81 30.24 26.91
N PHE D 258 3.98 30.05 26.31
CA PHE D 258 4.19 30.45 24.92
C PHE D 258 3.30 29.64 23.99
N LEU D 259 3.02 28.39 24.32
CA LEU D 259 2.08 27.59 23.55
C LEU D 259 0.71 28.26 23.52
N ALA D 260 0.26 28.78 24.66
CA ALA D 260 -1.01 29.49 24.71
C ALA D 260 -0.98 30.77 23.89
N ARG D 261 0.09 31.57 24.05
CA ARG D 261 0.20 32.80 23.26
C ARG D 261 0.23 32.52 21.76
N SER D 262 0.82 31.39 21.36
CA SER D 262 0.82 31.02 19.94
C SER D 262 -0.56 30.54 19.51
N ALA D 263 -1.24 29.77 20.36
CA ALA D 263 -2.54 29.22 20.02
C ALA D 263 -3.63 30.28 19.92
N LEU D 264 -3.39 31.47 20.47
CA LEU D 264 -4.37 32.54 20.29
C LEU D 264 -4.67 32.79 18.82
N ILE D 265 -3.64 32.90 17.99
CA ILE D 265 -3.84 33.09 16.55
C ILE D 265 -3.86 31.76 15.81
N LEU D 266 -2.90 30.89 16.12
CA LEU D 266 -2.89 29.53 15.58
C LEU D 266 -3.87 28.68 16.41
N ARG D 267 -5.15 29.01 16.25
CA ARG D 267 -6.18 28.35 17.04
C ARG D 267 -6.30 26.88 16.68
N GLY D 268 -6.54 26.07 17.71
CA GLY D 268 -6.75 24.65 17.51
C GLY D 268 -8.21 24.32 17.26
N SER D 269 -8.43 23.41 16.32
CA SER D 269 -9.78 22.95 15.99
C SER D 269 -10.29 22.05 17.10
N VAL D 270 -10.84 22.64 18.16
CA VAL D 270 -11.15 21.86 19.35
C VAL D 270 -12.46 21.11 19.19
N ALA D 271 -13.58 21.83 19.19
CA ALA D 271 -14.91 21.30 18.93
C ALA D 271 -15.91 22.43 19.09
N HIS D 272 -17.11 22.21 18.55
CA HIS D 272 -18.25 23.09 18.83
C HIS D 272 -19.54 22.30 18.97
N LYS D 273 -19.50 21.20 19.73
CA LYS D 273 -20.68 20.37 19.94
C LYS D 273 -21.84 21.17 20.51
N SER D 274 -23.02 21.05 19.89
CA SER D 274 -24.19 21.83 20.27
C SER D 274 -25.17 20.96 21.06
N CYS D 275 -24.96 20.94 22.38
CA CYS D 275 -25.89 20.27 23.27
C CYS D 275 -26.98 21.24 23.72
N LEU D 276 -28.17 20.71 23.99
CA LEU D 276 -29.33 21.61 24.26
C LEU D 276 -30.02 21.25 25.58
N PRO D 277 -31.02 22.06 26.03
CA PRO D 277 -31.75 21.78 27.27
C PRO D 277 -32.50 20.44 27.26
N ALA D 278 -32.39 19.68 28.35
CA ALA D 278 -33.11 18.42 28.47
C ALA D 278 -34.61 18.59 28.34
N CYS D 279 -35.16 19.74 28.73
CA CYS D 279 -36.58 20.00 28.54
C CYS D 279 -36.95 19.98 27.06
N VAL D 280 -36.10 20.55 26.22
CA VAL D 280 -36.36 20.54 24.78
C VAL D 280 -36.37 19.14 24.21
N TYR D 281 -35.40 18.29 24.57
CA TYR D 281 -35.42 16.90 24.11
C TYR D 281 -36.64 16.15 24.64
N GLY D 282 -37.00 16.35 25.90
CA GLY D 282 -38.19 15.73 26.44
C GLY D 282 -39.48 16.12 25.76
N SER D 283 -39.64 17.40 25.44
CA SER D 283 -40.82 17.86 24.71
C SER D 283 -40.88 17.25 23.31
N ALA D 284 -39.74 17.17 22.63
CA ALA D 284 -39.69 16.59 21.29
C ALA D 284 -40.02 15.10 21.32
N VAL D 285 -39.46 14.38 22.30
CA VAL D 285 -39.70 12.94 22.38
C VAL D 285 -41.15 12.66 22.77
N ALA D 286 -41.71 13.46 23.68
CA ALA D 286 -43.08 13.24 24.12
C ALA D 286 -44.07 13.41 22.97
N SER D 287 -43.76 14.30 22.03
CA SER D 287 -44.62 14.52 20.88
C SER D 287 -44.61 13.37 19.88
N GLY D 288 -43.70 12.41 20.04
CA GLY D 288 -43.64 11.27 19.14
C GLY D 288 -42.63 11.37 18.02
N TYR D 289 -41.74 12.37 18.06
CA TYR D 289 -40.73 12.54 17.02
C TYR D 289 -39.55 11.61 17.33
N ASP D 290 -39.61 10.41 16.76
CA ASP D 290 -38.55 9.42 16.96
C ASP D 290 -37.32 9.82 16.17
N PHE D 291 -36.20 9.98 16.87
CA PHE D 291 -34.96 10.39 16.21
C PHE D 291 -34.25 9.23 15.51
N GLU D 292 -34.53 8.00 15.94
CA GLU D 292 -33.88 6.84 15.32
C GLU D 292 -34.33 6.65 13.88
N ARG D 293 -35.60 6.93 13.60
CA ARG D 293 -36.15 6.67 12.28
C ARG D 293 -35.62 7.66 11.24
N GLU D 294 -35.84 8.96 11.49
CA GLU D 294 -35.43 9.98 10.54
C GLU D 294 -33.98 10.40 10.69
N GLY D 295 -33.30 9.99 11.75
CA GLY D 295 -31.91 10.34 11.96
C GLY D 295 -31.73 11.64 12.70
N TYR D 296 -30.62 11.76 13.43
CA TYR D 296 -30.31 12.98 14.18
C TYR D 296 -28.81 13.20 14.18
N SER D 297 -28.42 14.48 14.25
CA SER D 297 -27.02 14.85 14.30
C SER D 297 -26.87 16.05 15.23
N LEU D 298 -25.69 16.17 15.83
CA LEU D 298 -25.40 17.24 16.78
C LEU D 298 -24.65 18.40 16.14
N VAL D 299 -24.41 18.36 14.83
CA VAL D 299 -23.69 19.41 14.13
C VAL D 299 -24.50 20.00 12.99
N GLY D 300 -25.43 19.25 12.40
CA GLY D 300 -26.16 19.67 11.24
C GLY D 300 -27.36 20.54 11.57
N ILE D 301 -28.36 20.48 10.67
CA ILE D 301 -29.56 21.30 10.80
C ILE D 301 -30.43 20.85 11.97
N ASP D 302 -30.23 19.62 12.45
CA ASP D 302 -31.15 19.05 13.44
C ASP D 302 -31.29 19.91 14.70
N PRO D 303 -30.20 20.28 15.40
CA PRO D 303 -30.38 21.16 16.57
C PRO D 303 -31.01 22.49 16.23
N PHE D 304 -30.87 22.95 14.99
CA PHE D 304 -31.54 24.15 14.50
C PHE D 304 -33.03 23.92 14.25
N ARG D 305 -33.41 22.76 13.68
CA ARG D 305 -34.79 22.59 13.26
C ARG D 305 -35.71 22.31 14.44
N LEU D 306 -35.17 21.76 15.53
CA LEU D 306 -36.00 21.48 16.70
C LEU D 306 -36.33 22.75 17.49
N LEU D 307 -35.43 23.73 17.49
CA LEU D 307 -35.62 24.91 18.33
C LEU D 307 -36.60 25.91 17.73
N GLN D 308 -36.93 25.79 16.44
CA GLN D 308 -37.85 26.75 15.83
C GLN D 308 -39.26 26.60 16.38
N ASN D 309 -39.60 25.42 16.91
CA ASN D 309 -40.91 25.14 17.47
C ASN D 309 -40.80 24.65 18.91
N SER D 310 -39.85 25.19 19.65
CA SER D 310 -39.62 24.82 21.05
C SER D 310 -39.90 26.02 21.95
N GLN D 311 -40.56 25.75 23.07
CA GLN D 311 -40.90 26.78 24.05
C GLN D 311 -40.23 26.45 25.37
N VAL D 312 -39.52 27.43 25.94
CA VAL D 312 -38.80 27.26 27.20
C VAL D 312 -39.14 28.42 28.11
N TYR D 313 -39.45 28.09 29.37
CA TYR D 313 -39.73 29.09 30.40
C TYR D 313 -38.55 29.16 31.36
N SER D 314 -38.35 30.34 31.94
CA SER D 314 -37.25 30.54 32.86
C SER D 314 -37.60 31.62 33.86
N LEU D 315 -36.90 31.59 34.99
CA LEU D 315 -37.07 32.58 36.06
C LEU D 315 -36.12 33.75 35.85
N ILE D 316 -36.63 34.95 36.16
CA ILE D 316 -35.91 36.19 35.89
C ILE D 316 -36.10 37.13 37.07
N ARG D 317 -35.03 37.80 37.48
CA ARG D 317 -35.04 38.77 38.58
C ARG D 317 -35.90 39.96 38.22
N PRO D 318 -36.40 40.72 39.20
CA PRO D 318 -37.19 41.92 38.87
C PRO D 318 -36.40 43.01 38.16
N ASN D 319 -35.09 42.82 37.96
CA ASN D 319 -34.25 43.79 37.26
C ASN D 319 -33.68 43.23 35.97
N GLU D 320 -33.59 41.91 35.85
CA GLU D 320 -32.97 41.27 34.69
C GLU D 320 -33.78 41.52 33.41
N ASN D 321 -33.08 41.74 32.32
CA ASN D 321 -33.72 41.94 31.02
C ASN D 321 -34.00 40.59 30.36
N PRO D 322 -35.29 40.26 30.13
CA PRO D 322 -35.61 39.00 29.46
C PRO D 322 -35.05 38.91 28.05
N ALA D 323 -34.95 40.05 27.37
CA ALA D 323 -34.35 40.08 26.04
C ALA D 323 -32.89 39.67 26.06
N HIS D 324 -32.12 40.13 27.04
CA HIS D 324 -30.74 39.68 27.19
C HIS D 324 -30.67 38.21 27.59
N LYS D 325 -31.56 37.77 28.49
CA LYS D 325 -31.52 36.39 28.96
C LYS D 325 -31.82 35.40 27.83
N SER D 326 -32.77 35.72 26.97
CA SER D 326 -33.07 34.82 25.85
C SER D 326 -31.86 34.67 24.93
N GLN D 327 -31.21 35.79 24.61
CA GLN D 327 -30.02 35.74 23.77
C GLN D 327 -28.89 34.95 24.44
N LEU D 328 -28.69 35.17 25.74
CA LEU D 328 -27.65 34.44 26.45
C LEU D 328 -27.94 32.94 26.49
N VAL D 329 -29.20 32.57 26.71
CA VAL D 329 -29.57 31.15 26.73
C VAL D 329 -29.32 30.53 25.35
N TRP D 330 -29.73 31.22 24.29
CA TRP D 330 -29.50 30.71 22.95
C TRP D 330 -28.01 30.55 22.66
N MET D 331 -27.21 31.56 23.04
CA MET D 331 -25.77 31.50 22.79
C MET D 331 -25.11 30.39 23.60
N ALA D 332 -25.53 30.19 24.85
CA ALA D 332 -24.98 29.11 25.65
C ALA D 332 -25.35 27.76 25.08
N CYS D 333 -26.59 27.62 24.60
CA CYS D 333 -27.01 26.37 23.97
C CYS D 333 -26.20 26.08 22.72
N HIS D 334 -25.93 27.10 21.91
CA HIS D 334 -25.21 26.94 20.66
C HIS D 334 -23.71 27.07 20.82
N SER D 335 -23.22 27.32 22.05
CA SER D 335 -21.80 27.39 22.36
C SER D 335 -21.08 28.40 21.48
N ALA D 336 -21.50 29.67 21.61
CA ALA D 336 -20.91 30.77 20.85
C ALA D 336 -20.26 31.79 21.79
N ALA D 337 -19.82 31.34 22.97
CA ALA D 337 -19.20 32.25 23.93
C ALA D 337 -17.86 32.77 23.45
N PHE D 338 -17.16 32.02 22.62
CA PHE D 338 -15.85 32.41 22.12
C PHE D 338 -15.87 32.72 20.62
N GLU D 339 -17.06 32.77 20.01
CA GLU D 339 -17.20 33.08 18.60
C GLU D 339 -17.24 34.59 18.40
N ASP D 340 -17.61 35.00 17.18
CA ASP D 340 -17.70 36.40 16.82
C ASP D 340 -19.10 36.92 17.16
N LEU D 341 -19.16 38.07 17.81
CA LEU D 341 -20.45 38.71 18.09
C LEU D 341 -21.17 39.07 16.81
N ARG D 342 -20.43 39.54 15.81
CA ARG D 342 -21.02 39.98 14.55
C ARG D 342 -21.64 38.79 13.81
N VAL D 343 -20.93 37.67 13.75
CA VAL D 343 -21.48 36.47 13.12
C VAL D 343 -22.66 35.94 13.89
N SER D 344 -22.61 36.01 15.23
CA SER D 344 -23.75 35.58 16.04
C SER D 344 -24.97 36.45 15.78
N SER D 345 -24.76 37.77 15.63
CA SER D 345 -25.87 38.66 15.31
C SER D 345 -26.44 38.34 13.94
N PHE D 346 -25.59 38.03 12.96
CA PHE D 346 -26.08 37.67 11.64
C PHE D 346 -26.89 36.38 11.69
N ILE D 347 -26.38 35.35 12.38
CA ILE D 347 -27.06 34.06 12.42
C ILE D 347 -28.35 34.15 13.23
N ARG D 348 -28.40 35.02 14.24
CA ARG D 348 -29.58 35.13 15.06
C ARG D 348 -30.62 36.06 14.43
N GLY D 349 -30.16 37.14 13.81
CA GLY D 349 -31.03 38.11 13.17
C GLY D 349 -31.18 39.41 13.91
N THR D 350 -30.80 39.45 15.20
CA THR D 350 -30.84 40.67 15.99
C THR D 350 -29.49 40.89 16.65
N LYS D 351 -29.24 42.12 17.05
CA LYS D 351 -27.97 42.49 17.64
C LYS D 351 -27.74 41.74 18.95
N VAL D 352 -26.52 41.25 19.13
CA VAL D 352 -26.14 40.52 20.33
C VAL D 352 -25.37 41.46 21.25
N VAL D 353 -25.87 41.64 22.46
CA VAL D 353 -25.26 42.54 23.44
C VAL D 353 -24.03 41.88 24.04
N PRO D 354 -22.87 42.54 24.05
CA PRO D 354 -21.69 41.95 24.66
C PRO D 354 -21.80 41.91 26.17
N ARG D 355 -20.86 41.20 26.80
CA ARG D 355 -20.87 41.02 28.25
C ARG D 355 -20.69 42.33 29.02
N GLY D 356 -20.17 43.37 28.36
CA GLY D 356 -19.93 44.62 29.06
C GLY D 356 -21.20 45.26 29.59
N LYS D 357 -22.29 45.21 28.81
CA LYS D 357 -23.53 45.86 29.17
C LYS D 357 -24.71 44.87 29.28
N LEU D 358 -24.44 43.67 29.78
CA LEU D 358 -25.52 42.72 30.06
C LEU D 358 -26.17 43.06 31.39
N SER D 359 -27.43 43.49 31.36
CA SER D 359 -28.16 43.83 32.58
C SER D 359 -28.91 42.60 33.08
N THR D 360 -28.15 41.52 33.22
CA THR D 360 -28.66 40.24 33.72
C THR D 360 -27.59 39.64 34.62
N ARG D 361 -27.93 38.49 35.23
CA ARG D 361 -27.00 37.75 36.07
C ARG D 361 -26.96 36.29 35.64
N GLY D 362 -26.30 35.45 36.44
CA GLY D 362 -26.21 34.05 36.11
C GLY D 362 -27.57 33.37 36.07
N VAL D 363 -27.67 32.35 35.21
CA VAL D 363 -28.94 31.65 35.03
C VAL D 363 -29.35 30.96 36.32
N GLN D 364 -28.41 30.29 36.98
CA GLN D 364 -28.72 29.59 38.22
C GLN D 364 -29.04 30.60 39.33
N ILE D 365 -29.96 30.21 40.21
CA ILE D 365 -30.45 31.07 41.29
C ILE D 365 -29.70 30.73 42.57
N ALA D 366 -29.21 31.76 43.25
CA ALA D 366 -28.52 31.56 44.52
C ALA D 366 -29.46 30.99 45.57
N SER D 367 -28.92 30.16 46.45
CA SER D 367 -29.72 29.47 47.46
C SER D 367 -30.26 30.42 48.53
N ASN D 368 -29.75 31.65 48.62
CA ASN D 368 -30.19 32.58 49.65
C ASN D 368 -31.17 33.63 49.15
N GLU D 369 -31.37 33.74 47.85
CA GLU D 369 -32.27 34.75 47.30
C GLU D 369 -33.72 34.45 47.65
N ASN D 370 -34.51 35.51 47.86
CA ASN D 370 -35.90 35.35 48.23
C ASN D 370 -36.73 34.87 47.04
N MET D 371 -37.87 34.25 47.36
CA MET D 371 -38.76 33.71 46.36
C MET D 371 -39.79 34.70 45.82
N GLU D 372 -39.88 35.89 46.40
CA GLU D 372 -40.93 36.82 46.01
C GLU D 372 -40.52 37.65 44.80
N THR D 373 -39.22 37.67 44.48
CA THR D 373 -38.70 38.62 43.50
C THR D 373 -38.78 38.14 42.06
N MET D 374 -38.46 36.87 41.78
CA MET D 374 -38.33 36.40 40.41
C MET D 374 -39.69 36.09 39.82
N GLU D 375 -39.76 36.13 38.48
CA GLU D 375 -40.98 35.84 37.73
C GLU D 375 -40.64 34.94 36.55
N SER D 376 -41.62 34.17 36.11
CA SER D 376 -41.43 33.29 34.97
C SER D 376 -41.71 34.01 33.66
N SER D 377 -40.94 33.66 32.63
CA SER D 377 -41.13 34.25 31.31
C SER D 377 -40.57 33.33 30.25
N THR D 378 -41.04 33.53 29.02
CA THR D 378 -40.60 32.72 27.89
C THR D 378 -39.19 33.07 27.47
N LEU D 379 -38.52 32.13 26.82
CA LEU D 379 -37.20 32.32 26.26
C LEU D 379 -37.29 32.22 24.74
N GLU D 380 -36.73 33.22 24.05
CA GLU D 380 -36.73 33.25 22.60
C GLU D 380 -35.47 32.56 22.08
N LEU D 381 -35.66 31.53 21.25
CA LEU D 381 -34.55 30.76 20.69
C LEU D 381 -34.51 30.74 19.18
N ARG D 382 -35.59 31.15 18.50
CA ARG D 382 -35.64 31.09 17.05
C ARG D 382 -34.60 32.02 16.43
N SER D 383 -33.96 31.54 15.37
CA SER D 383 -32.97 32.30 14.62
C SER D 383 -33.38 32.37 13.16
N ARG D 384 -33.00 33.47 12.50
CA ARG D 384 -33.40 33.67 11.10
C ARG D 384 -32.72 32.66 10.19
N TYR D 385 -31.48 32.27 10.50
CA TYR D 385 -30.69 31.40 9.64
C TYR D 385 -30.09 30.26 10.46
N TRP D 386 -29.45 29.33 9.75
CA TRP D 386 -28.73 28.23 10.36
C TRP D 386 -27.37 28.09 9.69
N ALA D 387 -26.39 27.59 10.45
CA ALA D 387 -25.03 27.45 9.96
C ALA D 387 -24.44 26.15 10.49
N ILE D 388 -23.17 25.92 10.16
CA ILE D 388 -22.46 24.73 10.60
C ILE D 388 -21.21 25.14 11.35
N ARG D 389 -21.00 24.54 12.51
CA ARG D 389 -19.86 24.81 13.38
C ARG D 389 -18.83 23.70 13.14
N THR D 390 -18.02 23.86 12.11
CA THR D 390 -17.01 22.88 11.78
C THR D 390 -15.88 22.90 12.80
N ARG D 391 -15.23 21.74 12.97
CA ARG D 391 -14.07 21.66 13.83
C ARG D 391 -12.79 21.84 13.01
N SER D 392 -12.59 23.05 12.48
CA SER D 392 -11.41 23.40 11.73
C SER D 392 -10.90 24.77 12.19
N GLY D 393 -9.88 25.27 11.51
CA GLY D 393 -9.29 26.56 11.83
C GLY D 393 -9.49 27.55 10.70
N GLY D 394 -9.16 28.80 10.99
CA GLY D 394 -9.25 29.86 9.99
C GLY D 394 -8.35 29.60 8.79
N ASN D 395 -8.76 30.12 7.62
CA ASN D 395 -7.98 29.88 6.41
C ASN D 395 -6.63 30.60 6.45
N THR D 396 -6.43 31.48 7.41
CA THR D 396 -5.21 32.27 7.51
C THR D 396 -3.98 31.39 7.70
N ASN D 397 -4.12 30.30 8.47
CA ASN D 397 -3.00 29.38 8.66
C ASN D 397 -2.62 28.70 7.35
N GLN D 398 -3.62 28.31 6.56
CA GLN D 398 -3.34 27.71 5.25
C GLN D 398 -2.77 28.75 4.29
N GLN D 399 -3.14 30.01 4.47
CA GLN D 399 -2.54 31.07 3.67
C GLN D 399 -1.06 31.24 4.01
N ARG D 400 -0.72 31.17 5.30
CA ARG D 400 0.68 31.24 5.71
C ARG D 400 1.46 30.04 5.20
N ALA D 401 0.86 28.85 5.31
CA ALA D 401 1.49 27.61 4.85
C ALA D 401 0.50 26.89 3.93
N SER D 402 0.77 26.94 2.63
CA SER D 402 -0.17 26.42 1.64
C SER D 402 -0.15 24.89 1.63
N SER D 403 -0.86 24.32 0.65
CA SER D 403 -0.93 22.88 0.49
C SER D 403 -0.77 22.53 -0.99
N GLY D 404 -0.36 21.30 -1.25
CA GLY D 404 -0.18 20.84 -2.61
C GLY D 404 0.71 19.61 -2.73
N GLN D 405 0.89 19.14 -3.96
CA GLN D 405 1.70 17.95 -4.20
C GLN D 405 3.17 18.24 -3.93
N ILE D 406 3.85 17.25 -3.35
CA ILE D 406 5.25 17.40 -2.95
C ILE D 406 6.11 16.34 -3.65
N SER D 407 5.52 15.19 -3.97
CA SER D 407 6.25 14.11 -4.62
C SER D 407 5.48 13.69 -5.87
N ILE D 408 6.18 12.97 -6.74
CA ILE D 408 5.62 12.58 -8.03
C ILE D 408 5.48 11.06 -8.07
N GLN D 409 4.36 10.60 -8.62
CA GLN D 409 4.07 9.17 -8.72
C GLN D 409 4.35 8.71 -10.14
N PRO D 410 5.44 7.95 -10.37
CA PRO D 410 5.74 7.52 -11.74
C PRO D 410 4.68 6.60 -12.30
N THR D 411 3.97 7.09 -13.32
CA THR D 411 2.89 6.36 -13.96
C THR D 411 3.34 5.61 -15.21
N PHE D 412 3.94 6.31 -16.17
CA PHE D 412 4.45 5.72 -17.41
C PHE D 412 5.96 5.56 -17.24
N SER D 413 6.46 4.37 -17.58
CA SER D 413 7.89 4.11 -17.47
C SER D 413 8.64 4.85 -18.57
N VAL D 414 9.23 5.98 -18.20
CA VAL D 414 9.98 6.82 -19.13
C VAL D 414 11.27 7.24 -18.46
N GLN D 415 12.35 7.30 -19.23
CA GLN D 415 13.65 7.68 -18.68
C GLN D 415 13.62 9.15 -18.28
N ARG D 416 13.33 9.41 -17.00
CA ARG D 416 13.14 10.77 -16.52
C ARG D 416 13.56 10.85 -15.07
N ASN D 417 13.85 12.07 -14.63
CA ASN D 417 13.99 12.35 -13.22
C ASN D 417 12.63 12.29 -12.54
N LEU D 418 12.63 11.96 -11.25
CA LEU D 418 11.39 11.97 -10.49
C LEU D 418 11.46 13.05 -9.42
N PRO D 419 10.97 14.25 -9.71
CA PRO D 419 11.07 15.35 -8.76
C PRO D 419 10.48 15.02 -7.39
N PHE D 420 11.13 15.56 -6.35
CA PHE D 420 10.59 15.55 -5.00
C PHE D 420 11.16 16.75 -4.27
N ASP D 421 10.30 17.47 -3.55
CA ASP D 421 10.69 18.74 -2.95
C ASP D 421 11.52 18.49 -1.69
N ARG D 422 12.85 18.49 -1.85
CA ARG D 422 13.77 18.24 -0.74
C ARG D 422 13.63 19.24 0.40
N PRO D 423 13.61 20.56 0.15
CA PRO D 423 13.53 21.51 1.28
C PRO D 423 12.25 21.40 2.09
N THR D 424 11.21 20.74 1.57
CA THR D 424 9.98 20.51 2.31
C THR D 424 9.95 19.13 2.96
N ILE D 425 10.42 18.10 2.25
CA ILE D 425 10.47 16.76 2.81
C ILE D 425 11.43 16.70 4.00
N MET D 426 12.61 17.32 3.85
CA MET D 426 13.56 17.37 4.94
C MET D 426 13.01 18.15 6.12
N ALA D 427 12.30 19.25 5.84
CA ALA D 427 11.67 20.02 6.91
C ALA D 427 10.58 19.21 7.61
N ALA D 428 9.92 18.30 6.88
CA ALA D 428 8.95 17.42 7.52
C ALA D 428 9.60 16.48 8.52
N PHE D 429 10.76 15.91 8.15
CA PHE D 429 11.51 15.06 9.06
C PHE D 429 12.30 15.84 10.10
N THR D 430 12.63 17.10 9.82
CA THR D 430 13.56 17.88 10.63
C THR D 430 14.86 17.10 10.85
N GLY D 431 15.58 16.89 9.74
CA GLY D 431 16.82 16.14 9.74
C GLY D 431 17.78 16.56 10.84
N ASN D 432 17.96 17.87 10.99
CA ASN D 432 18.62 18.45 12.16
C ASN D 432 17.54 18.72 13.19
N THR D 433 17.44 17.85 14.19
CA THR D 433 16.35 17.95 15.16
C THR D 433 16.44 19.25 15.93
N GLU D 434 15.27 19.79 16.28
CA GLU D 434 15.19 21.06 16.98
C GLU D 434 15.93 20.99 18.30
N GLY D 435 16.75 22.00 18.57
CA GLY D 435 17.54 22.03 19.78
C GLY D 435 16.73 22.19 21.06
N ARG D 436 15.83 23.17 21.07
CA ARG D 436 15.03 23.47 22.26
C ARG D 436 13.69 24.00 21.82
N THR D 437 12.99 24.66 22.75
CA THR D 437 11.71 25.28 22.43
C THR D 437 11.90 26.64 21.76
N SER D 438 13.01 27.31 22.04
CA SER D 438 13.19 28.69 21.59
C SER D 438 13.31 28.77 20.06
N ASP D 439 13.93 27.78 19.44
CA ASP D 439 14.07 27.81 17.99
C ASP D 439 12.70 27.73 17.32
N MET D 440 11.79 26.92 17.88
CA MET D 440 10.43 26.90 17.36
C MET D 440 9.66 28.16 17.74
N ARG D 441 10.00 28.76 18.88
CA ARG D 441 9.42 30.05 19.26
C ARG D 441 9.74 31.11 18.21
N THR D 442 10.93 31.03 17.61
CA THR D 442 11.32 31.99 16.58
C THR D 442 10.39 31.92 15.37
N GLU D 443 10.13 30.70 14.87
CA GLU D 443 9.21 30.60 13.73
C GLU D 443 7.77 30.90 14.14
N ILE D 444 7.43 30.63 15.40
CA ILE D 444 6.11 31.09 15.89
C ILE D 444 6.00 32.61 15.79
N ILE D 445 7.07 33.31 16.18
CA ILE D 445 7.07 34.78 16.12
C ILE D 445 6.99 35.25 14.68
N ARG D 446 7.73 34.62 13.77
CA ARG D 446 7.69 35.09 12.38
C ARG D 446 6.34 34.79 11.73
N LEU D 447 5.70 33.67 12.09
CA LEU D 447 4.34 33.41 11.61
C LEU D 447 3.36 34.42 12.19
N MET D 448 3.54 34.81 13.45
CA MET D 448 2.73 35.87 14.04
C MET D 448 2.90 37.17 13.27
N GLU D 449 4.14 37.49 12.89
CA GLU D 449 4.38 38.68 12.08
C GLU D 449 3.73 38.57 10.72
N SER D 450 3.73 37.38 10.12
CA SER D 450 3.05 37.18 8.84
C SER D 450 1.53 37.20 9.02
N ALA D 451 1.05 36.93 10.22
CA ALA D 451 -0.37 36.93 10.49
C ALA D 451 -0.95 38.34 10.36
N ARG D 452 -2.19 38.41 9.88
CA ARG D 452 -2.89 39.67 9.71
C ARG D 452 -4.30 39.58 10.28
N PRO D 453 -4.89 40.69 10.74
CA PRO D 453 -6.24 40.62 11.30
C PRO D 453 -7.32 40.77 10.25
N GLU D 454 -6.93 40.95 8.98
CA GLU D 454 -7.88 41.09 7.89
C GLU D 454 -7.97 39.87 7.00
N ASP D 455 -7.41 38.74 7.40
CA ASP D 455 -7.46 37.51 6.60
C ASP D 455 -8.89 36.98 6.61
N VAL D 456 -9.54 36.98 5.45
CA VAL D 456 -10.92 36.53 5.33
C VAL D 456 -10.99 35.01 5.51
N SER D 457 -12.17 34.51 5.85
CA SER D 457 -12.38 33.08 6.07
C SER D 457 -13.63 32.65 5.30
N PHE D 458 -13.92 31.35 5.38
CA PHE D 458 -15.07 30.75 4.70
C PHE D 458 -15.02 31.00 3.19
N GLN D 459 -13.94 30.50 2.59
CA GLN D 459 -13.76 30.58 1.13
C GLN D 459 -14.45 29.38 0.50
N GLY D 460 -15.76 29.50 0.32
CA GLY D 460 -16.58 28.42 -0.19
C GLY D 460 -17.65 27.94 0.77
N ARG D 461 -17.74 28.50 1.98
CA ARG D 461 -18.77 28.16 2.94
C ARG D 461 -19.51 29.44 3.34
N GLY D 462 -20.82 29.31 3.58
CA GLY D 462 -21.63 30.45 3.96
C GLY D 462 -22.77 30.05 4.85
N VAL D 463 -23.54 31.07 5.28
CA VAL D 463 -24.71 30.88 6.12
C VAL D 463 -25.91 30.58 5.23
N PHE D 464 -26.71 29.61 5.63
CA PHE D 464 -27.77 29.06 4.81
C PHE D 464 -29.13 29.54 5.34
N GLU D 465 -30.16 29.30 4.54
CA GLU D 465 -31.53 29.59 4.93
C GLU D 465 -32.17 28.37 5.57
N LEU D 466 -33.16 28.62 6.43
CA LEU D 466 -33.81 27.53 7.16
C LEU D 466 -34.59 26.60 6.24
N SER D 467 -35.14 27.13 5.15
CA SER D 467 -36.00 26.33 4.29
C SER D 467 -35.24 25.25 3.52
N ASP D 468 -33.92 25.33 3.46
CA ASP D 468 -33.10 24.36 2.75
C ASP D 468 -32.68 23.24 3.71
N GLU D 469 -32.73 22.00 3.23
CA GLU D 469 -32.43 20.85 4.07
C GLU D 469 -31.20 20.06 3.60
N LYS D 470 -30.88 20.09 2.32
CA LYS D 470 -29.80 19.27 1.77
C LYS D 470 -28.55 20.09 1.44
N ALA D 471 -28.38 21.26 2.04
CA ALA D 471 -27.19 22.08 1.89
C ALA D 471 -26.96 22.46 0.41
N THR D 472 -27.90 23.28 -0.09
CA THR D 472 -27.92 23.64 -1.51
C THR D 472 -27.19 24.94 -1.81
N SER D 473 -27.66 26.06 -1.24
CA SER D 473 -27.20 27.38 -1.70
C SER D 473 -26.94 28.34 -0.54
N PRO D 474 -25.79 29.00 -0.51
CA PRO D 474 -25.51 29.96 0.57
C PRO D 474 -25.85 31.40 0.22
N ILE D 475 -25.80 32.26 1.22
CA ILE D 475 -25.68 33.71 1.04
C ILE D 475 -24.45 34.14 1.82
N VAL D 476 -23.48 34.73 1.13
CA VAL D 476 -22.23 35.12 1.76
C VAL D 476 -22.44 36.44 2.48
N PRO D 477 -22.30 36.48 3.80
CA PRO D 477 -22.54 37.74 4.53
C PRO D 477 -21.45 38.77 4.24
N SER D 478 -21.84 40.04 4.37
CA SER D 478 -20.94 41.15 4.12
C SER D 478 -21.20 42.20 5.20
N PHE D 479 -20.25 42.35 6.12
CA PHE D 479 -20.40 43.23 7.27
C PHE D 479 -19.52 44.46 7.07
N ASP D 480 -20.14 45.64 7.13
CA ASP D 480 -19.43 46.91 6.97
C ASP D 480 -19.81 47.91 8.06
N MET D 481 -20.20 47.44 9.24
CA MET D 481 -20.60 48.32 10.33
C MET D 481 -19.43 48.72 11.22
N SER D 482 -18.35 49.17 10.56
CA SER D 482 -17.18 49.75 11.20
C SER D 482 -16.61 48.88 12.32
N ASN D 483 -16.60 49.41 13.55
CA ASN D 483 -15.91 48.78 14.67
C ASN D 483 -16.83 48.60 15.86
N GLU D 484 -18.01 48.00 15.66
CA GLU D 484 -18.92 47.72 16.75
C GLU D 484 -18.25 46.85 17.80
N GLY D 485 -17.28 46.04 17.39
CA GLY D 485 -16.49 45.27 18.32
C GLY D 485 -16.79 43.78 18.31
N SER D 486 -15.93 42.99 17.68
CA SER D 486 -16.08 41.54 17.68
C SER D 486 -15.45 40.88 18.90
N TYR D 487 -15.73 41.41 20.09
CA TYR D 487 -15.15 40.95 21.36
C TYR D 487 -16.31 40.82 22.34
N PHE D 488 -16.71 39.58 22.63
CA PHE D 488 -17.73 39.36 23.64
C PHE D 488 -17.28 39.80 25.03
N PHE D 489 -15.98 39.76 25.30
CA PHE D 489 -15.43 40.17 26.58
C PHE D 489 -14.58 41.43 26.40
N GLY D 490 -14.76 42.38 27.31
CA GLY D 490 -14.03 43.63 27.24
C GLY D 490 -14.77 44.73 26.50
N ASN E 21 28.86 -50.19 -11.82
CA ASN E 21 29.75 -50.09 -12.97
C ASN E 21 29.61 -48.75 -13.68
N ALA E 22 30.71 -48.26 -14.24
CA ALA E 22 30.71 -46.99 -14.94
C ALA E 22 30.86 -47.13 -16.45
N THR E 23 31.22 -48.32 -16.95
CA THR E 23 31.40 -48.51 -18.38
C THR E 23 30.09 -48.36 -19.14
N GLU E 24 28.98 -48.85 -18.57
CA GLU E 24 27.69 -48.76 -19.25
C GLU E 24 27.24 -47.31 -19.40
N ILE E 25 27.42 -46.49 -18.37
CA ILE E 25 27.05 -45.08 -18.46
C ILE E 25 27.89 -44.38 -19.53
N ARG E 26 29.20 -44.68 -19.56
CA ARG E 26 30.08 -44.10 -20.56
C ARG E 26 29.65 -44.51 -21.96
N ALA E 27 29.31 -45.78 -22.16
CA ALA E 27 28.85 -46.23 -23.47
C ALA E 27 27.55 -45.54 -23.87
N SER E 28 26.61 -45.39 -22.92
CA SER E 28 25.35 -44.73 -23.22
C SER E 28 25.56 -43.29 -23.64
N VAL E 29 26.37 -42.54 -22.87
CA VAL E 29 26.59 -41.13 -23.21
C VAL E 29 27.37 -41.01 -24.51
N GLY E 30 28.29 -41.94 -24.77
CA GLY E 30 29.00 -41.93 -26.03
C GLY E 30 28.08 -42.16 -27.22
N LYS E 31 27.16 -43.12 -27.10
CA LYS E 31 26.18 -43.36 -28.14
C LYS E 31 25.31 -42.13 -28.35
N MET E 32 24.88 -41.51 -27.26
CA MET E 32 24.04 -40.31 -27.34
C MET E 32 24.74 -39.18 -28.07
N ILE E 33 25.98 -38.87 -27.68
CA ILE E 33 26.67 -37.75 -28.32
C ILE E 33 27.07 -38.10 -29.74
N ASP E 34 27.30 -39.40 -30.03
CA ASP E 34 27.54 -39.81 -31.41
C ASP E 34 26.31 -39.56 -32.27
N GLY E 35 25.12 -39.89 -31.75
CA GLY E 35 23.90 -39.58 -32.48
C GLY E 35 23.71 -38.09 -32.68
N ILE E 36 24.02 -37.30 -31.65
CA ILE E 36 23.92 -35.85 -31.77
C ILE E 36 24.86 -35.33 -32.85
N GLY E 37 26.11 -35.82 -32.86
CA GLY E 37 27.07 -35.37 -33.85
C GLY E 37 26.68 -35.79 -35.26
N ARG E 38 26.12 -36.99 -35.40
CA ARG E 38 25.64 -37.42 -36.70
C ARG E 38 24.44 -36.61 -37.17
N PHE E 39 23.56 -36.20 -36.26
CA PHE E 39 22.49 -35.28 -36.63
C PHE E 39 23.05 -33.93 -37.07
N TYR E 40 24.12 -33.47 -36.41
CA TYR E 40 24.76 -32.24 -36.86
C TYR E 40 25.36 -32.42 -38.26
N ILE E 41 25.96 -33.57 -38.51
CA ILE E 41 26.50 -33.85 -39.85
C ILE E 41 25.40 -33.80 -40.89
N GLN E 42 24.25 -34.41 -40.59
CA GLN E 42 23.18 -34.45 -41.59
C GLN E 42 22.56 -33.08 -41.78
N MET E 43 22.49 -32.25 -40.73
CA MET E 43 21.94 -30.90 -40.94
C MET E 43 22.90 -30.09 -41.79
N CYS E 44 24.21 -30.29 -41.59
CA CYS E 44 25.18 -29.63 -42.45
C CYS E 44 25.04 -30.08 -43.89
N THR E 45 24.76 -31.37 -44.10
CA THR E 45 24.55 -31.88 -45.45
C THR E 45 23.29 -31.28 -46.08
N GLU E 46 22.20 -31.22 -45.32
CA GLU E 46 20.91 -30.76 -45.84
C GLU E 46 20.83 -29.26 -46.04
N LEU E 47 21.48 -28.46 -45.20
CA LEU E 47 21.40 -27.01 -45.29
C LEU E 47 22.30 -26.42 -46.36
N LYS E 48 23.15 -27.24 -46.99
CA LYS E 48 24.05 -26.79 -48.04
C LYS E 48 24.95 -25.64 -47.58
N LEU E 49 25.41 -25.74 -46.33
CA LEU E 49 26.28 -24.72 -45.76
C LEU E 49 27.74 -25.08 -46.03
N SER E 50 28.59 -24.05 -46.03
CA SER E 50 30.02 -24.25 -46.25
C SER E 50 30.69 -24.76 -44.99
N ASP E 51 31.99 -25.04 -45.10
CA ASP E 51 32.75 -25.55 -43.97
C ASP E 51 32.81 -24.53 -42.84
N TYR E 52 33.05 -23.26 -43.18
CA TYR E 52 33.09 -22.22 -42.16
C TYR E 52 31.72 -22.01 -41.53
N GLU E 53 30.67 -21.99 -42.34
CA GLU E 53 29.32 -21.78 -41.83
C GLU E 53 28.87 -22.91 -40.92
N GLY E 54 29.48 -24.09 -41.04
CA GLY E 54 29.17 -25.18 -40.14
C GLY E 54 29.85 -25.07 -38.79
N ARG E 55 30.70 -24.06 -38.59
CA ARG E 55 31.37 -23.82 -37.32
C ARG E 55 30.89 -22.53 -36.67
N LEU E 56 29.65 -22.14 -36.95
CA LEU E 56 29.07 -20.93 -36.38
C LEU E 56 28.12 -21.30 -35.24
N ILE E 57 28.26 -20.60 -34.10
CA ILE E 57 27.41 -20.88 -32.95
C ILE E 57 25.96 -20.48 -33.23
N GLN E 58 25.74 -19.38 -33.97
CA GLN E 58 24.38 -18.89 -34.19
C GLN E 58 23.51 -19.91 -34.89
N ASN E 59 24.06 -20.58 -35.91
CA ASN E 59 23.29 -21.58 -36.64
C ASN E 59 22.87 -22.72 -35.71
N SER E 60 23.80 -23.21 -34.89
CA SER E 60 23.46 -24.27 -33.94
C SER E 60 22.42 -23.80 -32.94
N LEU E 61 22.54 -22.56 -32.47
CA LEU E 61 21.59 -22.01 -31.52
C LEU E 61 20.17 -21.98 -32.10
N THR E 62 20.02 -21.46 -33.31
CA THR E 62 18.71 -21.41 -33.94
C THR E 62 18.17 -22.81 -34.19
N ILE E 63 19.03 -23.71 -34.67
CA ILE E 63 18.62 -25.09 -34.92
C ILE E 63 18.17 -25.77 -33.63
N GLU E 64 18.80 -25.45 -32.50
CA GLU E 64 18.43 -26.10 -31.25
C GLU E 64 17.19 -25.49 -30.62
N ARG E 65 16.91 -24.19 -30.80
CA ARG E 65 15.55 -23.75 -30.48
C ARG E 65 14.51 -24.42 -31.37
N MET E 66 14.84 -24.67 -32.64
CA MET E 66 13.96 -25.50 -33.46
C MET E 66 13.79 -26.89 -32.84
N VAL E 67 14.87 -27.43 -32.29
CA VAL E 67 14.83 -28.75 -31.66
C VAL E 67 13.86 -28.76 -30.49
N LEU E 68 13.99 -27.79 -29.59
CA LEU E 68 13.13 -27.74 -28.41
C LEU E 68 11.69 -27.44 -28.79
N SER E 69 11.49 -26.58 -29.80
CA SER E 69 10.14 -26.30 -30.28
C SER E 69 9.53 -27.50 -30.99
N ALA E 70 10.35 -28.47 -31.41
CA ALA E 70 9.78 -29.66 -32.02
C ALA E 70 9.47 -30.75 -31.00
N PHE E 71 10.28 -30.88 -29.94
CA PHE E 71 9.93 -31.80 -28.85
C PHE E 71 9.15 -31.17 -27.70
N ASP E 72 8.71 -29.93 -27.81
CA ASP E 72 7.88 -29.37 -26.73
C ASP E 72 6.44 -29.85 -26.93
N GLU E 73 6.25 -31.15 -26.72
CA GLU E 73 4.96 -31.78 -27.04
C GLU E 73 3.82 -31.11 -26.29
N ARG E 74 4.08 -30.67 -25.05
CA ARG E 74 3.06 -29.93 -24.32
C ARG E 74 2.72 -28.63 -25.04
N ARG E 75 3.73 -27.85 -25.43
CA ARG E 75 3.46 -26.63 -26.18
C ARG E 75 2.91 -26.93 -27.57
N ASN E 76 3.33 -28.04 -28.19
CA ASN E 76 2.72 -28.41 -29.47
C ASN E 76 1.22 -28.60 -29.32
N LYS E 77 0.81 -29.35 -28.30
CA LYS E 77 -0.61 -29.55 -28.03
C LYS E 77 -1.32 -28.24 -27.68
N TYR E 78 -0.67 -27.35 -26.93
CA TYR E 78 -1.27 -26.07 -26.58
C TYR E 78 -1.42 -25.15 -27.79
N LEU E 79 -0.48 -25.17 -28.73
CA LEU E 79 -0.54 -24.29 -29.90
C LEU E 79 -1.41 -24.84 -31.02
N GLU E 80 -1.59 -26.16 -31.10
CA GLU E 80 -2.52 -26.69 -32.09
C GLU E 80 -3.94 -26.21 -31.83
N GLU E 81 -4.32 -26.10 -30.55
CA GLU E 81 -5.63 -25.54 -30.20
C GLU E 81 -5.60 -24.02 -30.15
N HIS E 82 -4.43 -23.40 -30.32
CA HIS E 82 -4.32 -21.95 -30.23
C HIS E 82 -3.62 -21.39 -31.47
N PRO E 83 -4.30 -21.32 -32.62
CA PRO E 83 -3.67 -20.80 -33.83
C PRO E 83 -3.57 -19.29 -33.86
N SER E 84 -2.52 -18.73 -33.25
CA SER E 84 -2.32 -17.29 -33.19
C SER E 84 -0.94 -16.97 -33.73
N ALA E 85 -0.51 -15.72 -33.50
CA ALA E 85 0.80 -15.22 -33.93
C ALA E 85 0.97 -15.31 -35.45
N GLY E 86 -0.12 -15.06 -36.17
CA GLY E 86 -0.10 -15.06 -37.62
C GLY E 86 0.27 -16.40 -38.22
N LYS E 87 1.27 -16.40 -39.10
CA LYS E 87 1.72 -17.62 -39.78
C LYS E 87 2.53 -18.47 -38.79
N ASP E 88 1.80 -19.32 -38.05
CA ASP E 88 2.45 -20.22 -37.12
C ASP E 88 1.77 -21.59 -37.08
N PRO E 89 1.61 -22.27 -38.23
CA PRO E 89 1.03 -23.63 -38.17
C PRO E 89 1.95 -24.61 -37.48
N LYS E 90 3.17 -24.76 -38.01
CA LYS E 90 4.17 -25.66 -37.43
C LYS E 90 5.56 -25.06 -37.42
N LYS E 91 5.74 -23.84 -37.94
CA LYS E 91 7.07 -23.30 -38.23
C LYS E 91 7.29 -22.02 -37.43
N THR E 92 8.47 -21.90 -36.82
CA THR E 92 8.84 -20.73 -36.03
C THR E 92 10.25 -20.29 -36.39
N GLY E 93 10.43 -18.97 -36.51
CA GLY E 93 11.75 -18.37 -36.63
C GLY E 93 12.59 -18.93 -37.78
N GLY E 94 13.83 -19.27 -37.42
CA GLY E 94 14.77 -19.82 -38.36
C GLY E 94 15.66 -18.80 -39.05
N PRO E 95 16.38 -17.98 -38.26
CA PRO E 95 17.28 -16.96 -38.87
C PRO E 95 18.66 -17.51 -39.24
N ILE E 96 18.73 -18.15 -40.39
CA ILE E 96 19.97 -18.79 -40.83
C ILE E 96 20.92 -17.73 -41.38
N TYR E 97 22.16 -17.72 -40.89
CA TYR E 97 23.17 -16.77 -41.31
C TYR E 97 24.09 -17.41 -42.34
N ARG E 98 24.34 -16.68 -43.44
CA ARG E 98 25.12 -17.21 -44.56
C ARG E 98 26.14 -16.18 -45.04
N ARG E 99 27.22 -16.68 -45.65
CA ARG E 99 28.28 -15.83 -46.15
C ARG E 99 28.21 -15.66 -47.67
N VAL E 100 28.25 -14.41 -48.13
CA VAL E 100 28.59 -14.10 -49.52
C VAL E 100 29.91 -13.35 -49.60
N ASP E 101 30.98 -14.05 -49.96
CA ASP E 101 32.27 -13.44 -50.29
C ASP E 101 32.72 -12.45 -49.21
N GLY E 102 32.61 -12.89 -47.97
CA GLY E 102 33.01 -12.07 -46.84
C GLY E 102 31.86 -11.45 -46.08
N LYS E 103 30.82 -11.02 -46.78
CA LYS E 103 29.69 -10.37 -46.11
C LYS E 103 28.70 -11.41 -45.59
N TRP E 104 27.72 -10.97 -44.78
CA TRP E 104 26.82 -11.87 -44.08
C TRP E 104 25.38 -11.47 -44.38
N ARG E 105 24.51 -12.48 -44.46
CA ARG E 105 23.07 -12.23 -44.74
C ARG E 105 22.22 -13.25 -43.97
N ARG E 106 21.11 -12.80 -43.36
CA ARG E 106 20.21 -13.67 -42.62
C ARG E 106 18.97 -13.95 -43.47
N GLU E 107 18.58 -15.22 -43.52
CA GLU E 107 17.35 -15.63 -44.18
C GLU E 107 16.43 -16.27 -43.15
N LEU E 108 15.17 -15.84 -43.18
CA LEU E 108 14.15 -16.37 -42.28
C LEU E 108 13.55 -17.61 -42.95
N ILE E 109 14.26 -18.72 -42.85
CA ILE E 109 13.84 -19.99 -43.43
C ILE E 109 13.04 -20.74 -42.38
N LEU E 110 11.84 -21.16 -42.74
CA LEU E 110 10.91 -21.80 -41.82
C LEU E 110 10.92 -23.30 -42.04
N TYR E 111 11.13 -24.05 -40.98
CA TYR E 111 11.14 -25.50 -41.01
C TYR E 111 10.01 -26.03 -40.15
N ASP E 112 9.25 -26.97 -40.69
CA ASP E 112 8.22 -27.62 -39.88
C ASP E 112 8.84 -28.66 -38.96
N LYS E 113 8.12 -28.99 -37.89
CA LYS E 113 8.67 -29.85 -36.87
C LYS E 113 8.81 -31.29 -37.33
N GLU E 114 7.83 -31.77 -38.10
CA GLU E 114 7.61 -33.21 -38.22
C GLU E 114 8.74 -33.93 -38.95
N GLU E 115 9.25 -33.35 -40.03
CA GLU E 115 10.35 -33.97 -40.77
C GLU E 115 11.60 -34.06 -39.91
N ILE E 116 11.86 -33.02 -39.11
CA ILE E 116 13.00 -33.04 -38.19
C ILE E 116 12.75 -34.07 -37.09
N ARG E 117 11.48 -34.29 -36.72
CA ARG E 117 11.17 -35.38 -35.80
C ARG E 117 11.63 -36.72 -36.35
N ARG E 118 11.25 -37.04 -37.59
CA ARG E 118 11.76 -38.29 -38.18
C ARG E 118 13.27 -38.29 -38.40
N ILE E 119 13.88 -37.13 -38.65
CA ILE E 119 15.32 -37.16 -38.89
C ILE E 119 16.08 -37.48 -37.61
N TRP E 120 15.64 -36.90 -36.48
CA TRP E 120 16.04 -37.40 -35.17
C TRP E 120 15.79 -38.90 -35.00
N ARG E 121 14.59 -39.36 -35.34
CA ARG E 121 14.26 -40.77 -35.11
C ARG E 121 15.25 -41.68 -35.85
N GLN E 122 15.65 -41.28 -37.06
CA GLN E 122 16.67 -42.00 -37.80
C GLN E 122 18.09 -41.72 -37.30
N ALA E 123 18.30 -40.61 -36.58
CA ALA E 123 19.62 -40.24 -36.10
C ALA E 123 20.04 -40.97 -34.83
N ASN E 124 19.08 -41.43 -34.02
CA ASN E 124 19.36 -42.15 -32.80
C ASN E 124 19.01 -43.64 -32.91
N ASN E 125 18.99 -44.17 -34.14
CA ASN E 125 18.70 -45.58 -34.40
C ASN E 125 17.33 -45.97 -33.89
N GLY E 126 16.31 -45.20 -34.29
CA GLY E 126 14.94 -45.50 -33.96
C GLY E 126 14.48 -45.06 -32.60
N ASP E 127 15.29 -44.33 -31.85
CA ASP E 127 14.94 -43.90 -30.50
C ASP E 127 14.57 -42.42 -30.48
N ASP E 128 13.92 -42.00 -29.39
CA ASP E 128 13.45 -40.62 -29.28
C ASP E 128 14.58 -39.65 -28.93
N ALA E 129 15.58 -40.13 -28.18
CA ALA E 129 16.72 -39.31 -27.74
C ALA E 129 16.28 -38.13 -26.89
N THR E 130 15.50 -38.42 -25.83
CA THR E 130 15.04 -37.35 -24.93
C THR E 130 16.16 -36.91 -23.99
N ALA E 131 17.08 -37.81 -23.64
CA ALA E 131 18.19 -37.40 -22.78
C ALA E 131 19.02 -36.33 -23.47
N GLY E 132 19.37 -36.55 -24.74
CA GLY E 132 20.08 -35.52 -25.47
C GLY E 132 19.33 -34.22 -25.45
N LEU E 133 18.00 -34.28 -25.55
CA LEU E 133 17.18 -33.09 -25.44
C LEU E 133 17.42 -32.39 -24.11
N THR E 134 17.47 -33.17 -23.03
CA THR E 134 17.71 -32.58 -21.71
C THR E 134 19.07 -31.88 -21.68
N HIS E 135 20.10 -32.51 -22.23
CA HIS E 135 21.42 -31.85 -22.23
C HIS E 135 21.44 -30.59 -23.09
N MET E 136 20.81 -30.61 -24.27
CA MET E 136 20.78 -29.36 -25.03
C MET E 136 19.99 -28.27 -24.32
N MET E 137 18.85 -28.60 -23.71
CA MET E 137 18.08 -27.56 -23.02
C MET E 137 18.82 -27.05 -21.79
N ILE E 138 19.54 -27.92 -21.08
CA ILE E 138 20.42 -27.47 -19.99
C ILE E 138 21.53 -26.56 -20.48
N TRP E 139 22.15 -26.87 -21.61
CA TRP E 139 23.19 -26.02 -22.21
C TRP E 139 22.64 -24.66 -22.64
N HIS E 140 21.41 -24.63 -23.15
CA HIS E 140 20.75 -23.33 -23.36
C HIS E 140 20.55 -22.61 -22.03
N SER E 141 20.16 -23.35 -20.98
CA SER E 141 20.04 -22.72 -19.67
C SER E 141 21.39 -22.21 -19.18
N ASN E 142 22.46 -22.97 -19.45
CA ASN E 142 23.80 -22.53 -19.06
C ASN E 142 24.18 -21.23 -19.77
N LEU E 143 23.95 -21.15 -21.09
CA LEU E 143 24.29 -19.91 -21.79
C LEU E 143 23.43 -18.76 -21.32
N ASN E 144 22.14 -19.01 -21.05
CA ASN E 144 21.28 -17.94 -20.55
C ASN E 144 21.76 -17.44 -19.20
N ASP E 145 22.13 -18.35 -18.30
CA ASP E 145 22.66 -17.93 -17.00
C ASP E 145 23.96 -17.16 -17.16
N ALA E 146 24.81 -17.58 -18.11
CA ALA E 146 26.06 -16.86 -18.34
C ALA E 146 25.80 -15.44 -18.85
N THR E 147 24.84 -15.28 -19.77
CA THR E 147 24.63 -13.98 -20.40
C THR E 147 23.77 -13.06 -19.54
N TYR E 148 22.52 -13.44 -19.28
CA TYR E 148 21.58 -12.56 -18.57
C TYR E 148 20.85 -13.31 -17.48
N GLN E 149 20.78 -12.69 -16.30
CA GLN E 149 20.02 -13.19 -15.17
C GLN E 149 18.88 -12.22 -14.86
N ARG E 150 17.73 -12.77 -14.47
CA ARG E 150 16.53 -11.95 -14.29
C ARG E 150 16.31 -11.59 -12.82
N THR E 151 16.80 -10.42 -12.44
CA THR E 151 16.29 -9.80 -11.22
C THR E 151 14.87 -9.27 -11.42
N ARG E 152 14.43 -9.14 -12.68
CA ARG E 152 13.07 -8.70 -12.96
C ARG E 152 12.05 -9.61 -12.30
N ALA E 153 12.13 -10.92 -12.58
CA ALA E 153 11.24 -11.87 -11.92
C ALA E 153 11.58 -12.03 -10.45
N LEU E 154 12.86 -11.92 -10.11
CA LEU E 154 13.30 -12.09 -8.72
C LEU E 154 12.65 -11.04 -7.81
N VAL E 155 12.39 -9.85 -8.36
CA VAL E 155 11.71 -8.81 -7.59
C VAL E 155 10.21 -8.78 -7.92
N ARG E 156 9.81 -9.41 -9.03
CA ARG E 156 8.38 -9.64 -9.26
C ARG E 156 7.81 -10.51 -8.16
N THR E 157 8.57 -11.51 -7.72
CA THR E 157 8.20 -12.24 -6.52
C THR E 157 8.60 -11.50 -5.25
N GLY E 158 9.31 -10.38 -5.37
CA GLY E 158 9.67 -9.56 -4.24
C GLY E 158 10.97 -9.92 -3.55
N MET E 159 11.65 -10.98 -4.00
CA MET E 159 12.88 -11.40 -3.35
C MET E 159 13.98 -10.42 -3.74
N ASP E 160 14.94 -10.18 -2.84
CA ASP E 160 15.92 -9.15 -3.12
C ASP E 160 16.84 -9.58 -4.26
N PRO E 161 17.43 -8.63 -4.99
CA PRO E 161 18.35 -8.98 -6.08
C PRO E 161 19.76 -9.37 -5.63
N ARG E 162 19.96 -9.69 -4.34
CA ARG E 162 21.27 -10.08 -3.87
C ARG E 162 21.61 -11.53 -4.20
N MET E 163 20.64 -12.33 -4.60
CA MET E 163 20.82 -13.78 -4.73
C MET E 163 20.91 -14.24 -6.19
N CYS E 164 21.35 -13.36 -7.09
CA CYS E 164 21.50 -13.72 -8.49
C CYS E 164 22.37 -14.95 -8.69
N SER E 165 23.17 -15.33 -7.70
CA SER E 165 24.05 -16.49 -7.83
C SER E 165 23.28 -17.80 -7.84
N LEU E 166 22.05 -17.83 -7.33
CA LEU E 166 21.27 -19.06 -7.31
C LEU E 166 20.23 -19.15 -8.42
N MET E 167 20.49 -18.52 -9.57
CA MET E 167 19.61 -18.60 -10.72
C MET E 167 20.08 -19.64 -11.73
N GLN E 168 20.86 -20.63 -11.30
CA GLN E 168 21.34 -21.66 -12.20
C GLN E 168 20.20 -22.52 -12.70
N GLY E 169 20.18 -22.78 -14.00
CA GLY E 169 19.10 -23.57 -14.59
C GLY E 169 17.74 -22.92 -14.48
N SER E 170 17.70 -21.58 -14.43
CA SER E 170 16.42 -20.89 -14.24
C SER E 170 15.52 -21.03 -15.46
N THR E 171 16.11 -20.98 -16.67
CA THR E 171 15.30 -21.02 -17.88
C THR E 171 14.75 -22.41 -18.17
N LEU E 172 15.19 -23.42 -17.42
CA LEU E 172 14.76 -24.78 -17.68
C LEU E 172 13.28 -24.95 -17.33
N PRO E 173 12.44 -25.37 -18.28
CA PRO E 173 11.06 -25.70 -17.95
C PRO E 173 10.95 -27.06 -17.27
N ARG E 174 9.73 -27.35 -16.81
CA ARG E 174 9.47 -28.56 -16.03
C ARG E 174 9.67 -29.84 -16.85
N ARG E 175 9.56 -29.76 -18.18
CA ARG E 175 9.50 -30.96 -19.01
C ARG E 175 10.76 -31.82 -18.91
N SER E 176 11.88 -31.27 -18.43
CA SER E 176 13.10 -32.04 -18.29
C SER E 176 12.95 -33.12 -17.21
N GLY E 177 13.76 -34.16 -17.32
CA GLY E 177 13.70 -35.28 -16.39
C GLY E 177 14.57 -35.07 -15.18
N ALA E 178 14.94 -36.21 -14.56
CA ALA E 178 15.76 -36.17 -13.36
C ALA E 178 17.14 -35.57 -13.63
N ALA E 179 17.73 -35.89 -14.78
CA ALA E 179 19.02 -35.33 -15.13
C ALA E 179 18.94 -33.81 -15.25
N GLY E 180 17.85 -33.31 -15.86
CA GLY E 180 17.64 -31.88 -15.88
C GLY E 180 17.35 -31.31 -14.51
N ALA E 181 16.62 -32.05 -13.68
CA ALA E 181 16.30 -31.58 -12.33
C ALA E 181 17.53 -31.48 -11.45
N ALA E 182 18.58 -32.26 -11.74
CA ALA E 182 19.77 -32.25 -10.90
C ALA E 182 20.50 -30.91 -10.99
N VAL E 183 20.50 -30.29 -12.18
CA VAL E 183 21.35 -29.12 -12.39
C VAL E 183 20.62 -27.81 -12.08
N LYS E 184 19.29 -27.84 -11.95
CA LYS E 184 18.57 -26.63 -11.59
C LYS E 184 18.99 -26.17 -10.20
N GLY E 185 19.17 -24.85 -10.06
CA GLY E 185 19.62 -24.30 -8.80
C GLY E 185 18.54 -24.27 -7.75
N VAL E 186 18.97 -24.03 -6.51
CA VAL E 186 18.02 -23.92 -5.40
C VAL E 186 17.09 -22.74 -5.61
N GLY E 187 17.65 -21.60 -6.02
CA GLY E 187 16.84 -20.43 -6.27
C GLY E 187 15.84 -20.61 -7.40
N THR E 188 16.20 -21.39 -8.42
CA THR E 188 15.24 -21.71 -9.47
C THR E 188 14.03 -22.44 -8.91
N MET E 189 14.27 -23.43 -8.05
CA MET E 189 13.16 -24.13 -7.41
C MET E 189 12.37 -23.20 -6.50
N VAL E 190 13.05 -22.29 -5.81
CA VAL E 190 12.34 -21.33 -4.96
C VAL E 190 11.40 -20.48 -5.80
N MET E 191 11.88 -19.99 -6.95
CA MET E 191 11.04 -19.19 -7.83
C MET E 191 9.86 -20.01 -8.35
N GLU E 192 10.12 -21.24 -8.78
CA GLU E 192 9.05 -22.08 -9.32
C GLU E 192 7.99 -22.37 -8.27
N LEU E 193 8.39 -22.66 -7.03
CA LEU E 193 7.41 -22.94 -5.98
C LEU E 193 6.66 -21.68 -5.56
N ILE E 194 7.32 -20.52 -5.53
CA ILE E 194 6.61 -19.30 -5.16
C ILE E 194 5.59 -18.94 -6.24
N ARG E 195 5.90 -19.24 -7.50
CA ARG E 195 4.90 -19.03 -8.56
C ARG E 195 3.63 -19.83 -8.28
N MET E 196 3.80 -21.12 -7.94
CA MET E 196 2.64 -21.96 -7.65
C MET E 196 1.91 -21.49 -6.39
N ILE E 197 2.66 -21.06 -5.37
CA ILE E 197 2.03 -20.57 -4.15
C ILE E 197 1.23 -19.31 -4.41
N LYS E 198 1.77 -18.37 -5.19
CA LYS E 198 1.03 -17.15 -5.50
C LYS E 198 -0.20 -17.45 -6.35
N ARG E 199 -0.09 -18.41 -7.28
CA ARG E 199 -1.25 -18.80 -8.06
C ARG E 199 -2.32 -19.44 -7.18
N GLY E 200 -1.92 -20.23 -6.19
CA GLY E 200 -2.90 -20.83 -5.30
C GLY E 200 -3.46 -19.85 -4.28
N ILE E 201 -2.75 -18.76 -4.03
CA ILE E 201 -3.28 -17.70 -3.19
C ILE E 201 -4.25 -16.81 -3.94
N ASN E 202 -3.98 -16.52 -5.21
CA ASN E 202 -4.86 -15.64 -5.99
C ASN E 202 -6.25 -16.24 -6.13
N ASP E 203 -6.32 -17.55 -6.38
CA ASP E 203 -7.61 -18.23 -6.55
C ASP E 203 -7.57 -19.55 -5.78
N ARG E 204 -8.75 -20.01 -5.40
CA ARG E 204 -8.92 -21.22 -4.58
C ARG E 204 -8.63 -22.47 -5.41
N ASN E 205 -7.38 -22.64 -5.81
CA ASN E 205 -7.04 -23.64 -6.83
C ASN E 205 -6.74 -25.02 -6.26
N PHE E 206 -6.70 -25.17 -4.96
CA PHE E 206 -6.34 -26.46 -4.36
C PHE E 206 -7.54 -27.37 -4.12
N TRP E 207 -8.62 -27.26 -4.89
CA TRP E 207 -9.80 -28.08 -4.69
C TRP E 207 -9.47 -29.57 -4.87
N ARG E 208 -10.43 -30.40 -4.53
CA ARG E 208 -10.31 -31.86 -4.64
C ARG E 208 -10.35 -32.35 -6.09
N GLY E 209 -10.34 -31.45 -7.07
CA GLY E 209 -10.33 -31.87 -8.45
C GLY E 209 -8.97 -32.40 -8.90
N GLU E 210 -8.93 -32.86 -10.15
CA GLU E 210 -7.70 -33.45 -10.69
C GLU E 210 -6.58 -32.42 -10.80
N ASN E 211 -6.93 -31.17 -11.13
CA ASN E 211 -5.89 -30.13 -11.24
C ASN E 211 -5.19 -29.91 -9.91
N GLY E 212 -5.94 -29.86 -8.82
CA GLY E 212 -5.34 -29.70 -7.51
C GLY E 212 -4.47 -30.89 -7.14
N ARG E 213 -4.94 -32.10 -7.45
CA ARG E 213 -4.15 -33.30 -7.16
C ARG E 213 -2.84 -33.29 -7.93
N ARG E 214 -2.89 -32.90 -9.21
CA ARG E 214 -1.69 -32.91 -10.03
C ARG E 214 -0.70 -31.83 -9.62
N THR E 215 -1.19 -30.62 -9.30
CA THR E 215 -0.27 -29.59 -8.82
C THR E 215 0.30 -29.99 -7.45
N ARG E 216 -0.50 -30.66 -6.62
CA ARG E 216 0.02 -31.21 -5.37
C ARG E 216 1.17 -32.16 -5.65
N ILE E 217 0.97 -33.10 -6.58
CA ILE E 217 1.98 -34.10 -6.92
C ILE E 217 3.26 -33.43 -7.41
N ALA E 218 3.13 -32.49 -8.34
CA ALA E 218 4.29 -31.75 -8.81
C ALA E 218 4.97 -31.04 -7.65
N TYR E 219 4.19 -30.60 -6.66
CA TYR E 219 4.76 -29.90 -5.52
C TYR E 219 5.65 -30.83 -4.70
N GLU E 220 5.16 -32.05 -4.38
CA GLU E 220 6.06 -32.89 -3.57
C GLU E 220 7.24 -33.38 -4.40
N ARG E 221 7.06 -33.55 -5.71
CA ARG E 221 8.20 -33.94 -6.53
C ARG E 221 9.28 -32.86 -6.52
N MET E 222 8.88 -31.60 -6.67
CA MET E 222 9.86 -30.53 -6.60
C MET E 222 10.46 -30.41 -5.20
N CYS E 223 9.67 -30.72 -4.17
CA CYS E 223 10.18 -30.59 -2.81
C CYS E 223 11.18 -31.70 -2.44
N ASN E 224 10.95 -32.94 -2.89
CA ASN E 224 11.96 -33.95 -2.57
C ASN E 224 13.17 -33.78 -3.46
N ILE E 225 13.01 -33.20 -4.66
CA ILE E 225 14.19 -32.74 -5.38
C ILE E 225 14.98 -31.74 -4.54
N LEU E 226 14.27 -30.77 -3.94
CA LEU E 226 14.93 -29.79 -3.08
C LEU E 226 15.68 -30.45 -1.94
N LYS E 227 15.00 -31.30 -1.17
CA LYS E 227 15.63 -31.89 0.01
C LYS E 227 16.74 -32.86 -0.36
N GLY E 228 16.68 -33.45 -1.57
CA GLY E 228 17.82 -34.18 -2.07
C GLY E 228 19.00 -33.28 -2.39
N LYS E 229 18.71 -32.06 -2.84
CA LYS E 229 19.79 -31.12 -3.20
C LYS E 229 20.59 -30.64 -1.99
N PHE E 230 19.99 -30.55 -0.81
CA PHE E 230 20.69 -30.03 0.35
C PHE E 230 21.56 -31.11 1.00
N GLN E 231 22.39 -30.69 1.95
CA GLN E 231 23.35 -31.59 2.58
C GLN E 231 23.22 -31.67 4.10
N THR E 232 22.97 -30.55 4.76
CA THR E 232 22.88 -30.56 6.23
C THR E 232 21.47 -30.93 6.67
N ALA E 233 21.40 -31.58 7.83
CA ALA E 233 20.14 -32.17 8.29
C ALA E 233 19.10 -31.12 8.66
N ALA E 234 19.53 -29.96 9.18
CA ALA E 234 18.58 -28.97 9.67
C ALA E 234 17.69 -28.44 8.54
N GLN E 235 18.29 -28.09 7.41
CA GLN E 235 17.49 -27.58 6.30
C GLN E 235 16.62 -28.67 5.69
N ARG E 236 17.10 -29.91 5.65
CA ARG E 236 16.26 -31.01 5.19
C ARG E 236 15.04 -31.18 6.07
N THR E 237 15.23 -31.11 7.40
CA THR E 237 14.11 -31.24 8.32
C THR E 237 13.13 -30.08 8.19
N MET E 238 13.63 -28.85 8.01
CA MET E 238 12.70 -27.73 7.89
C MET E 238 11.95 -27.77 6.56
N VAL E 239 12.59 -28.29 5.50
CA VAL E 239 11.86 -28.53 4.26
C VAL E 239 10.80 -29.60 4.46
N ASP E 240 11.12 -30.64 5.24
CA ASP E 240 10.14 -31.66 5.57
C ASP E 240 8.93 -31.04 6.28
N GLN E 241 9.19 -30.13 7.22
CA GLN E 241 8.10 -29.52 7.98
C GLN E 241 7.33 -28.48 7.19
N VAL E 242 7.96 -27.84 6.20
CA VAL E 242 7.24 -26.92 5.32
C VAL E 242 6.15 -27.67 4.56
N ARG E 243 6.43 -28.92 4.19
CA ARG E 243 5.46 -29.80 3.56
C ARG E 243 4.20 -30.00 4.39
N GLU E 244 4.30 -29.97 5.72
CA GLU E 244 3.15 -30.29 6.57
C GLU E 244 2.01 -29.30 6.40
N SER E 245 2.26 -28.13 5.81
CA SER E 245 1.20 -27.17 5.55
C SER E 245 0.40 -27.62 4.33
N ARG E 246 -0.85 -28.05 4.55
CA ARG E 246 -1.68 -28.49 3.44
C ARG E 246 -2.18 -27.31 2.61
N ASN E 247 -2.25 -26.12 3.20
CA ASN E 247 -2.72 -24.91 2.51
C ASN E 247 -1.60 -23.86 2.48
N PRO E 248 -0.82 -23.82 1.41
CA PRO E 248 0.30 -22.86 1.32
C PRO E 248 -0.24 -21.43 1.23
N GLY E 249 -0.02 -20.66 2.29
CA GLY E 249 -0.47 -19.28 2.33
C GLY E 249 0.68 -18.30 2.29
N ASN E 250 0.70 -17.35 3.23
CA ASN E 250 1.75 -16.34 3.26
C ASN E 250 2.93 -16.72 4.11
N ALA E 251 2.72 -17.43 5.22
CA ALA E 251 3.83 -17.75 6.13
C ALA E 251 4.91 -18.57 5.44
N GLU E 252 4.49 -19.55 4.63
CA GLU E 252 5.45 -20.37 3.88
C GLU E 252 6.30 -19.55 2.93
N PHE E 253 5.79 -18.40 2.47
CA PHE E 253 6.57 -17.54 1.58
C PHE E 253 7.85 -17.05 2.27
N GLU E 254 7.73 -16.45 3.45
CA GLU E 254 8.92 -16.04 4.19
C GLU E 254 9.69 -17.25 4.72
N ASP E 255 8.99 -18.35 5.02
CA ASP E 255 9.69 -19.56 5.43
C ASP E 255 10.69 -20.02 4.37
N LEU E 256 10.26 -20.09 3.13
CA LEU E 256 11.13 -20.53 2.05
C LEU E 256 12.09 -19.44 1.58
N ILE E 257 11.76 -18.16 1.81
CA ILE E 257 12.78 -17.13 1.64
C ILE E 257 13.91 -17.30 2.65
N PHE E 258 13.57 -17.62 3.90
CA PHE E 258 14.60 -17.94 4.89
C PHE E 258 15.39 -19.16 4.48
N LEU E 259 14.71 -20.17 3.92
CA LEU E 259 15.40 -21.33 3.37
C LEU E 259 16.41 -20.91 2.31
N ALA E 260 16.01 -20.01 1.42
CA ALA E 260 16.88 -19.56 0.34
C ALA E 260 18.09 -18.80 0.88
N ARG E 261 17.87 -17.86 1.80
CA ARG E 261 19.00 -17.10 2.32
C ARG E 261 19.87 -17.94 3.25
N SER E 262 19.35 -19.07 3.74
CA SER E 262 20.20 -20.03 4.43
C SER E 262 21.03 -20.83 3.43
N ALA E 263 20.42 -21.20 2.30
CA ALA E 263 21.17 -21.89 1.25
C ALA E 263 22.19 -20.99 0.58
N LEU E 264 22.09 -19.68 0.80
CA LEU E 264 23.13 -18.77 0.35
C LEU E 264 24.51 -19.22 0.83
N ILE E 265 24.59 -19.65 2.09
CA ILE E 265 25.82 -20.19 2.66
C ILE E 265 25.77 -21.70 2.76
N LEU E 266 24.67 -22.25 3.28
CA LEU E 266 24.47 -23.71 3.30
C LEU E 266 23.97 -24.15 1.94
N ARG E 267 24.87 -24.08 0.96
CA ARG E 267 24.52 -24.32 -0.43
C ARG E 267 24.14 -25.78 -0.66
N GLY E 268 23.27 -26.00 -1.64
CA GLY E 268 22.87 -27.33 -2.01
C GLY E 268 23.83 -27.97 -3.01
N SER E 269 23.90 -29.30 -2.95
CA SER E 269 24.77 -30.08 -3.84
C SER E 269 24.12 -30.16 -5.21
N VAL E 270 24.42 -29.17 -6.05
CA VAL E 270 23.86 -29.07 -7.39
C VAL E 270 24.94 -29.42 -8.40
N ALA E 271 24.58 -30.27 -9.37
CA ALA E 271 25.54 -30.72 -10.37
C ALA E 271 25.81 -29.64 -11.41
N HIS E 272 26.89 -29.84 -12.17
CA HIS E 272 27.28 -28.93 -13.24
C HIS E 272 27.54 -29.78 -14.48
N LYS E 273 26.55 -29.86 -15.36
CA LYS E 273 26.61 -30.73 -16.54
C LYS E 273 27.37 -30.00 -17.64
N SER E 274 28.40 -30.64 -18.17
CA SER E 274 29.33 -30.03 -19.13
C SER E 274 28.88 -30.34 -20.56
N CYS E 275 28.00 -29.49 -21.08
CA CYS E 275 27.58 -29.59 -22.46
C CYS E 275 28.36 -28.60 -23.33
N LEU E 276 28.52 -28.94 -24.61
CA LEU E 276 29.34 -28.09 -25.51
C LEU E 276 28.54 -27.72 -26.76
N PRO E 277 29.00 -26.70 -27.53
CA PRO E 277 28.29 -26.21 -28.70
C PRO E 277 27.79 -27.33 -29.61
N ALA E 278 26.74 -27.03 -30.35
CA ALA E 278 26.17 -28.02 -31.28
C ALA E 278 27.26 -28.45 -32.28
N CYS E 279 28.14 -27.53 -32.68
CA CYS E 279 29.17 -27.84 -33.71
C CYS E 279 30.26 -28.74 -33.12
N VAL E 280 30.85 -28.36 -31.98
CA VAL E 280 31.96 -29.13 -31.41
C VAL E 280 31.72 -30.63 -31.48
N TYR E 281 30.53 -31.09 -31.11
CA TYR E 281 30.19 -32.51 -31.23
C TYR E 281 30.19 -32.97 -32.69
N GLY E 282 29.62 -32.16 -33.59
CA GLY E 282 29.59 -32.51 -35.00
C GLY E 282 30.95 -32.61 -35.67
N SER E 283 31.86 -31.68 -35.36
CA SER E 283 33.21 -31.74 -35.91
C SER E 283 33.96 -32.98 -35.40
N ALA E 284 33.79 -33.30 -34.12
CA ALA E 284 34.44 -34.47 -33.54
C ALA E 284 33.90 -35.76 -34.17
N VAL E 285 32.58 -35.84 -34.36
CA VAL E 285 31.99 -37.04 -34.95
C VAL E 285 32.38 -37.16 -36.42
N ALA E 286 32.45 -36.04 -37.13
CA ALA E 286 32.76 -36.06 -38.56
C ALA E 286 34.17 -36.61 -38.80
N SER E 287 35.12 -36.28 -37.93
CA SER E 287 36.49 -36.73 -38.08
C SER E 287 36.66 -38.23 -37.82
N GLY E 288 35.63 -38.90 -37.31
CA GLY E 288 35.70 -40.33 -37.07
C GLY E 288 36.03 -40.73 -35.66
N TYR E 289 36.03 -39.79 -34.70
CA TYR E 289 36.32 -40.11 -33.30
C TYR E 289 35.05 -40.69 -32.67
N ASP E 290 34.92 -42.01 -32.79
CA ASP E 290 33.80 -42.71 -32.19
C ASP E 290 33.92 -42.70 -30.67
N PHE E 291 32.85 -42.25 -30.01
CA PHE E 291 32.88 -42.14 -28.56
C PHE E 291 32.45 -43.43 -27.87
N GLU E 292 31.73 -44.31 -28.58
CA GLU E 292 31.32 -45.57 -27.99
C GLU E 292 32.51 -46.46 -27.68
N ARG E 293 33.51 -46.48 -28.57
CA ARG E 293 34.62 -47.40 -28.43
C ARG E 293 35.52 -47.02 -27.26
N GLU E 294 36.06 -45.81 -27.29
CA GLU E 294 36.98 -45.36 -26.25
C GLU E 294 36.25 -44.89 -24.99
N GLY E 295 34.93 -44.75 -25.03
CA GLY E 295 34.18 -44.31 -23.87
C GLY E 295 34.11 -42.80 -23.76
N TYR E 296 33.07 -42.29 -23.12
CA TYR E 296 32.91 -40.85 -22.94
C TYR E 296 32.43 -40.56 -21.52
N SER E 297 32.80 -39.38 -21.03
CA SER E 297 32.39 -38.95 -19.70
C SER E 297 31.96 -37.50 -19.77
N LEU E 298 31.06 -37.12 -18.87
CA LEU E 298 30.51 -35.77 -18.83
C LEU E 298 31.16 -34.91 -17.74
N VAL E 299 31.88 -35.52 -16.81
CA VAL E 299 32.48 -34.81 -15.70
C VAL E 299 34.00 -34.76 -15.79
N GLY E 300 34.63 -35.75 -16.42
CA GLY E 300 36.07 -35.87 -16.44
C GLY E 300 36.74 -34.98 -17.48
N ILE E 301 37.86 -35.47 -17.99
CA ILE E 301 38.69 -34.71 -18.92
C ILE E 301 37.99 -34.47 -20.25
N ASP E 302 36.97 -35.27 -20.57
CA ASP E 302 36.47 -35.38 -21.94
C ASP E 302 36.15 -34.03 -22.57
N PRO E 303 35.19 -33.24 -22.07
CA PRO E 303 34.84 -32.00 -22.77
C PRO E 303 35.98 -31.01 -22.82
N PHE E 304 36.98 -31.15 -21.95
CA PHE E 304 38.18 -30.33 -22.02
C PHE E 304 39.04 -30.67 -23.23
N ARG E 305 39.28 -31.97 -23.49
CA ARG E 305 40.22 -32.30 -24.56
C ARG E 305 39.57 -32.14 -25.93
N LEU E 306 38.24 -32.31 -26.01
CA LEU E 306 37.56 -32.07 -27.27
C LEU E 306 37.63 -30.61 -27.68
N LEU E 307 37.70 -29.70 -26.69
CA LEU E 307 37.89 -28.28 -26.99
C LEU E 307 39.35 -27.93 -27.22
N GLN E 308 40.29 -28.82 -26.88
CA GLN E 308 41.70 -28.56 -27.12
C GLN E 308 42.03 -28.53 -28.61
N ASN E 309 41.25 -29.22 -29.44
CA ASN E 309 41.46 -29.25 -30.88
C ASN E 309 40.17 -28.91 -31.63
N SER E 310 39.42 -27.96 -31.11
CA SER E 310 38.16 -27.54 -31.72
C SER E 310 38.28 -26.11 -32.23
N GLN E 311 37.76 -25.87 -33.42
CA GLN E 311 37.74 -24.55 -34.04
C GLN E 311 36.31 -24.04 -34.06
N VAL E 312 36.11 -22.82 -33.56
CA VAL E 312 34.79 -22.22 -33.48
C VAL E 312 34.84 -20.82 -34.03
N TYR E 313 33.89 -20.51 -34.91
CA TYR E 313 33.71 -19.17 -35.45
C TYR E 313 32.43 -18.57 -34.88
N SER E 314 32.42 -17.24 -34.73
CA SER E 314 31.30 -16.57 -34.11
C SER E 314 31.13 -15.19 -34.73
N LEU E 315 29.94 -14.63 -34.53
CA LEU E 315 29.59 -13.32 -35.04
C LEU E 315 29.74 -12.26 -33.94
N ILE E 316 30.36 -11.13 -34.30
CA ILE E 316 30.74 -10.08 -33.36
C ILE E 316 30.34 -8.74 -33.96
N ARG E 317 29.79 -7.86 -33.12
CA ARG E 317 29.41 -6.49 -33.46
C ARG E 317 30.65 -5.64 -33.77
N PRO E 318 30.50 -4.54 -34.51
CA PRO E 318 31.66 -3.66 -34.76
C PRO E 318 32.24 -3.02 -33.50
N ASN E 319 31.48 -2.94 -32.42
CA ASN E 319 31.95 -2.40 -31.15
C ASN E 319 32.39 -3.49 -30.19
N GLU E 320 31.79 -4.68 -30.28
CA GLU E 320 32.15 -5.81 -29.45
C GLU E 320 33.57 -6.27 -29.73
N ASN E 321 34.28 -6.68 -28.68
CA ASN E 321 35.60 -7.27 -28.86
C ASN E 321 35.52 -8.80 -28.74
N PRO E 322 36.35 -9.52 -29.48
CA PRO E 322 36.29 -10.99 -29.44
C PRO E 322 36.95 -11.57 -28.20
N ALA E 323 37.85 -10.79 -27.58
CA ALA E 323 38.57 -11.28 -26.40
C ALA E 323 37.65 -11.60 -25.24
N HIS E 324 36.68 -10.74 -24.94
CA HIS E 324 35.70 -11.05 -23.90
C HIS E 324 34.66 -12.05 -24.38
N LYS E 325 34.37 -12.06 -25.69
CA LYS E 325 33.41 -13.00 -26.23
C LYS E 325 33.87 -14.44 -26.07
N SER E 326 35.16 -14.70 -26.30
CA SER E 326 35.68 -16.05 -26.11
C SER E 326 35.56 -16.50 -24.66
N GLN E 327 35.86 -15.60 -23.72
CA GLN E 327 35.74 -15.94 -22.31
C GLN E 327 34.30 -16.18 -21.91
N LEU E 328 33.36 -15.38 -22.45
CA LEU E 328 31.95 -15.60 -22.17
C LEU E 328 31.47 -16.91 -22.76
N VAL E 329 32.00 -17.28 -23.94
CA VAL E 329 31.66 -18.57 -24.53
C VAL E 329 32.18 -19.71 -23.66
N TRP E 330 33.37 -19.54 -23.09
CA TRP E 330 33.90 -20.57 -22.20
C TRP E 330 33.05 -20.68 -20.94
N MET E 331 32.60 -19.53 -20.42
CA MET E 331 31.59 -19.51 -19.35
C MET E 331 30.38 -20.34 -19.72
N ALA E 332 29.80 -20.08 -20.89
CA ALA E 332 28.58 -20.78 -21.30
C ALA E 332 28.84 -22.28 -21.46
N CYS E 333 29.98 -22.65 -22.03
CA CYS E 333 30.28 -24.05 -22.26
C CYS E 333 30.45 -24.81 -20.95
N HIS E 334 31.23 -24.26 -20.03
CA HIS E 334 31.55 -24.97 -18.79
C HIS E 334 30.72 -24.51 -17.59
N SER E 335 29.74 -23.63 -17.80
CA SER E 335 28.81 -23.19 -16.75
C SER E 335 29.57 -22.70 -15.51
N ALA E 336 30.56 -21.85 -15.76
CA ALA E 336 31.42 -21.30 -14.70
C ALA E 336 31.13 -19.83 -14.47
N ALA E 337 29.96 -19.35 -14.91
CA ALA E 337 29.61 -17.95 -14.72
C ALA E 337 29.27 -17.63 -13.28
N PHE E 338 28.94 -18.63 -12.47
CA PHE E 338 28.62 -18.43 -11.06
C PHE E 338 29.76 -18.82 -10.14
N GLU E 339 30.94 -19.09 -10.68
CA GLU E 339 32.10 -19.48 -9.89
C GLU E 339 32.97 -18.27 -9.60
N ASP E 340 34.01 -18.48 -8.80
CA ASP E 340 34.99 -17.45 -8.49
C ASP E 340 35.76 -17.10 -9.76
N LEU E 341 35.99 -15.80 -9.96
CA LEU E 341 36.71 -15.36 -11.16
C LEU E 341 38.16 -15.79 -11.11
N ARG E 342 38.76 -15.82 -9.91
CA ARG E 342 40.17 -16.16 -9.77
C ARG E 342 40.44 -17.59 -10.23
N VAL E 343 39.58 -18.53 -9.83
CA VAL E 343 39.76 -19.92 -10.23
C VAL E 343 39.61 -20.08 -11.74
N SER E 344 38.58 -19.45 -12.32
CA SER E 344 38.40 -19.53 -13.77
C SER E 344 39.59 -18.95 -14.50
N SER E 345 40.18 -17.87 -13.97
CA SER E 345 41.40 -17.31 -14.54
C SER E 345 42.55 -18.31 -14.44
N PHE E 346 42.65 -19.02 -13.32
CA PHE E 346 43.75 -19.98 -13.16
C PHE E 346 43.65 -21.10 -14.20
N ILE E 347 42.46 -21.70 -14.36
CA ILE E 347 42.32 -22.71 -15.41
C ILE E 347 42.54 -22.10 -16.80
N ARG E 348 42.02 -20.89 -17.04
CA ARG E 348 42.28 -20.22 -18.31
C ARG E 348 43.76 -19.92 -18.49
N GLY E 349 44.43 -19.47 -17.44
CA GLY E 349 45.77 -18.94 -17.52
C GLY E 349 45.81 -17.47 -17.83
N THR E 350 44.68 -16.88 -18.21
CA THR E 350 44.55 -15.46 -18.47
C THR E 350 43.45 -14.89 -17.58
N LYS E 351 43.55 -13.59 -17.32
CA LYS E 351 42.58 -12.93 -16.45
C LYS E 351 41.20 -12.94 -17.09
N VAL E 352 40.18 -13.24 -16.27
CA VAL E 352 38.79 -13.26 -16.73
C VAL E 352 38.12 -11.99 -16.24
N VAL E 353 37.64 -11.17 -17.19
CA VAL E 353 37.03 -9.89 -16.87
C VAL E 353 35.63 -10.09 -16.32
N PRO E 354 35.29 -9.50 -15.17
CA PRO E 354 33.92 -9.61 -14.66
C PRO E 354 32.94 -8.85 -15.54
N ARG E 355 31.65 -9.13 -15.30
CA ARG E 355 30.60 -8.56 -16.14
C ARG E 355 30.46 -7.05 -15.97
N GLY E 356 31.10 -6.46 -14.96
CA GLY E 356 30.99 -5.02 -14.76
C GLY E 356 31.56 -4.22 -15.91
N LYS E 357 32.70 -4.66 -16.46
CA LYS E 357 33.38 -3.93 -17.52
C LYS E 357 33.51 -4.74 -18.80
N LEU E 358 32.56 -5.63 -19.07
CA LEU E 358 32.55 -6.37 -20.33
C LEU E 358 31.97 -5.50 -21.43
N SER E 359 32.82 -5.08 -22.38
CA SER E 359 32.39 -4.24 -23.49
C SER E 359 31.84 -5.12 -24.61
N THR E 360 30.91 -5.99 -24.23
CA THR E 360 30.27 -6.91 -25.16
C THR E 360 28.79 -6.97 -24.81
N ARG E 361 28.02 -7.66 -25.65
CA ARG E 361 26.58 -7.83 -25.44
C ARG E 361 26.23 -9.32 -25.49
N GLY E 362 24.93 -9.62 -25.52
CA GLY E 362 24.50 -11.00 -25.58
C GLY E 362 24.96 -11.69 -26.85
N VAL E 363 25.17 -13.00 -26.74
CA VAL E 363 25.65 -13.78 -27.88
C VAL E 363 24.61 -13.78 -28.99
N GLN E 364 23.34 -13.96 -28.64
CA GLN E 364 22.27 -13.98 -29.64
C GLN E 364 22.11 -12.60 -30.26
N ILE E 365 21.76 -12.57 -31.55
CA ILE E 365 21.64 -11.35 -32.32
C ILE E 365 20.17 -10.96 -32.41
N ALA E 366 19.89 -9.69 -32.17
CA ALA E 366 18.52 -9.19 -32.24
C ALA E 366 17.99 -9.27 -33.67
N SER E 367 16.66 -9.42 -33.78
CA SER E 367 16.03 -9.60 -35.08
C SER E 367 16.09 -8.35 -35.95
N ASN E 368 16.39 -7.19 -35.40
CA ASN E 368 16.40 -5.94 -36.15
C ASN E 368 17.79 -5.42 -36.48
N GLU E 369 18.84 -6.06 -35.99
CA GLU E 369 20.19 -5.57 -36.20
C GLU E 369 20.60 -5.73 -37.67
N ASN E 370 21.27 -4.71 -38.20
CA ASN E 370 21.70 -4.73 -39.59
C ASN E 370 22.89 -5.67 -39.79
N MET E 371 23.21 -5.93 -41.06
CA MET E 371 24.19 -6.97 -41.37
C MET E 371 25.51 -6.42 -41.91
N GLU E 372 25.54 -5.16 -42.35
CA GLU E 372 26.78 -4.59 -42.88
C GLU E 372 27.82 -4.40 -41.79
N THR E 373 27.39 -4.28 -40.53
CA THR E 373 28.30 -4.05 -39.43
C THR E 373 28.83 -5.35 -38.81
N MET E 374 28.25 -6.49 -39.15
CA MET E 374 28.49 -7.73 -38.42
C MET E 374 29.74 -8.40 -38.98
N GLU E 375 30.60 -8.91 -38.09
CA GLU E 375 31.88 -9.46 -38.53
C GLU E 375 32.17 -10.78 -37.83
N SER E 376 32.64 -11.76 -38.59
CA SER E 376 32.86 -13.10 -38.04
C SER E 376 34.34 -13.35 -37.74
N SER E 377 34.60 -14.00 -36.61
CA SER E 377 35.98 -14.28 -36.20
C SER E 377 36.03 -15.49 -35.28
N THR E 378 37.24 -15.97 -35.05
CA THR E 378 37.47 -17.17 -34.25
C THR E 378 37.22 -16.91 -32.77
N LEU E 379 37.11 -17.99 -32.01
CA LEU E 379 37.00 -17.96 -30.55
C LEU E 379 38.07 -18.83 -29.94
N GLU E 380 38.64 -18.38 -28.84
CA GLU E 380 39.65 -19.15 -28.11
C GLU E 380 38.99 -19.93 -26.98
N LEU E 381 39.21 -21.24 -26.99
CA LEU E 381 38.69 -22.12 -25.94
C LEU E 381 39.78 -22.91 -25.22
N ARG E 382 41.04 -22.76 -25.61
CA ARG E 382 42.13 -23.48 -24.97
C ARG E 382 42.31 -23.03 -23.53
N SER E 383 42.46 -24.01 -22.64
CA SER E 383 42.71 -23.77 -21.22
C SER E 383 43.98 -24.48 -20.81
N ARG E 384 44.76 -23.83 -19.93
CA ARG E 384 46.04 -24.40 -19.53
C ARG E 384 45.86 -25.63 -18.65
N TYR E 385 44.77 -25.68 -17.89
CA TYR E 385 44.56 -26.75 -16.92
C TYR E 385 43.15 -27.32 -17.04
N TRP E 386 42.90 -28.37 -16.25
CA TRP E 386 41.61 -29.05 -16.20
C TRP E 386 41.34 -29.48 -14.77
N ALA E 387 40.06 -29.54 -14.40
CA ALA E 387 39.66 -29.93 -13.06
C ALA E 387 38.35 -30.70 -13.11
N ILE E 388 38.13 -31.54 -12.11
CA ILE E 388 36.91 -32.30 -11.95
C ILE E 388 35.84 -31.36 -11.41
N ARG E 389 34.59 -31.57 -11.82
CA ARG E 389 33.47 -30.74 -11.37
C ARG E 389 32.42 -31.65 -10.75
N THR E 390 32.57 -31.94 -9.46
CA THR E 390 31.66 -32.81 -8.74
C THR E 390 30.45 -32.03 -8.23
N ARG E 391 29.39 -32.77 -7.92
CA ARG E 391 28.17 -32.17 -7.35
C ARG E 391 28.21 -32.21 -5.83
N SER E 392 29.30 -31.71 -5.24
CA SER E 392 29.48 -31.69 -3.79
C SER E 392 29.45 -30.24 -3.31
N GLY E 393 29.52 -30.07 -2.00
CA GLY E 393 29.54 -28.77 -1.38
C GLY E 393 30.88 -28.48 -0.74
N GLY E 394 31.05 -27.25 -0.28
CA GLY E 394 32.28 -26.84 0.37
C GLY E 394 32.55 -27.62 1.64
N ASN E 395 33.83 -27.83 1.96
CA ASN E 395 34.19 -28.57 3.17
C ASN E 395 33.84 -27.80 4.43
N THR E 396 33.50 -26.51 4.30
CA THR E 396 33.19 -25.67 5.44
C THR E 396 31.98 -26.18 6.22
N ASN E 397 31.00 -26.76 5.52
CA ASN E 397 29.85 -27.34 6.23
C ASN E 397 30.28 -28.53 7.07
N GLN E 398 31.19 -29.35 6.54
CA GLN E 398 31.73 -30.46 7.32
C GLN E 398 32.56 -29.96 8.49
N GLN E 399 33.23 -28.81 8.33
CA GLN E 399 33.94 -28.21 9.45
C GLN E 399 32.98 -27.76 10.54
N ARG E 400 31.85 -27.16 10.15
CA ARG E 400 30.85 -26.76 11.14
C ARG E 400 30.25 -27.96 11.84
N ALA E 401 29.94 -29.01 11.09
CA ALA E 401 29.38 -30.24 11.64
C ALA E 401 30.21 -31.42 11.14
N SER E 402 31.03 -31.99 12.02
CA SER E 402 31.95 -33.04 11.62
C SER E 402 31.20 -34.36 11.41
N SER E 403 31.95 -35.38 11.00
CA SER E 403 31.40 -36.70 10.72
C SER E 403 32.24 -37.75 11.44
N GLY E 404 31.76 -38.99 11.40
CA GLY E 404 32.45 -40.09 12.05
C GLY E 404 31.50 -41.15 12.56
N GLN E 405 32.02 -42.06 13.38
CA GLN E 405 31.20 -43.12 13.94
C GLN E 405 30.19 -42.55 14.93
N ILE E 406 29.03 -43.19 14.99
CA ILE E 406 27.95 -42.77 15.86
C ILE E 406 27.62 -43.91 16.83
N SER E 407 28.03 -45.13 16.45
CA SER E 407 27.78 -46.30 17.28
C SER E 407 28.89 -47.31 17.02
N ILE E 408 28.78 -48.46 17.68
CA ILE E 408 29.77 -49.52 17.57
C ILE E 408 29.07 -50.82 17.20
N GLN E 409 29.80 -51.70 16.52
CA GLN E 409 29.29 -53.01 16.14
C GLN E 409 30.03 -54.08 16.91
N PRO E 410 29.36 -54.86 17.76
CA PRO E 410 30.06 -55.89 18.54
C PRO E 410 30.65 -56.96 17.64
N THR E 411 31.92 -57.29 17.90
CA THR E 411 32.64 -58.31 17.16
C THR E 411 33.01 -59.51 18.02
N PHE E 412 33.64 -59.28 19.17
CA PHE E 412 34.01 -60.35 20.08
C PHE E 412 32.96 -60.51 21.17
N SER E 413 32.79 -61.75 21.61
CA SER E 413 31.81 -62.08 22.66
C SER E 413 32.45 -61.82 24.01
N VAL E 414 32.48 -60.55 24.41
CA VAL E 414 33.05 -60.14 25.69
C VAL E 414 32.03 -59.31 26.43
N GLN E 415 31.83 -59.61 27.72
CA GLN E 415 30.90 -58.85 28.53
C GLN E 415 31.36 -57.41 28.65
N ARG E 416 30.62 -56.50 28.02
CA ARG E 416 30.98 -55.09 27.99
C ARG E 416 29.76 -54.27 27.61
N ASN E 417 29.83 -52.98 27.90
CA ASN E 417 28.79 -52.05 27.48
C ASN E 417 28.97 -51.69 26.01
N LEU E 418 27.86 -51.32 25.37
CA LEU E 418 27.90 -50.93 23.97
C LEU E 418 27.75 -49.41 23.88
N PRO E 419 28.83 -48.69 23.60
CA PRO E 419 28.75 -47.23 23.52
C PRO E 419 27.84 -46.76 22.38
N PHE E 420 27.12 -45.68 22.64
CA PHE E 420 26.26 -45.06 21.63
C PHE E 420 26.01 -43.62 22.06
N ASP E 421 26.05 -42.70 21.08
CA ASP E 421 25.91 -41.29 21.38
C ASP E 421 24.43 -40.91 21.41
N ARG E 422 23.87 -40.80 22.61
CA ARG E 422 22.48 -40.39 22.80
C ARG E 422 22.20 -38.97 22.30
N PRO E 423 23.02 -37.96 22.65
CA PRO E 423 22.71 -36.60 22.20
C PRO E 423 22.77 -36.40 20.69
N THR E 424 23.40 -37.32 19.95
CA THR E 424 23.42 -37.26 18.50
C THR E 424 22.32 -38.11 17.86
N ILE E 425 22.05 -39.29 18.42
CA ILE E 425 20.99 -40.15 17.90
C ILE E 425 19.64 -39.49 18.11
N MET E 426 19.42 -38.93 19.31
CA MET E 426 18.15 -38.25 19.59
C MET E 426 17.97 -37.04 18.68
N ALA E 427 19.06 -36.30 18.44
CA ALA E 427 18.98 -35.15 17.54
C ALA E 427 18.71 -35.58 16.10
N ALA E 428 19.24 -36.73 15.68
CA ALA E 428 18.98 -37.22 14.34
C ALA E 428 17.52 -37.55 14.14
N PHE E 429 16.90 -38.20 15.11
CA PHE E 429 15.47 -38.54 15.03
C PHE E 429 14.56 -37.41 15.49
N THR E 430 15.11 -36.38 16.14
CA THR E 430 14.34 -35.25 16.66
C THR E 430 13.19 -35.74 17.54
N GLY E 431 13.55 -36.30 18.68
CA GLY E 431 12.59 -36.82 19.64
C GLY E 431 11.50 -35.82 19.98
N ASN E 432 11.89 -34.59 20.29
CA ASN E 432 10.97 -33.47 20.41
C ASN E 432 10.93 -32.77 19.05
N THR E 433 9.92 -33.08 18.25
CA THR E 433 9.83 -32.56 16.89
C THR E 433 9.71 -31.05 16.90
N GLU E 434 10.33 -30.41 15.92
CA GLU E 434 10.29 -28.95 15.81
C GLU E 434 8.86 -28.48 15.60
N GLY E 435 8.53 -27.34 16.21
CA GLY E 435 7.19 -26.80 16.14
C GLY E 435 6.91 -26.00 14.89
N ARG E 436 7.83 -25.10 14.53
CA ARG E 436 7.65 -24.21 13.40
C ARG E 436 8.99 -24.05 12.69
N THR E 437 9.07 -23.03 11.85
CA THR E 437 10.29 -22.79 11.09
C THR E 437 11.30 -21.94 11.87
N SER E 438 10.80 -21.06 12.75
CA SER E 438 11.67 -20.11 13.42
C SER E 438 12.64 -20.80 14.38
N ASP E 439 12.20 -21.87 15.03
CA ASP E 439 13.08 -22.58 15.96
C ASP E 439 14.30 -23.12 15.22
N MET E 440 14.11 -23.62 14.00
CA MET E 440 15.24 -24.03 13.18
C MET E 440 15.96 -22.84 12.57
N ARG E 441 15.26 -21.72 12.39
CA ARG E 441 15.94 -20.50 11.96
C ARG E 441 16.99 -20.08 12.98
N THR E 442 16.75 -20.42 14.25
CA THR E 442 17.75 -20.14 15.28
C THR E 442 19.07 -20.86 15.01
N GLU E 443 19.00 -22.16 14.70
CA GLU E 443 20.22 -22.88 14.32
C GLU E 443 20.78 -22.38 12.99
N ILE E 444 19.89 -21.93 12.09
CA ILE E 444 20.38 -21.28 10.87
C ILE E 444 21.28 -20.10 11.23
N ILE E 445 20.81 -19.24 12.14
CA ILE E 445 21.57 -18.04 12.50
C ILE E 445 22.87 -18.42 13.18
N ARG E 446 22.84 -19.42 14.08
CA ARG E 446 24.08 -19.77 14.77
C ARG E 446 25.09 -20.42 13.82
N LEU E 447 24.63 -21.22 12.85
CA LEU E 447 25.52 -21.74 11.83
C LEU E 447 26.09 -20.62 10.96
N MET E 448 25.27 -19.63 10.62
CA MET E 448 25.77 -18.51 9.83
C MET E 448 26.84 -17.75 10.59
N GLU E 449 26.64 -17.55 11.89
CA GLU E 449 27.65 -16.91 12.72
C GLU E 449 28.91 -17.76 12.81
N SER E 450 28.76 -19.08 12.87
CA SER E 450 29.94 -19.95 12.90
C SER E 450 30.68 -19.91 11.57
N ALA E 451 29.96 -19.65 10.48
CA ALA E 451 30.59 -19.61 9.16
C ALA E 451 31.55 -18.42 9.06
N ARG E 452 32.64 -18.64 8.32
CA ARG E 452 33.66 -17.61 8.14
C ARG E 452 34.04 -17.48 6.67
N PRO E 453 34.48 -16.30 6.23
CA PRO E 453 34.91 -16.16 4.83
C PRO E 453 36.34 -16.65 4.63
N GLU E 454 36.86 -17.42 5.60
CA GLU E 454 38.23 -17.91 5.55
C GLU E 454 38.31 -19.42 5.36
N ASP E 455 37.26 -20.16 5.72
CA ASP E 455 37.26 -21.62 5.70
C ASP E 455 37.58 -22.14 4.30
N VAL E 456 38.71 -22.84 4.18
CA VAL E 456 39.09 -23.44 2.91
C VAL E 456 38.31 -24.73 2.69
N SER E 457 37.90 -24.97 1.44
CA SER E 457 37.05 -26.10 1.09
C SER E 457 37.79 -27.01 0.13
N PHE E 458 37.14 -28.14 -0.21
CA PHE E 458 37.64 -29.09 -1.20
C PHE E 458 39.03 -29.62 -0.85
N GLN E 459 39.19 -30.07 0.40
CA GLN E 459 40.46 -30.66 0.82
C GLN E 459 40.68 -32.00 0.11
N GLY E 460 41.93 -32.25 -0.25
CA GLY E 460 42.31 -33.50 -0.90
C GLY E 460 42.14 -33.53 -2.40
N ARG E 461 41.70 -32.43 -3.01
CA ARG E 461 41.52 -32.35 -4.46
C ARG E 461 42.25 -31.12 -4.98
N GLY E 462 42.70 -31.16 -6.24
CA GLY E 462 43.46 -30.08 -6.80
C GLY E 462 43.27 -29.96 -8.31
N VAL E 463 43.91 -28.92 -8.86
CA VAL E 463 43.88 -28.64 -10.29
C VAL E 463 44.93 -29.49 -10.98
N PHE E 464 44.62 -30.01 -12.16
CA PHE E 464 45.46 -30.97 -12.84
C PHE E 464 45.97 -30.39 -14.15
N GLU E 465 47.02 -31.01 -14.67
CA GLU E 465 47.58 -30.62 -15.96
C GLU E 465 46.93 -31.42 -17.09
N LEU E 466 47.04 -30.88 -18.31
CA LEU E 466 46.41 -31.50 -19.47
C LEU E 466 47.07 -32.83 -19.83
N SER E 467 48.39 -32.92 -19.68
CA SER E 467 49.11 -34.10 -20.16
C SER E 467 48.77 -35.37 -19.39
N ASP E 468 48.19 -35.25 -18.20
CA ASP E 468 47.85 -36.41 -17.38
C ASP E 468 46.44 -36.86 -17.72
N GLU E 469 46.22 -38.18 -17.72
CA GLU E 469 44.94 -38.75 -18.11
C GLU E 469 44.24 -39.50 -16.99
N LYS E 470 44.98 -39.97 -15.97
CA LYS E 470 44.43 -40.84 -14.95
C LYS E 470 44.41 -40.19 -13.57
N ALA E 471 44.50 -38.86 -13.49
CA ALA E 471 44.43 -38.12 -12.22
C ALA E 471 45.52 -38.60 -11.26
N THR E 472 46.77 -38.38 -11.67
CA THR E 472 47.93 -38.85 -10.93
C THR E 472 48.42 -37.84 -9.89
N SER E 473 48.83 -36.64 -10.33
CA SER E 473 49.42 -35.68 -9.42
C SER E 473 48.96 -34.26 -9.73
N PRO E 474 48.29 -33.58 -8.79
CA PRO E 474 47.86 -32.21 -9.04
C PRO E 474 48.86 -31.17 -8.55
N ILE E 475 48.58 -29.90 -8.82
CA ILE E 475 49.36 -28.77 -8.32
C ILE E 475 48.42 -27.89 -7.51
N VAL E 476 48.85 -27.49 -6.33
CA VAL E 476 48.00 -26.70 -5.43
C VAL E 476 48.10 -25.23 -5.80
N PRO E 477 47.00 -24.60 -6.20
CA PRO E 477 47.04 -23.16 -6.48
C PRO E 477 47.05 -22.33 -5.20
N SER E 478 47.51 -21.09 -5.33
CA SER E 478 47.62 -20.19 -4.19
C SER E 478 47.57 -18.75 -4.72
N PHE E 479 46.52 -18.01 -4.34
CA PHE E 479 46.33 -16.63 -4.76
C PHE E 479 46.50 -15.71 -3.56
N ASP E 480 47.36 -14.71 -3.71
CA ASP E 480 47.52 -13.63 -2.74
C ASP E 480 47.32 -12.26 -3.39
N MET E 481 46.56 -12.21 -4.48
CA MET E 481 46.41 -10.99 -5.27
C MET E 481 45.29 -10.11 -4.73
N SER E 482 45.43 -9.73 -3.46
CA SER E 482 44.54 -8.77 -2.79
C SER E 482 43.06 -9.08 -2.99
N ASN E 483 42.32 -8.12 -3.53
CA ASN E 483 40.87 -8.21 -3.65
C ASN E 483 40.40 -7.90 -5.07
N GLU E 484 41.00 -8.57 -6.06
CA GLU E 484 40.65 -8.37 -7.46
C GLU E 484 39.15 -8.45 -7.71
N GLY E 485 38.44 -9.20 -6.86
CA GLY E 485 37.00 -9.29 -6.96
C GLY E 485 36.50 -10.65 -7.40
N SER E 486 36.05 -11.45 -6.43
CA SER E 486 35.47 -12.75 -6.69
C SER E 486 33.95 -12.69 -6.85
N TYR E 487 33.46 -11.82 -7.73
CA TYR E 487 32.02 -11.56 -7.86
C TYR E 487 31.76 -11.16 -9.32
N PHE E 488 31.11 -12.06 -10.07
CA PHE E 488 30.87 -11.83 -11.48
C PHE E 488 29.91 -10.68 -11.73
N PHE E 489 28.91 -10.51 -10.88
CA PHE E 489 27.96 -9.40 -10.98
C PHE E 489 28.27 -8.35 -9.91
N GLY E 490 28.34 -7.10 -10.35
CA GLY E 490 28.63 -6.01 -9.43
C GLY E 490 30.11 -5.76 -9.23
#